data_2DG7
# 
_entry.id   2DG7 
# 
_audit_conform.dict_name       mmcif_pdbx.dic 
_audit_conform.dict_version    5.397 
_audit_conform.dict_location   http://mmcif.pdb.org/dictionaries/ascii/mmcif_pdbx.dic 
# 
loop_
_database_2.database_id 
_database_2.database_code 
_database_2.pdbx_database_accession 
_database_2.pdbx_DOI 
PDB   2DG7         pdb_00002dg7 10.2210/pdb2dg7/pdb 
RCSB  RCSB025380   ?            ?                   
WWPDB D_1000025380 ?            ?                   
# 
loop_
_pdbx_audit_revision_history.ordinal 
_pdbx_audit_revision_history.data_content_type 
_pdbx_audit_revision_history.major_revision 
_pdbx_audit_revision_history.minor_revision 
_pdbx_audit_revision_history.revision_date 
1 'Structure model' 1 0 2007-03-13 
2 'Structure model' 1 1 2008-04-30 
3 'Structure model' 1 2 2011-07-13 
4 'Structure model' 1 3 2024-10-23 
# 
_pdbx_audit_revision_details.ordinal             1 
_pdbx_audit_revision_details.revision_ordinal    1 
_pdbx_audit_revision_details.data_content_type   'Structure model' 
_pdbx_audit_revision_details.provider            repository 
_pdbx_audit_revision_details.type                'Initial release' 
_pdbx_audit_revision_details.description         ? 
_pdbx_audit_revision_details.details             ? 
# 
loop_
_pdbx_audit_revision_group.ordinal 
_pdbx_audit_revision_group.revision_ordinal 
_pdbx_audit_revision_group.data_content_type 
_pdbx_audit_revision_group.group 
1 2 'Structure model' 'Version format compliance' 
2 3 'Structure model' 'Derived calculations'      
3 3 'Structure model' 'Source and taxonomy'       
4 3 'Structure model' 'Version format compliance' 
5 4 'Structure model' 'Data collection'           
6 4 'Structure model' 'Database references'       
7 4 'Structure model' 'Derived calculations'      
8 4 'Structure model' 'Structure summary'         
# 
loop_
_pdbx_audit_revision_category.ordinal 
_pdbx_audit_revision_category.revision_ordinal 
_pdbx_audit_revision_category.data_content_type 
_pdbx_audit_revision_category.category 
1 4 'Structure model' chem_comp_atom            
2 4 'Structure model' chem_comp_bond            
3 4 'Structure model' database_2                
4 4 'Structure model' pdbx_entry_details        
5 4 'Structure model' pdbx_modification_feature 
6 4 'Structure model' struct_conn               
7 4 'Structure model' struct_ref_seq_dif        
# 
loop_
_pdbx_audit_revision_item.ordinal 
_pdbx_audit_revision_item.revision_ordinal 
_pdbx_audit_revision_item.data_content_type 
_pdbx_audit_revision_item.item 
1 4 'Structure model' '_database_2.pdbx_DOI'                
2 4 'Structure model' '_database_2.pdbx_database_accession' 
3 4 'Structure model' '_struct_conn.pdbx_leaving_atom_flag' 
4 4 'Structure model' '_struct_ref_seq_dif.details'         
# 
_pdbx_database_status.status_code                     REL 
_pdbx_database_status.entry_id                        2DG7 
_pdbx_database_status.recvd_initial_deposition_date   2006-03-08 
_pdbx_database_status.deposit_site                    PDBJ 
_pdbx_database_status.process_site                    PDBJ 
_pdbx_database_status.status_code_sf                  REL 
_pdbx_database_status.status_code_mr                  ? 
_pdbx_database_status.SG_entry                        ? 
_pdbx_database_status.pdb_format_compatible           Y 
_pdbx_database_status.status_code_cs                  ? 
_pdbx_database_status.status_code_nmr_data            ? 
_pdbx_database_status.methods_development_category    ? 
# 
_pdbx_database_related.db_name        PDB 
_pdbx_database_related.db_id          1QPI 
_pdbx_database_related.details        'A protein structure which is categorized into the same family' 
_pdbx_database_related.content_type   unspecified 
# 
loop_
_audit_author.name 
_audit_author.pdbx_ordinal 
'Hayashi, T.' 1 
'Tanaka, Y.'  2 
'Sakai, N.'   3 
'Yao, M.'     4 
'Tamura, T.'  5 
'Tanaka, I.'  6 
# 
_citation.id                        primary 
_citation.title                     
'Crystal structure of the putative transcriptional regulator SCO0337 from Streptomyces coelicolor A3(2)' 
_citation.journal_abbrev            'To be Published' 
_citation.journal_volume            ? 
_citation.page_first                ? 
_citation.page_last                 ? 
_citation.year                      ? 
_citation.journal_id_ASTM           ? 
_citation.country                   ? 
_citation.journal_id_ISSN           ? 
_citation.journal_id_CSD            0353 
_citation.book_publisher            ? 
_citation.pdbx_database_id_PubMed   ? 
_citation.pdbx_database_id_DOI      ? 
# 
loop_
_citation_author.citation_id 
_citation_author.name 
_citation_author.ordinal 
_citation_author.identifier_ORCID 
primary 'Hayashi, T.' 1 ? 
primary 'Tanaka, Y.'  2 ? 
primary 'Sakai, N.'   3 ? 
primary 'Yao, M.'     4 ? 
primary 'Tamura, T.'  5 ? 
primary 'Tanaka, I.'  6 ? 
# 
loop_
_entity.id 
_entity.type 
_entity.src_method 
_entity.pdbx_description 
_entity.formula_weight 
_entity.pdbx_number_of_molecules 
_entity.pdbx_ec 
_entity.pdbx_mutation 
_entity.pdbx_fragment 
_entity.details 
1 polymer man 'putative transcriptional regulator' 21442.734 1  ? ? ? ? 
2 water   nat water                                18.015    55 ? ? ? ? 
# 
_entity_poly.entity_id                      1 
_entity_poly.type                           'polypeptide(L)' 
_entity_poly.nstd_linkage                   no 
_entity_poly.nstd_monomer                   yes 
_entity_poly.pdbx_seq_one_letter_code       
;(MSE)ARWDPGAEQRLKRAALELYSEHGYDNVTVTDIAERAGLTRRSYFRYFPDKREVLFGGSELLPPAVARAVLAADPG
AAPLTAVLDA(MSE)SQVGAQLVAQVEGAAQRRAVIDASPELQERERTKSAAISRAVQDALVRRQVDADTAELVAQLATV
AFGSAFRRWIDAEGHADFGSCLDTVTDRLRAVLTGLEHHHHHH
;
_entity_poly.pdbx_seq_one_letter_code_can   
;MARWDPGAEQRLKRAALELYSEHGYDNVTVTDIAERAGLTRRSYFRYFPDKREVLFGGSELLPPAVARAVLAADPGAAPL
TAVLDAMSQVGAQLVAQVEGAAQRRAVIDASPELQERERTKSAAISRAVQDALVRRQVDADTAELVAQLATVAFGSAFRR
WIDAEGHADFGSCLDTVTDRLRAVLTGLEHHHHHH
;
_entity_poly.pdbx_strand_id                 A 
_entity_poly.pdbx_target_identifier         ? 
# 
_pdbx_entity_nonpoly.entity_id   2 
_pdbx_entity_nonpoly.name        water 
_pdbx_entity_nonpoly.comp_id     HOH 
# 
loop_
_entity_poly_seq.entity_id 
_entity_poly_seq.num 
_entity_poly_seq.mon_id 
_entity_poly_seq.hetero 
1 1   MSE n 
1 2   ALA n 
1 3   ARG n 
1 4   TRP n 
1 5   ASP n 
1 6   PRO n 
1 7   GLY n 
1 8   ALA n 
1 9   GLU n 
1 10  GLN n 
1 11  ARG n 
1 12  LEU n 
1 13  LYS n 
1 14  ARG n 
1 15  ALA n 
1 16  ALA n 
1 17  LEU n 
1 18  GLU n 
1 19  LEU n 
1 20  TYR n 
1 21  SER n 
1 22  GLU n 
1 23  HIS n 
1 24  GLY n 
1 25  TYR n 
1 26  ASP n 
1 27  ASN n 
1 28  VAL n 
1 29  THR n 
1 30  VAL n 
1 31  THR n 
1 32  ASP n 
1 33  ILE n 
1 34  ALA n 
1 35  GLU n 
1 36  ARG n 
1 37  ALA n 
1 38  GLY n 
1 39  LEU n 
1 40  THR n 
1 41  ARG n 
1 42  ARG n 
1 43  SER n 
1 44  TYR n 
1 45  PHE n 
1 46  ARG n 
1 47  TYR n 
1 48  PHE n 
1 49  PRO n 
1 50  ASP n 
1 51  LYS n 
1 52  ARG n 
1 53  GLU n 
1 54  VAL n 
1 55  LEU n 
1 56  PHE n 
1 57  GLY n 
1 58  GLY n 
1 59  SER n 
1 60  GLU n 
1 61  LEU n 
1 62  LEU n 
1 63  PRO n 
1 64  PRO n 
1 65  ALA n 
1 66  VAL n 
1 67  ALA n 
1 68  ARG n 
1 69  ALA n 
1 70  VAL n 
1 71  LEU n 
1 72  ALA n 
1 73  ALA n 
1 74  ASP n 
1 75  PRO n 
1 76  GLY n 
1 77  ALA n 
1 78  ALA n 
1 79  PRO n 
1 80  LEU n 
1 81  THR n 
1 82  ALA n 
1 83  VAL n 
1 84  LEU n 
1 85  ASP n 
1 86  ALA n 
1 87  MSE n 
1 88  SER n 
1 89  GLN n 
1 90  VAL n 
1 91  GLY n 
1 92  ALA n 
1 93  GLN n 
1 94  LEU n 
1 95  VAL n 
1 96  ALA n 
1 97  GLN n 
1 98  VAL n 
1 99  GLU n 
1 100 GLY n 
1 101 ALA n 
1 102 ALA n 
1 103 GLN n 
1 104 ARG n 
1 105 ARG n 
1 106 ALA n 
1 107 VAL n 
1 108 ILE n 
1 109 ASP n 
1 110 ALA n 
1 111 SER n 
1 112 PRO n 
1 113 GLU n 
1 114 LEU n 
1 115 GLN n 
1 116 GLU n 
1 117 ARG n 
1 118 GLU n 
1 119 ARG n 
1 120 THR n 
1 121 LYS n 
1 122 SER n 
1 123 ALA n 
1 124 ALA n 
1 125 ILE n 
1 126 SER n 
1 127 ARG n 
1 128 ALA n 
1 129 VAL n 
1 130 GLN n 
1 131 ASP n 
1 132 ALA n 
1 133 LEU n 
1 134 VAL n 
1 135 ARG n 
1 136 ARG n 
1 137 GLN n 
1 138 VAL n 
1 139 ASP n 
1 140 ALA n 
1 141 ASP n 
1 142 THR n 
1 143 ALA n 
1 144 GLU n 
1 145 LEU n 
1 146 VAL n 
1 147 ALA n 
1 148 GLN n 
1 149 LEU n 
1 150 ALA n 
1 151 THR n 
1 152 VAL n 
1 153 ALA n 
1 154 PHE n 
1 155 GLY n 
1 156 SER n 
1 157 ALA n 
1 158 PHE n 
1 159 ARG n 
1 160 ARG n 
1 161 TRP n 
1 162 ILE n 
1 163 ASP n 
1 164 ALA n 
1 165 GLU n 
1 166 GLY n 
1 167 HIS n 
1 168 ALA n 
1 169 ASP n 
1 170 PHE n 
1 171 GLY n 
1 172 SER n 
1 173 CYS n 
1 174 LEU n 
1 175 ASP n 
1 176 THR n 
1 177 VAL n 
1 178 THR n 
1 179 ASP n 
1 180 ARG n 
1 181 LEU n 
1 182 ARG n 
1 183 ALA n 
1 184 VAL n 
1 185 LEU n 
1 186 THR n 
1 187 GLY n 
1 188 LEU n 
1 189 GLU n 
1 190 HIS n 
1 191 HIS n 
1 192 HIS n 
1 193 HIS n 
1 194 HIS n 
1 195 HIS n 
# 
_entity_src_gen.entity_id                          1 
_entity_src_gen.pdbx_src_id                        1 
_entity_src_gen.pdbx_alt_source_flag               sample 
_entity_src_gen.pdbx_seq_type                      ? 
_entity_src_gen.pdbx_beg_seq_num                   ? 
_entity_src_gen.pdbx_end_seq_num                   ? 
_entity_src_gen.gene_src_common_name               ? 
_entity_src_gen.gene_src_genus                     Streptomyces 
_entity_src_gen.pdbx_gene_src_gene                 ? 
_entity_src_gen.gene_src_species                   'Streptomyces coelicolor' 
_entity_src_gen.gene_src_strain                    'A3(2)' 
_entity_src_gen.gene_src_tissue                    ? 
_entity_src_gen.gene_src_tissue_fraction           ? 
_entity_src_gen.gene_src_details                   ? 
_entity_src_gen.pdbx_gene_src_fragment             ? 
_entity_src_gen.pdbx_gene_src_scientific_name      'Streptomyces coelicolor' 
_entity_src_gen.pdbx_gene_src_ncbi_taxonomy_id     100226 
_entity_src_gen.pdbx_gene_src_variant              ? 
_entity_src_gen.pdbx_gene_src_cell_line            ? 
_entity_src_gen.pdbx_gene_src_atcc                 ? 
_entity_src_gen.pdbx_gene_src_organ                ? 
_entity_src_gen.pdbx_gene_src_organelle            ? 
_entity_src_gen.pdbx_gene_src_cell                 ? 
_entity_src_gen.pdbx_gene_src_cellular_location    ? 
_entity_src_gen.host_org_common_name               ? 
_entity_src_gen.pdbx_host_org_scientific_name      'Rhodococcus erythropolis' 
_entity_src_gen.pdbx_host_org_ncbi_taxonomy_id     1833 
_entity_src_gen.host_org_genus                     Rhodococcus 
_entity_src_gen.pdbx_host_org_gene                 ? 
_entity_src_gen.pdbx_host_org_organ                ? 
_entity_src_gen.host_org_species                   ? 
_entity_src_gen.pdbx_host_org_tissue               ? 
_entity_src_gen.pdbx_host_org_tissue_fraction      ? 
_entity_src_gen.pdbx_host_org_strain               L-88 
_entity_src_gen.pdbx_host_org_variant              ? 
_entity_src_gen.pdbx_host_org_cell_line            ? 
_entity_src_gen.pdbx_host_org_atcc                 ? 
_entity_src_gen.pdbx_host_org_culture_collection   ? 
_entity_src_gen.pdbx_host_org_cell                 ? 
_entity_src_gen.pdbx_host_org_organelle            ? 
_entity_src_gen.pdbx_host_org_cellular_location    ? 
_entity_src_gen.pdbx_host_org_vector_type          plasmid 
_entity_src_gen.pdbx_host_org_vector               ? 
_entity_src_gen.host_org_details                   ? 
_entity_src_gen.expression_system_id               ? 
_entity_src_gen.plasmid_name                       pTip-QC2 
_entity_src_gen.plasmid_details                    ? 
_entity_src_gen.pdbx_description                   ? 
# 
loop_
_chem_comp.id 
_chem_comp.type 
_chem_comp.mon_nstd_flag 
_chem_comp.name 
_chem_comp.pdbx_synonyms 
_chem_comp.formula 
_chem_comp.formula_weight 
ALA 'L-peptide linking' y ALANINE          ? 'C3 H7 N O2'     89.093  
ARG 'L-peptide linking' y ARGININE         ? 'C6 H15 N4 O2 1' 175.209 
ASN 'L-peptide linking' y ASPARAGINE       ? 'C4 H8 N2 O3'    132.118 
ASP 'L-peptide linking' y 'ASPARTIC ACID'  ? 'C4 H7 N O4'     133.103 
CYS 'L-peptide linking' y CYSTEINE         ? 'C3 H7 N O2 S'   121.158 
GLN 'L-peptide linking' y GLUTAMINE        ? 'C5 H10 N2 O3'   146.144 
GLU 'L-peptide linking' y 'GLUTAMIC ACID'  ? 'C5 H9 N O4'     147.129 
GLY 'peptide linking'   y GLYCINE          ? 'C2 H5 N O2'     75.067  
HIS 'L-peptide linking' y HISTIDINE        ? 'C6 H10 N3 O2 1' 156.162 
HOH non-polymer         . WATER            ? 'H2 O'           18.015  
ILE 'L-peptide linking' y ISOLEUCINE       ? 'C6 H13 N O2'    131.173 
LEU 'L-peptide linking' y LEUCINE          ? 'C6 H13 N O2'    131.173 
LYS 'L-peptide linking' y LYSINE           ? 'C6 H15 N2 O2 1' 147.195 
MET 'L-peptide linking' y METHIONINE       ? 'C5 H11 N O2 S'  149.211 
MSE 'L-peptide linking' n SELENOMETHIONINE ? 'C5 H11 N O2 Se' 196.106 
PHE 'L-peptide linking' y PHENYLALANINE    ? 'C9 H11 N O2'    165.189 
PRO 'L-peptide linking' y PROLINE          ? 'C5 H9 N O2'     115.130 
SER 'L-peptide linking' y SERINE           ? 'C3 H7 N O3'     105.093 
THR 'L-peptide linking' y THREONINE        ? 'C4 H9 N O3'     119.119 
TRP 'L-peptide linking' y TRYPTOPHAN       ? 'C11 H12 N2 O2'  204.225 
TYR 'L-peptide linking' y TYROSINE         ? 'C9 H11 N O3'    181.189 
VAL 'L-peptide linking' y VALINE           ? 'C5 H11 N O2'    117.146 
# 
loop_
_pdbx_poly_seq_scheme.asym_id 
_pdbx_poly_seq_scheme.entity_id 
_pdbx_poly_seq_scheme.seq_id 
_pdbx_poly_seq_scheme.mon_id 
_pdbx_poly_seq_scheme.ndb_seq_num 
_pdbx_poly_seq_scheme.pdb_seq_num 
_pdbx_poly_seq_scheme.auth_seq_num 
_pdbx_poly_seq_scheme.pdb_mon_id 
_pdbx_poly_seq_scheme.auth_mon_id 
_pdbx_poly_seq_scheme.pdb_strand_id 
_pdbx_poly_seq_scheme.pdb_ins_code 
_pdbx_poly_seq_scheme.hetero 
A 1 1   MSE 1   1   1   MSE MSE A . n 
A 1 2   ALA 2   2   2   ALA ALA A . n 
A 1 3   ARG 3   3   3   ARG ARG A . n 
A 1 4   TRP 4   4   4   TRP TRP A . n 
A 1 5   ASP 5   5   5   ASP ASP A . n 
A 1 6   PRO 6   6   6   PRO PRO A . n 
A 1 7   GLY 7   7   7   GLY GLY A . n 
A 1 8   ALA 8   8   8   ALA ALA A . n 
A 1 9   GLU 9   9   9   GLU GLU A . n 
A 1 10  GLN 10  10  10  GLN GLN A . n 
A 1 11  ARG 11  11  11  ARG ARG A . n 
A 1 12  LEU 12  12  12  LEU LEU A . n 
A 1 13  LYS 13  13  13  LYS LYS A . n 
A 1 14  ARG 14  14  14  ARG ARG A . n 
A 1 15  ALA 15  15  15  ALA ALA A . n 
A 1 16  ALA 16  16  16  ALA ALA A . n 
A 1 17  LEU 17  17  17  LEU LEU A . n 
A 1 18  GLU 18  18  18  GLU GLU A . n 
A 1 19  LEU 19  19  19  LEU LEU A . n 
A 1 20  TYR 20  20  20  TYR TYR A . n 
A 1 21  SER 21  21  21  SER SER A . n 
A 1 22  GLU 22  22  22  GLU GLU A . n 
A 1 23  HIS 23  23  23  HIS HIS A . n 
A 1 24  GLY 24  24  24  GLY GLY A . n 
A 1 25  TYR 25  25  25  TYR TYR A . n 
A 1 26  ASP 26  26  26  ASP ASP A . n 
A 1 27  ASN 27  27  27  ASN ASN A . n 
A 1 28  VAL 28  28  28  VAL VAL A . n 
A 1 29  THR 29  29  29  THR THR A . n 
A 1 30  VAL 30  30  30  VAL VAL A . n 
A 1 31  THR 31  31  31  THR THR A . n 
A 1 32  ASP 32  32  32  ASP ASP A . n 
A 1 33  ILE 33  33  33  ILE ILE A . n 
A 1 34  ALA 34  34  34  ALA ALA A . n 
A 1 35  GLU 35  35  35  GLU GLU A . n 
A 1 36  ARG 36  36  36  ARG ARG A . n 
A 1 37  ALA 37  37  37  ALA ALA A . n 
A 1 38  GLY 38  38  38  GLY GLY A . n 
A 1 39  LEU 39  39  39  LEU LEU A . n 
A 1 40  THR 40  40  40  THR THR A . n 
A 1 41  ARG 41  41  41  ARG ARG A . n 
A 1 42  ARG 42  42  42  ARG ARG A . n 
A 1 43  SER 43  43  43  SER SER A . n 
A 1 44  TYR 44  44  44  TYR TYR A . n 
A 1 45  PHE 45  45  45  PHE PHE A . n 
A 1 46  ARG 46  46  46  ARG ARG A . n 
A 1 47  TYR 47  47  47  TYR TYR A . n 
A 1 48  PHE 48  48  48  PHE PHE A . n 
A 1 49  PRO 49  49  49  PRO PRO A . n 
A 1 50  ASP 50  50  50  ASP ASP A . n 
A 1 51  LYS 51  51  51  LYS LYS A . n 
A 1 52  ARG 52  52  52  ARG ARG A . n 
A 1 53  GLU 53  53  53  GLU GLU A . n 
A 1 54  VAL 54  54  54  VAL VAL A . n 
A 1 55  LEU 55  55  55  LEU LEU A . n 
A 1 56  PHE 56  56  56  PHE PHE A . n 
A 1 57  GLY 57  57  57  GLY GLY A . n 
A 1 58  GLY 58  58  58  GLY GLY A . n 
A 1 59  SER 59  59  59  SER SER A . n 
A 1 60  GLU 60  60  60  GLU GLU A . n 
A 1 61  LEU 61  61  61  LEU LEU A . n 
A 1 62  LEU 62  62  62  LEU LEU A . n 
A 1 63  PRO 63  63  63  PRO PRO A . n 
A 1 64  PRO 64  64  64  PRO PRO A . n 
A 1 65  ALA 65  65  65  ALA ALA A . n 
A 1 66  VAL 66  66  66  VAL VAL A . n 
A 1 67  ALA 67  67  67  ALA ALA A . n 
A 1 68  ARG 68  68  68  ARG ARG A . n 
A 1 69  ALA 69  69  69  ALA ALA A . n 
A 1 70  VAL 70  70  70  VAL VAL A . n 
A 1 71  LEU 71  71  71  LEU LEU A . n 
A 1 72  ALA 72  72  72  ALA ALA A . n 
A 1 73  ALA 73  73  73  ALA ALA A . n 
A 1 74  ASP 74  74  74  ASP ASP A . n 
A 1 75  PRO 75  75  75  PRO PRO A . n 
A 1 76  GLY 76  76  76  GLY GLY A . n 
A 1 77  ALA 77  77  77  ALA ALA A . n 
A 1 78  ALA 78  78  78  ALA ALA A . n 
A 1 79  PRO 79  79  79  PRO PRO A . n 
A 1 80  LEU 80  80  80  LEU LEU A . n 
A 1 81  THR 81  81  81  THR THR A . n 
A 1 82  ALA 82  82  82  ALA ALA A . n 
A 1 83  VAL 83  83  83  VAL VAL A . n 
A 1 84  LEU 84  84  84  LEU LEU A . n 
A 1 85  ASP 85  85  85  ASP ASP A . n 
A 1 86  ALA 86  86  86  ALA ALA A . n 
A 1 87  MSE 87  87  87  MSE MSE A . n 
A 1 88  SER 88  88  88  SER SER A . n 
A 1 89  GLN 89  89  89  GLN GLN A . n 
A 1 90  VAL 90  90  90  VAL VAL A . n 
A 1 91  GLY 91  91  91  GLY GLY A . n 
A 1 92  ALA 92  92  92  ALA ALA A . n 
A 1 93  GLN 93  93  93  GLN GLN A . n 
A 1 94  LEU 94  94  94  LEU LEU A . n 
A 1 95  VAL 95  95  95  VAL VAL A . n 
A 1 96  ALA 96  96  96  ALA ALA A . n 
A 1 97  GLN 97  97  97  GLN GLN A . n 
A 1 98  VAL 98  98  98  VAL VAL A . n 
A 1 99  GLU 99  99  99  GLU GLU A . n 
A 1 100 GLY 100 100 100 GLY GLY A . n 
A 1 101 ALA 101 101 101 ALA ALA A . n 
A 1 102 ALA 102 102 102 ALA ALA A . n 
A 1 103 GLN 103 103 103 GLN GLN A . n 
A 1 104 ARG 104 104 104 ARG ARG A . n 
A 1 105 ARG 105 105 105 ARG ARG A . n 
A 1 106 ALA 106 106 106 ALA ALA A . n 
A 1 107 VAL 107 107 107 VAL VAL A . n 
A 1 108 ILE 108 108 108 ILE ILE A . n 
A 1 109 ASP 109 109 109 ASP ASP A . n 
A 1 110 ALA 110 110 110 ALA ALA A . n 
A 1 111 SER 111 111 111 SER SER A . n 
A 1 112 PRO 112 112 112 PRO PRO A . n 
A 1 113 GLU 113 113 113 GLU GLU A . n 
A 1 114 LEU 114 114 114 LEU LEU A . n 
A 1 115 GLN 115 115 115 GLN GLN A . n 
A 1 116 GLU 116 116 116 GLU GLU A . n 
A 1 117 ARG 117 117 117 ARG ARG A . n 
A 1 118 GLU 118 118 118 GLU GLU A . n 
A 1 119 ARG 119 119 119 ARG ARG A . n 
A 1 120 THR 120 120 120 THR THR A . n 
A 1 121 LYS 121 121 121 LYS LYS A . n 
A 1 122 SER 122 122 122 SER SER A . n 
A 1 123 ALA 123 123 123 ALA ALA A . n 
A 1 124 ALA 124 124 124 ALA ALA A . n 
A 1 125 ILE 125 125 125 ILE ILE A . n 
A 1 126 SER 126 126 126 SER SER A . n 
A 1 127 ARG 127 127 127 ARG ARG A . n 
A 1 128 ALA 128 128 128 ALA ALA A . n 
A 1 129 VAL 129 129 129 VAL VAL A . n 
A 1 130 GLN 130 130 130 GLN GLN A . n 
A 1 131 ASP 131 131 131 ASP ASP A . n 
A 1 132 ALA 132 132 132 ALA ALA A . n 
A 1 133 LEU 133 133 133 LEU LEU A . n 
A 1 134 VAL 134 134 134 VAL VAL A . n 
A 1 135 ARG 135 135 135 ARG ARG A . n 
A 1 136 ARG 136 136 136 ARG ARG A . n 
A 1 137 GLN 137 137 137 GLN GLN A . n 
A 1 138 VAL 138 138 138 VAL VAL A . n 
A 1 139 ASP 139 139 139 ASP ASP A . n 
A 1 140 ALA 140 140 140 ALA ALA A . n 
A 1 141 ASP 141 141 141 ASP ASP A . n 
A 1 142 THR 142 142 142 THR THR A . n 
A 1 143 ALA 143 143 143 ALA ALA A . n 
A 1 144 GLU 144 144 144 GLU GLU A . n 
A 1 145 LEU 145 145 145 LEU LEU A . n 
A 1 146 VAL 146 146 146 VAL VAL A . n 
A 1 147 ALA 147 147 147 ALA ALA A . n 
A 1 148 GLN 148 148 148 GLN GLN A . n 
A 1 149 LEU 149 149 149 LEU LEU A . n 
A 1 150 ALA 150 150 150 ALA ALA A . n 
A 1 151 THR 151 151 151 THR THR A . n 
A 1 152 VAL 152 152 152 VAL VAL A . n 
A 1 153 ALA 153 153 153 ALA ALA A . n 
A 1 154 PHE 154 154 154 PHE PHE A . n 
A 1 155 GLY 155 155 155 GLY GLY A . n 
A 1 156 SER 156 156 156 SER SER A . n 
A 1 157 ALA 157 157 157 ALA ALA A . n 
A 1 158 PHE 158 158 158 PHE PHE A . n 
A 1 159 ARG 159 159 159 ARG ARG A . n 
A 1 160 ARG 160 160 160 ARG ARG A . n 
A 1 161 TRP 161 161 161 TRP TRP A . n 
A 1 162 ILE 162 162 162 ILE ILE A . n 
A 1 163 ASP 163 163 163 ASP ASP A . n 
A 1 164 ALA 164 164 164 ALA ALA A . n 
A 1 165 GLU 165 165 165 GLU GLU A . n 
A 1 166 GLY 166 166 166 GLY GLY A . n 
A 1 167 HIS 167 167 167 HIS HIS A . n 
A 1 168 ALA 168 168 168 ALA ALA A . n 
A 1 169 ASP 169 169 169 ASP ASP A . n 
A 1 170 PHE 170 170 170 PHE PHE A . n 
A 1 171 GLY 171 171 171 GLY GLY A . n 
A 1 172 SER 172 172 172 SER SER A . n 
A 1 173 CYS 173 173 173 CYS CYS A . n 
A 1 174 LEU 174 174 174 LEU LEU A . n 
A 1 175 ASP 175 175 175 ASP ASP A . n 
A 1 176 THR 176 176 176 THR THR A . n 
A 1 177 VAL 177 177 177 VAL VAL A . n 
A 1 178 THR 178 178 178 THR THR A . n 
A 1 179 ASP 179 179 179 ASP ASP A . n 
A 1 180 ARG 180 180 180 ARG ARG A . n 
A 1 181 LEU 181 181 181 LEU LEU A . n 
A 1 182 ARG 182 182 182 ARG ARG A . n 
A 1 183 ALA 183 183 183 ALA ALA A . n 
A 1 184 VAL 184 184 184 VAL VAL A . n 
A 1 185 LEU 185 185 185 LEU LEU A . n 
A 1 186 THR 186 186 186 THR THR A . n 
A 1 187 GLY 187 187 187 GLY GLY A . n 
A 1 188 LEU 188 188 ?   ?   ?   A . n 
A 1 189 GLU 189 189 ?   ?   ?   A . n 
A 1 190 HIS 190 190 ?   ?   ?   A . n 
A 1 191 HIS 191 191 ?   ?   ?   A . n 
A 1 192 HIS 192 192 ?   ?   ?   A . n 
A 1 193 HIS 193 193 ?   ?   ?   A . n 
A 1 194 HIS 194 194 ?   ?   ?   A . n 
A 1 195 HIS 195 195 ?   ?   ?   A . n 
# 
loop_
_pdbx_nonpoly_scheme.asym_id 
_pdbx_nonpoly_scheme.entity_id 
_pdbx_nonpoly_scheme.mon_id 
_pdbx_nonpoly_scheme.ndb_seq_num 
_pdbx_nonpoly_scheme.pdb_seq_num 
_pdbx_nonpoly_scheme.auth_seq_num 
_pdbx_nonpoly_scheme.pdb_mon_id 
_pdbx_nonpoly_scheme.auth_mon_id 
_pdbx_nonpoly_scheme.pdb_strand_id 
_pdbx_nonpoly_scheme.pdb_ins_code 
B 2 HOH 1  196 1  HOH HOH A . 
B 2 HOH 2  197 2  HOH HOH A . 
B 2 HOH 3  198 3  HOH HOH A . 
B 2 HOH 4  199 4  HOH HOH A . 
B 2 HOH 5  200 5  HOH HOH A . 
B 2 HOH 6  201 6  HOH HOH A . 
B 2 HOH 7  202 7  HOH HOH A . 
B 2 HOH 8  203 8  HOH HOH A . 
B 2 HOH 9  204 9  HOH HOH A . 
B 2 HOH 10 205 10 HOH HOH A . 
B 2 HOH 11 206 11 HOH HOH A . 
B 2 HOH 12 207 12 HOH HOH A . 
B 2 HOH 13 208 13 HOH HOH A . 
B 2 HOH 14 209 14 HOH HOH A . 
B 2 HOH 15 210 15 HOH HOH A . 
B 2 HOH 16 211 16 HOH HOH A . 
B 2 HOH 17 212 17 HOH HOH A . 
B 2 HOH 18 213 18 HOH HOH A . 
B 2 HOH 19 214 19 HOH HOH A . 
B 2 HOH 20 215 20 HOH HOH A . 
B 2 HOH 21 216 21 HOH HOH A . 
B 2 HOH 22 217 22 HOH HOH A . 
B 2 HOH 23 218 23 HOH HOH A . 
B 2 HOH 24 219 24 HOH HOH A . 
B 2 HOH 25 220 25 HOH HOH A . 
B 2 HOH 26 221 26 HOH HOH A . 
B 2 HOH 27 222 27 HOH HOH A . 
B 2 HOH 28 223 28 HOH HOH A . 
B 2 HOH 29 224 29 HOH HOH A . 
B 2 HOH 30 225 30 HOH HOH A . 
B 2 HOH 31 226 31 HOH HOH A . 
B 2 HOH 32 227 32 HOH HOH A . 
B 2 HOH 33 228 33 HOH HOH A . 
B 2 HOH 34 229 34 HOH HOH A . 
B 2 HOH 35 230 35 HOH HOH A . 
B 2 HOH 36 231 36 HOH HOH A . 
B 2 HOH 37 232 37 HOH HOH A . 
B 2 HOH 38 233 38 HOH HOH A . 
B 2 HOH 39 234 39 HOH HOH A . 
B 2 HOH 40 235 40 HOH HOH A . 
B 2 HOH 41 236 41 HOH HOH A . 
B 2 HOH 42 237 42 HOH HOH A . 
B 2 HOH 43 238 43 HOH HOH A . 
B 2 HOH 44 239 44 HOH HOH A . 
B 2 HOH 45 240 45 HOH HOH A . 
B 2 HOH 46 241 46 HOH HOH A . 
B 2 HOH 47 242 47 HOH HOH A . 
B 2 HOH 48 243 48 HOH HOH A . 
B 2 HOH 49 244 49 HOH HOH A . 
B 2 HOH 50 245 50 HOH HOH A . 
B 2 HOH 51 246 51 HOH HOH A . 
B 2 HOH 52 247 52 HOH HOH A . 
B 2 HOH 53 248 53 HOH HOH A . 
B 2 HOH 54 249 54 HOH HOH A . 
B 2 HOH 55 250 55 HOH HOH A . 
# 
loop_
_software.name 
_software.classification 
_software.version 
_software.citation_id 
_software.pdbx_ordinal 
CNS       refinement       1.1 ? 1 
HKL-2000  'data reduction' .   ? 2 
SCALEPACK 'data scaling'   .   ? 3 
SOLVE     phasing          .   ? 4 
# 
_cell.entry_id           2DG7 
_cell.length_a           102.952 
_cell.length_b           42.864 
_cell.length_c           43.933 
_cell.angle_alpha        90.00 
_cell.angle_beta         90.00 
_cell.angle_gamma        90.00 
_cell.Z_PDB              4 
_cell.pdbx_unique_axis   ? 
_cell.length_a_esd       ? 
_cell.length_b_esd       ? 
_cell.length_c_esd       ? 
_cell.angle_alpha_esd    ? 
_cell.angle_beta_esd     ? 
_cell.angle_gamma_esd    ? 
# 
_symmetry.entry_id                         2DG7 
_symmetry.space_group_name_H-M             'P 21 21 2' 
_symmetry.pdbx_full_space_group_name_H-M   ? 
_symmetry.cell_setting                     ? 
_symmetry.Int_Tables_number                18 
_symmetry.space_group_name_Hall            ? 
# 
_exptl.entry_id          2DG7 
_exptl.method            'X-RAY DIFFRACTION' 
_exptl.crystals_number   1 
# 
_exptl_crystal.id                    1 
_exptl_crystal.density_meas          ? 
_exptl_crystal.density_Matthews      2.26 
_exptl_crystal.density_percent_sol   45.57 
_exptl_crystal.description           ? 
_exptl_crystal.F_000                 ? 
_exptl_crystal.preparation           ? 
# 
_exptl_crystal_grow.crystal_id      1 
_exptl_crystal_grow.method          'VAPOR DIFFUSION, HANGING DROP' 
_exptl_crystal_grow.temp            293 
_exptl_crystal_grow.temp_details    ? 
_exptl_crystal_grow.pH              7.0 
_exptl_crystal_grow.pdbx_details    
'100mM HEPES pH7.0, 9% Jeffamine ED-2001 reagent pH 7.0, VAPOR DIFFUSION, HANGING DROP, temperature 293K' 
_exptl_crystal_grow.pdbx_pH_range   . 
# 
_diffrn.id                     1 
_diffrn.ambient_temp           100 
_diffrn.ambient_temp_details   ? 
_diffrn.crystal_id             1 
# 
_diffrn_detector.diffrn_id              1 
_diffrn_detector.detector               CCD 
_diffrn_detector.type                   'ADSC QUANTUM 315' 
_diffrn_detector.pdbx_collection_date   2005-12-11 
_diffrn_detector.details                ? 
# 
_diffrn_radiation.diffrn_id                        1 
_diffrn_radiation.wavelength_id                    1 
_diffrn_radiation.pdbx_monochromatic_or_laue_m_l   M 
_diffrn_radiation.monochromator                    ? 
_diffrn_radiation.pdbx_diffrn_protocol             MAD 
_diffrn_radiation.pdbx_scattering_type             x-ray 
# 
loop_
_diffrn_radiation_wavelength.id 
_diffrn_radiation_wavelength.wavelength 
_diffrn_radiation_wavelength.wt 
1 0.97934 1.0 
2 0.97950 1.0 
3 0.98338 1.0 
# 
_diffrn_source.diffrn_id                   1 
_diffrn_source.source                      SYNCHROTRON 
_diffrn_source.type                        'PHOTON FACTORY BEAMLINE BL-5A' 
_diffrn_source.pdbx_synchrotron_site       'Photon Factory' 
_diffrn_source.pdbx_synchrotron_beamline   BL-5A 
_diffrn_source.pdbx_wavelength             ? 
_diffrn_source.pdbx_wavelength_list        '0.97934, 0.97950, 0.98338' 
# 
_reflns.entry_id                     2DG7 
_reflns.observed_criterion_sigma_I   ? 
_reflns.observed_criterion_sigma_F   ? 
_reflns.d_resolution_low             50 
_reflns.d_resolution_high            2.3 
_reflns.number_obs                   9138 
_reflns.number_all                   ? 
_reflns.percent_possible_obs         99.7 
_reflns.pdbx_Rmerge_I_obs            ? 
_reflns.pdbx_Rsym_value              0.049 
_reflns.pdbx_netI_over_sigmaI        ? 
_reflns.B_iso_Wilson_estimate        24.1 
_reflns.pdbx_redundancy              10.2 
_reflns.R_free_details               ? 
_reflns.limit_h_max                  ? 
_reflns.limit_h_min                  ? 
_reflns.limit_k_max                  ? 
_reflns.limit_k_min                  ? 
_reflns.limit_l_max                  ? 
_reflns.limit_l_min                  ? 
_reflns.observed_criterion_F_max     ? 
_reflns.observed_criterion_F_min     ? 
_reflns.pdbx_chi_squared             ? 
_reflns.pdbx_scaling_rejects         ? 
_reflns.pdbx_ordinal                 1 
_reflns.pdbx_diffrn_id               1 
# 
_reflns_shell.d_res_high             2.30 
_reflns_shell.d_res_low              2.38 
_reflns_shell.percent_possible_all   97.9 
_reflns_shell.Rmerge_I_obs           ? 
_reflns_shell.pdbx_Rsym_value        0.204 
_reflns_shell.meanI_over_sigI_obs    ? 
_reflns_shell.pdbx_redundancy        9.4 
_reflns_shell.percent_possible_obs   ? 
_reflns_shell.number_unique_all      872 
_reflns_shell.number_measured_all    ? 
_reflns_shell.number_measured_obs    ? 
_reflns_shell.number_unique_obs      ? 
_reflns_shell.pdbx_chi_squared       ? 
_reflns_shell.pdbx_ordinal           1 
_reflns_shell.pdbx_diffrn_id         1 
# 
_refine.entry_id                                 2DG7 
_refine.ls_number_reflns_obs                     8970 
_refine.ls_number_reflns_all                     ? 
_refine.pdbx_ls_sigma_I                          ? 
_refine.pdbx_ls_sigma_F                          0.0 
_refine.pdbx_data_cutoff_high_absF               1105378.10 
_refine.pdbx_data_cutoff_low_absF                0.000000 
_refine.pdbx_data_cutoff_high_rms_absF           ? 
_refine.ls_d_res_low                             9.98 
_refine.ls_d_res_high                            2.30 
_refine.ls_percent_reflns_obs                    99.6 
_refine.ls_R_factor_obs                          0.23 
_refine.ls_R_factor_all                          ? 
_refine.ls_R_factor_R_work                       0.23 
_refine.ls_R_factor_R_free                       0.276 
_refine.ls_R_factor_R_free_error                 0.009 
_refine.ls_R_factor_R_free_error_details         ? 
_refine.ls_percent_reflns_R_free                 9.8 
_refine.ls_number_reflns_R_free                  879 
_refine.ls_number_parameters                     ? 
_refine.ls_number_restraints                     ? 
_refine.occupancy_min                            ? 
_refine.occupancy_max                            ? 
_refine.correlation_coeff_Fo_to_Fc               ? 
_refine.correlation_coeff_Fo_to_Fc_free          ? 
_refine.B_iso_mean                               38.7 
_refine.aniso_B[1][1]                            -1.37 
_refine.aniso_B[2][2]                            7.95 
_refine.aniso_B[3][3]                            -6.58 
_refine.aniso_B[1][2]                            0.00 
_refine.aniso_B[1][3]                            0.00 
_refine.aniso_B[2][3]                            0.00 
_refine.solvent_model_details                    'FLAT MODEL' 
_refine.solvent_model_param_ksol                 0.553281 
_refine.solvent_model_param_bsol                 65.8184 
_refine.pdbx_solvent_vdw_probe_radii             ? 
_refine.pdbx_solvent_ion_probe_radii             ? 
_refine.pdbx_solvent_shrinkage_radii             ? 
_refine.pdbx_ls_cross_valid_method               THROUGHOUT 
_refine.details                                  ? 
_refine.pdbx_starting_model                      ? 
_refine.pdbx_method_to_determine_struct          MAD 
_refine.pdbx_isotropic_thermal_model             RESTRAINED 
_refine.pdbx_stereochemistry_target_values       ? 
_refine.pdbx_stereochem_target_val_spec_case     ? 
_refine.pdbx_R_Free_selection_details            RANDOM 
_refine.pdbx_overall_ESU_R                       ? 
_refine.pdbx_overall_ESU_R_Free                  ? 
_refine.overall_SU_ML                            ? 
_refine.overall_SU_B                             ? 
_refine.ls_redundancy_reflns_obs                 ? 
_refine.B_iso_min                                ? 
_refine.B_iso_max                                ? 
_refine.overall_SU_R_Cruickshank_DPI             ? 
_refine.overall_SU_R_free                        ? 
_refine.ls_wR_factor_R_free                      ? 
_refine.ls_wR_factor_R_work                      ? 
_refine.overall_FOM_free_R_set                   ? 
_refine.overall_FOM_work_R_set                   ? 
_refine.pdbx_refine_id                           'X-RAY DIFFRACTION' 
_refine.pdbx_diffrn_id                           1 
_refine.pdbx_TLS_residual_ADP_flag               ? 
_refine.pdbx_overall_phase_error                 ? 
_refine.pdbx_overall_SU_R_free_Cruickshank_DPI   ? 
_refine.pdbx_overall_SU_R_Blow_DPI               ? 
_refine.pdbx_overall_SU_R_free_Blow_DPI          ? 
# 
_refine_analyze.entry_id                        2DG7 
_refine_analyze.Luzzati_coordinate_error_obs    0.27 
_refine_analyze.Luzzati_sigma_a_obs             0.11 
_refine_analyze.Luzzati_d_res_low_obs           5.00 
_refine_analyze.Luzzati_coordinate_error_free   0.35 
_refine_analyze.Luzzati_sigma_a_free            0.21 
_refine_analyze.Luzzati_d_res_low_free          ? 
_refine_analyze.number_disordered_residues      ? 
_refine_analyze.occupancy_sum_hydrogen          ? 
_refine_analyze.occupancy_sum_non_hydrogen      ? 
_refine_analyze.pdbx_Luzzati_d_res_high_obs     ? 
_refine_analyze.pdbx_refine_id                  'X-RAY DIFFRACTION' 
# 
_refine_hist.pdbx_refine_id                   'X-RAY DIFFRACTION' 
_refine_hist.cycle_id                         LAST 
_refine_hist.pdbx_number_atoms_protein        1426 
_refine_hist.pdbx_number_atoms_nucleic_acid   0 
_refine_hist.pdbx_number_atoms_ligand         0 
_refine_hist.number_atoms_solvent             55 
_refine_hist.number_atoms_total               1481 
_refine_hist.d_res_high                       2.30 
_refine_hist.d_res_low                        9.98 
# 
loop_
_refine_ls_restr.type 
_refine_ls_restr.dev_ideal 
_refine_ls_restr.dev_ideal_target 
_refine_ls_restr.weight 
_refine_ls_restr.number 
_refine_ls_restr.pdbx_refine_id 
_refine_ls_restr.pdbx_restraint_function 
c_bond_d                0.003 ?    ? ? 'X-RAY DIFFRACTION' ? 
c_bond_d_na             ?     ?    ? ? 'X-RAY DIFFRACTION' ? 
c_bond_d_prot           ?     ?    ? ? 'X-RAY DIFFRACTION' ? 
c_angle_d               ?     ?    ? ? 'X-RAY DIFFRACTION' ? 
c_angle_d_na            ?     ?    ? ? 'X-RAY DIFFRACTION' ? 
c_angle_d_prot          ?     ?    ? ? 'X-RAY DIFFRACTION' ? 
c_angle_deg             0.9   ?    ? ? 'X-RAY DIFFRACTION' ? 
c_angle_deg_na          ?     ?    ? ? 'X-RAY DIFFRACTION' ? 
c_angle_deg_prot        ?     ?    ? ? 'X-RAY DIFFRACTION' ? 
c_dihedral_angle_d      19.1  ?    ? ? 'X-RAY DIFFRACTION' ? 
c_dihedral_angle_d_na   ?     ?    ? ? 'X-RAY DIFFRACTION' ? 
c_dihedral_angle_d_prot ?     ?    ? ? 'X-RAY DIFFRACTION' ? 
c_improper_angle_d      0.59  ?    ? ? 'X-RAY DIFFRACTION' ? 
c_improper_angle_d_na   ?     ?    ? ? 'X-RAY DIFFRACTION' ? 
c_improper_angle_d_prot ?     ?    ? ? 'X-RAY DIFFRACTION' ? 
c_mcbond_it             1.52  1.50 ? ? 'X-RAY DIFFRACTION' ? 
c_mcangle_it            2.54  2.00 ? ? 'X-RAY DIFFRACTION' ? 
c_scbond_it             2.41  2.00 ? ? 'X-RAY DIFFRACTION' ? 
c_scangle_it            3.72  2.50 ? ? 'X-RAY DIFFRACTION' ? 
# 
_refine_ls_shell.pdbx_total_number_of_bins_used   6 
_refine_ls_shell.d_res_high                       2.30 
_refine_ls_shell.d_res_low                        2.44 
_refine_ls_shell.number_reflns_R_work             1285 
_refine_ls_shell.R_factor_R_work                  0.22 
_refine_ls_shell.percent_reflns_obs               98.6 
_refine_ls_shell.R_factor_R_free                  0.28 
_refine_ls_shell.R_factor_R_free_error            0.022 
_refine_ls_shell.percent_reflns_R_free            11.3 
_refine_ls_shell.number_reflns_R_free             164 
_refine_ls_shell.number_reflns_all                ? 
_refine_ls_shell.R_factor_all                     ? 
_refine_ls_shell.number_reflns_obs                ? 
_refine_ls_shell.redundancy_reflns_obs            ? 
_refine_ls_shell.pdbx_refine_id                   'X-RAY DIFFRACTION' 
# 
loop_
_pdbx_xplor_file.serial_no 
_pdbx_xplor_file.param_file 
_pdbx_xplor_file.topol_file 
_pdbx_xplor_file.pdbx_refine_id 
1 protein_rep.param protein.top 'X-RAY DIFFRACTION' 
2 water_rep.param   water.top   'X-RAY DIFFRACTION' 
# 
_struct.entry_id                  2DG7 
_struct.title                     
'Crystal structure of the putative transcriptional regulator SCO0337 from Streptomyces coelicolor A3(2)' 
_struct.pdbx_model_details        ? 
_struct.pdbx_CASP_flag            ? 
_struct.pdbx_model_type_details   ? 
# 
_struct_keywords.entry_id        2DG7 
_struct_keywords.pdbx_keywords   'GENE REGULATION' 
_struct_keywords.text            'helix-turn-helix motif, TetR family, GENE REGULATION' 
# 
loop_
_struct_asym.id 
_struct_asym.pdbx_blank_PDB_chainid_flag 
_struct_asym.pdbx_modified 
_struct_asym.entity_id 
_struct_asym.details 
A N N 1 ? 
B N N 2 ? 
# 
_struct_ref.id                         1 
_struct_ref.db_name                    GB 
_struct_ref.db_code                    CAB56142 
_struct_ref.pdbx_db_accession          5912516 
_struct_ref.entity_id                  1 
_struct_ref.pdbx_seq_one_letter_code   
;MARWDPGAEQRLKRAALELYSEHGYDNVTVTDIAERAGLTRRSYFRYFPDKREVLFGGSELLPPAVARAVLAADPGAAPL
TAVLDAMSQVGAQLVAQVEGAAQRRAVIDASPELQERERTKSAAISRAVQDALVRRQVDADTAELVAQLATVAFGSAFRR
WIDAEGHADFGSCLDTVTDRLRAVLTG
;
_struct_ref.pdbx_align_begin           1 
_struct_ref.pdbx_db_isoform            ? 
# 
_struct_ref_seq.align_id                      1 
_struct_ref_seq.ref_id                        1 
_struct_ref_seq.pdbx_PDB_id_code              2DG7 
_struct_ref_seq.pdbx_strand_id                A 
_struct_ref_seq.seq_align_beg                 1 
_struct_ref_seq.pdbx_seq_align_beg_ins_code   ? 
_struct_ref_seq.seq_align_end                 187 
_struct_ref_seq.pdbx_seq_align_end_ins_code   ? 
_struct_ref_seq.pdbx_db_accession             5912516 
_struct_ref_seq.db_align_beg                  1 
_struct_ref_seq.pdbx_db_align_beg_ins_code    ? 
_struct_ref_seq.db_align_end                  187 
_struct_ref_seq.pdbx_db_align_end_ins_code    ? 
_struct_ref_seq.pdbx_auth_seq_align_beg       1 
_struct_ref_seq.pdbx_auth_seq_align_end       187 
# 
loop_
_struct_ref_seq_dif.align_id 
_struct_ref_seq_dif.pdbx_pdb_id_code 
_struct_ref_seq_dif.mon_id 
_struct_ref_seq_dif.pdbx_pdb_strand_id 
_struct_ref_seq_dif.seq_num 
_struct_ref_seq_dif.pdbx_pdb_ins_code 
_struct_ref_seq_dif.pdbx_seq_db_name 
_struct_ref_seq_dif.pdbx_seq_db_accession_code 
_struct_ref_seq_dif.db_mon_id 
_struct_ref_seq_dif.pdbx_seq_db_seq_num 
_struct_ref_seq_dif.details 
_struct_ref_seq_dif.pdbx_auth_seq_num 
_struct_ref_seq_dif.pdbx_ordinal 
1 2DG7 MSE A 1   ? GB 5912516 MET 1  'modified residue' 1   1  
1 2DG7 MSE A 87  ? GB 5912516 MET 87 'modified residue' 87  2  
1 2DG7 LEU A 188 ? GB 5912516 ?   ?  'expression tag'   188 3  
1 2DG7 GLU A 189 ? GB 5912516 ?   ?  'expression tag'   189 4  
1 2DG7 HIS A 190 ? GB 5912516 ?   ?  'expression tag'   190 5  
1 2DG7 HIS A 191 ? GB 5912516 ?   ?  'expression tag'   191 6  
1 2DG7 HIS A 192 ? GB 5912516 ?   ?  'expression tag'   192 7  
1 2DG7 HIS A 193 ? GB 5912516 ?   ?  'expression tag'   193 8  
1 2DG7 HIS A 194 ? GB 5912516 ?   ?  'expression tag'   194 9  
1 2DG7 HIS A 195 ? GB 5912516 ?   ?  'expression tag'   195 10 
# 
loop_
_pdbx_struct_assembly.id 
_pdbx_struct_assembly.details 
_pdbx_struct_assembly.method_details 
_pdbx_struct_assembly.oligomeric_details 
_pdbx_struct_assembly.oligomeric_count 
1 author_and_software_defined_assembly PISA dimeric   2 
2 software_defined_assembly            PQS  monomeric 1 
# 
loop_
_pdbx_struct_assembly_prop.biol_id 
_pdbx_struct_assembly_prop.type 
_pdbx_struct_assembly_prop.value 
_pdbx_struct_assembly_prop.details 
1 'ABSA (A^2)' 2440  ? 
1 MORE         -17   ? 
1 'SSA (A^2)'  18480 ? 
# 
loop_
_pdbx_struct_assembly_gen.assembly_id 
_pdbx_struct_assembly_gen.oper_expression 
_pdbx_struct_assembly_gen.asym_id_list 
1 1,2 A,B 
2 1   A,B 
# 
loop_
_pdbx_struct_oper_list.id 
_pdbx_struct_oper_list.type 
_pdbx_struct_oper_list.name 
_pdbx_struct_oper_list.symmetry_operation 
_pdbx_struct_oper_list.matrix[1][1] 
_pdbx_struct_oper_list.matrix[1][2] 
_pdbx_struct_oper_list.matrix[1][3] 
_pdbx_struct_oper_list.vector[1] 
_pdbx_struct_oper_list.matrix[2][1] 
_pdbx_struct_oper_list.matrix[2][2] 
_pdbx_struct_oper_list.matrix[2][3] 
_pdbx_struct_oper_list.vector[2] 
_pdbx_struct_oper_list.matrix[3][1] 
_pdbx_struct_oper_list.matrix[3][2] 
_pdbx_struct_oper_list.matrix[3][3] 
_pdbx_struct_oper_list.vector[3] 
1 'identity operation'         1_555 x,y,z       1.0000000000 0.0000000000 0.0000000000 0.0000000000  0.0000000000 1.0000000000  0.0000000000 0.0000000000  0.0000000000 0.0000000000 1.0000000000  0.0000000000   
2 'crystal symmetry operation' 2_665 -x+1,-y+1,z 0.5454676627 0.7746603934 0.3199473456 -1.2784546162 0.7746603934 -0.6117041207 0.1603725154 12.5543006714 0.3199473456 0.1603725154 -0.9337635420 -24.2212018207 
# 
_struct_biol.id                    1 
_struct_biol.details               
'The biological assembly is a dimer generated from the monomer in the asymmetric unit by the operations: -x+1, -y+1, z.' 
_struct_biol.pdbx_parent_biol_id   ? 
# 
loop_
_struct_conf.conf_type_id 
_struct_conf.id 
_struct_conf.pdbx_PDB_helix_id 
_struct_conf.beg_label_comp_id 
_struct_conf.beg_label_asym_id 
_struct_conf.beg_label_seq_id 
_struct_conf.pdbx_beg_PDB_ins_code 
_struct_conf.end_label_comp_id 
_struct_conf.end_label_asym_id 
_struct_conf.end_label_seq_id 
_struct_conf.pdbx_end_PDB_ins_code 
_struct_conf.beg_auth_comp_id 
_struct_conf.beg_auth_asym_id 
_struct_conf.beg_auth_seq_id 
_struct_conf.end_auth_comp_id 
_struct_conf.end_auth_asym_id 
_struct_conf.end_auth_seq_id 
_struct_conf.pdbx_PDB_helix_class 
_struct_conf.details 
_struct_conf.pdbx_PDB_helix_length 
HELX_P HELX_P1  1  GLY A 7   ? HIS A 23  ? GLY A 7   HIS A 23  1 ? 17 
HELX_P HELX_P2  2  GLY A 24  ? VAL A 28  ? GLY A 24  VAL A 28  5 ? 5  
HELX_P HELX_P3  3  THR A 29  ? ALA A 37  ? THR A 29  ALA A 37  1 ? 9  
HELX_P HELX_P4  4  THR A 40  ? PHE A 48  ? THR A 40  PHE A 48  1 ? 9  
HELX_P HELX_P5  5  ARG A 52  ? PHE A 56  ? ARG A 52  PHE A 56  5 ? 5  
HELX_P HELX_P6  6  LEU A 62  ? ALA A 72  ? LEU A 62  ALA A 72  1 ? 11 
HELX_P HELX_P7  7  ALA A 78  ? GLY A 91  ? ALA A 78  GLY A 91  1 ? 14 
HELX_P HELX_P8  8  GLY A 100 ? ALA A 110 ? GLY A 100 ALA A 110 1 ? 11 
HELX_P HELX_P9  9  SER A 111 ? ARG A 136 ? SER A 111 ARG A 136 1 ? 26 
HELX_P HELX_P10 10 ASP A 139 ? ALA A 164 ? ASP A 139 ALA A 164 1 ? 26 
HELX_P HELX_P11 11 ASP A 169 ? GLY A 187 ? ASP A 169 GLY A 187 1 ? 19 
# 
_struct_conf_type.id          HELX_P 
_struct_conf_type.criteria    ? 
_struct_conf_type.reference   ? 
# 
loop_
_struct_conn.id 
_struct_conn.conn_type_id 
_struct_conn.pdbx_leaving_atom_flag 
_struct_conn.pdbx_PDB_id 
_struct_conn.ptnr1_label_asym_id 
_struct_conn.ptnr1_label_comp_id 
_struct_conn.ptnr1_label_seq_id 
_struct_conn.ptnr1_label_atom_id 
_struct_conn.pdbx_ptnr1_label_alt_id 
_struct_conn.pdbx_ptnr1_PDB_ins_code 
_struct_conn.pdbx_ptnr1_standard_comp_id 
_struct_conn.ptnr1_symmetry 
_struct_conn.ptnr2_label_asym_id 
_struct_conn.ptnr2_label_comp_id 
_struct_conn.ptnr2_label_seq_id 
_struct_conn.ptnr2_label_atom_id 
_struct_conn.pdbx_ptnr2_label_alt_id 
_struct_conn.pdbx_ptnr2_PDB_ins_code 
_struct_conn.ptnr1_auth_asym_id 
_struct_conn.ptnr1_auth_comp_id 
_struct_conn.ptnr1_auth_seq_id 
_struct_conn.ptnr2_auth_asym_id 
_struct_conn.ptnr2_auth_comp_id 
_struct_conn.ptnr2_auth_seq_id 
_struct_conn.ptnr2_symmetry 
_struct_conn.pdbx_ptnr3_label_atom_id 
_struct_conn.pdbx_ptnr3_label_seq_id 
_struct_conn.pdbx_ptnr3_label_comp_id 
_struct_conn.pdbx_ptnr3_label_asym_id 
_struct_conn.pdbx_ptnr3_label_alt_id 
_struct_conn.pdbx_ptnr3_PDB_ins_code 
_struct_conn.details 
_struct_conn.pdbx_dist_value 
_struct_conn.pdbx_value_order 
_struct_conn.pdbx_role 
covale1 covale both ? A MSE 1  C ? ? ? 1_555 A ALA 2  N ? ? A MSE 1  A ALA 2  1_555 ? ? ? ? ? ? ? 1.328 ? ? 
covale2 covale both ? A ALA 86 C ? ? ? 1_555 A MSE 87 N ? ? A ALA 86 A MSE 87 1_555 ? ? ? ? ? ? ? 1.328 ? ? 
covale3 covale both ? A MSE 87 C ? ? ? 1_555 A SER 88 N ? ? A MSE 87 A SER 88 1_555 ? ? ? ? ? ? ? 1.329 ? ? 
# 
_struct_conn_type.id          covale 
_struct_conn_type.criteria    ? 
_struct_conn_type.reference   ? 
# 
loop_
_pdbx_modification_feature.ordinal 
_pdbx_modification_feature.label_comp_id 
_pdbx_modification_feature.label_asym_id 
_pdbx_modification_feature.label_seq_id 
_pdbx_modification_feature.label_alt_id 
_pdbx_modification_feature.modified_residue_label_comp_id 
_pdbx_modification_feature.modified_residue_label_asym_id 
_pdbx_modification_feature.modified_residue_label_seq_id 
_pdbx_modification_feature.modified_residue_label_alt_id 
_pdbx_modification_feature.auth_comp_id 
_pdbx_modification_feature.auth_asym_id 
_pdbx_modification_feature.auth_seq_id 
_pdbx_modification_feature.PDB_ins_code 
_pdbx_modification_feature.symmetry 
_pdbx_modification_feature.modified_residue_auth_comp_id 
_pdbx_modification_feature.modified_residue_auth_asym_id 
_pdbx_modification_feature.modified_residue_auth_seq_id 
_pdbx_modification_feature.modified_residue_PDB_ins_code 
_pdbx_modification_feature.modified_residue_symmetry 
_pdbx_modification_feature.comp_id_linking_atom 
_pdbx_modification_feature.modified_residue_id_linking_atom 
_pdbx_modification_feature.modified_residue_id 
_pdbx_modification_feature.ref_pcm_id 
_pdbx_modification_feature.ref_comp_id 
_pdbx_modification_feature.type 
_pdbx_modification_feature.category 
1 MSE A 1  ? . . . . MSE A 1  ? 1_555 . . . . . . . MET 1 MSE Selenomethionine 'Named protein modification' 
2 MSE A 87 ? . . . . MSE A 87 ? 1_555 . . . . . . . MET 1 MSE Selenomethionine 'Named protein modification' 
# 
_pdbx_entry_details.entry_id                   2DG7 
_pdbx_entry_details.compound_details           ? 
_pdbx_entry_details.source_details             ? 
_pdbx_entry_details.nonpolymer_details         ? 
_pdbx_entry_details.sequence_details           ? 
_pdbx_entry_details.has_ligand_of_interest     ? 
_pdbx_entry_details.has_protein_modification   Y 
# 
loop_
_pdbx_validate_torsion.id 
_pdbx_validate_torsion.PDB_model_num 
_pdbx_validate_torsion.auth_comp_id 
_pdbx_validate_torsion.auth_asym_id 
_pdbx_validate_torsion.auth_seq_id 
_pdbx_validate_torsion.PDB_ins_code 
_pdbx_validate_torsion.label_alt_id 
_pdbx_validate_torsion.phi 
_pdbx_validate_torsion.psi 
1 1 ASP A 5  ? ? -163.90 73.80   
2 1 GLU A 22 ? ? -56.13  -81.25  
3 1 HIS A 23 ? ? -74.20  -146.17 
4 1 PRO A 75 ? ? -59.48  -6.13   
5 1 VAL A 95 ? ? -80.19  39.56   
# 
loop_
_pdbx_struct_mod_residue.id 
_pdbx_struct_mod_residue.label_asym_id 
_pdbx_struct_mod_residue.label_comp_id 
_pdbx_struct_mod_residue.label_seq_id 
_pdbx_struct_mod_residue.auth_asym_id 
_pdbx_struct_mod_residue.auth_comp_id 
_pdbx_struct_mod_residue.auth_seq_id 
_pdbx_struct_mod_residue.PDB_ins_code 
_pdbx_struct_mod_residue.parent_comp_id 
_pdbx_struct_mod_residue.details 
1 A MSE 1  A MSE 1  ? MET SELENOMETHIONINE 
2 A MSE 87 A MSE 87 ? MET SELENOMETHIONINE 
# 
loop_
_pdbx_unobs_or_zero_occ_residues.id 
_pdbx_unobs_or_zero_occ_residues.PDB_model_num 
_pdbx_unobs_or_zero_occ_residues.polymer_flag 
_pdbx_unobs_or_zero_occ_residues.occupancy_flag 
_pdbx_unobs_or_zero_occ_residues.auth_asym_id 
_pdbx_unobs_or_zero_occ_residues.auth_comp_id 
_pdbx_unobs_or_zero_occ_residues.auth_seq_id 
_pdbx_unobs_or_zero_occ_residues.PDB_ins_code 
_pdbx_unobs_or_zero_occ_residues.label_asym_id 
_pdbx_unobs_or_zero_occ_residues.label_comp_id 
_pdbx_unobs_or_zero_occ_residues.label_seq_id 
1 1 Y 1 A LEU 188 ? A LEU 188 
2 1 Y 1 A GLU 189 ? A GLU 189 
3 1 Y 1 A HIS 190 ? A HIS 190 
4 1 Y 1 A HIS 191 ? A HIS 191 
5 1 Y 1 A HIS 192 ? A HIS 192 
6 1 Y 1 A HIS 193 ? A HIS 193 
7 1 Y 1 A HIS 194 ? A HIS 194 
8 1 Y 1 A HIS 195 ? A HIS 195 
# 
loop_
_chem_comp_atom.comp_id 
_chem_comp_atom.atom_id 
_chem_comp_atom.type_symbol 
_chem_comp_atom.pdbx_aromatic_flag 
_chem_comp_atom.pdbx_stereo_config 
_chem_comp_atom.pdbx_ordinal 
ALA N    N  N N 1   
ALA CA   C  N S 2   
ALA C    C  N N 3   
ALA O    O  N N 4   
ALA CB   C  N N 5   
ALA OXT  O  N N 6   
ALA H    H  N N 7   
ALA H2   H  N N 8   
ALA HA   H  N N 9   
ALA HB1  H  N N 10  
ALA HB2  H  N N 11  
ALA HB3  H  N N 12  
ALA HXT  H  N N 13  
ARG N    N  N N 14  
ARG CA   C  N S 15  
ARG C    C  N N 16  
ARG O    O  N N 17  
ARG CB   C  N N 18  
ARG CG   C  N N 19  
ARG CD   C  N N 20  
ARG NE   N  N N 21  
ARG CZ   C  N N 22  
ARG NH1  N  N N 23  
ARG NH2  N  N N 24  
ARG OXT  O  N N 25  
ARG H    H  N N 26  
ARG H2   H  N N 27  
ARG HA   H  N N 28  
ARG HB2  H  N N 29  
ARG HB3  H  N N 30  
ARG HG2  H  N N 31  
ARG HG3  H  N N 32  
ARG HD2  H  N N 33  
ARG HD3  H  N N 34  
ARG HE   H  N N 35  
ARG HH11 H  N N 36  
ARG HH12 H  N N 37  
ARG HH21 H  N N 38  
ARG HH22 H  N N 39  
ARG HXT  H  N N 40  
ASN N    N  N N 41  
ASN CA   C  N S 42  
ASN C    C  N N 43  
ASN O    O  N N 44  
ASN CB   C  N N 45  
ASN CG   C  N N 46  
ASN OD1  O  N N 47  
ASN ND2  N  N N 48  
ASN OXT  O  N N 49  
ASN H    H  N N 50  
ASN H2   H  N N 51  
ASN HA   H  N N 52  
ASN HB2  H  N N 53  
ASN HB3  H  N N 54  
ASN HD21 H  N N 55  
ASN HD22 H  N N 56  
ASN HXT  H  N N 57  
ASP N    N  N N 58  
ASP CA   C  N S 59  
ASP C    C  N N 60  
ASP O    O  N N 61  
ASP CB   C  N N 62  
ASP CG   C  N N 63  
ASP OD1  O  N N 64  
ASP OD2  O  N N 65  
ASP OXT  O  N N 66  
ASP H    H  N N 67  
ASP H2   H  N N 68  
ASP HA   H  N N 69  
ASP HB2  H  N N 70  
ASP HB3  H  N N 71  
ASP HD2  H  N N 72  
ASP HXT  H  N N 73  
CYS N    N  N N 74  
CYS CA   C  N R 75  
CYS C    C  N N 76  
CYS O    O  N N 77  
CYS CB   C  N N 78  
CYS SG   S  N N 79  
CYS OXT  O  N N 80  
CYS H    H  N N 81  
CYS H2   H  N N 82  
CYS HA   H  N N 83  
CYS HB2  H  N N 84  
CYS HB3  H  N N 85  
CYS HG   H  N N 86  
CYS HXT  H  N N 87  
GLN N    N  N N 88  
GLN CA   C  N S 89  
GLN C    C  N N 90  
GLN O    O  N N 91  
GLN CB   C  N N 92  
GLN CG   C  N N 93  
GLN CD   C  N N 94  
GLN OE1  O  N N 95  
GLN NE2  N  N N 96  
GLN OXT  O  N N 97  
GLN H    H  N N 98  
GLN H2   H  N N 99  
GLN HA   H  N N 100 
GLN HB2  H  N N 101 
GLN HB3  H  N N 102 
GLN HG2  H  N N 103 
GLN HG3  H  N N 104 
GLN HE21 H  N N 105 
GLN HE22 H  N N 106 
GLN HXT  H  N N 107 
GLU N    N  N N 108 
GLU CA   C  N S 109 
GLU C    C  N N 110 
GLU O    O  N N 111 
GLU CB   C  N N 112 
GLU CG   C  N N 113 
GLU CD   C  N N 114 
GLU OE1  O  N N 115 
GLU OE2  O  N N 116 
GLU OXT  O  N N 117 
GLU H    H  N N 118 
GLU H2   H  N N 119 
GLU HA   H  N N 120 
GLU HB2  H  N N 121 
GLU HB3  H  N N 122 
GLU HG2  H  N N 123 
GLU HG3  H  N N 124 
GLU HE2  H  N N 125 
GLU HXT  H  N N 126 
GLY N    N  N N 127 
GLY CA   C  N N 128 
GLY C    C  N N 129 
GLY O    O  N N 130 
GLY OXT  O  N N 131 
GLY H    H  N N 132 
GLY H2   H  N N 133 
GLY HA2  H  N N 134 
GLY HA3  H  N N 135 
GLY HXT  H  N N 136 
HIS N    N  N N 137 
HIS CA   C  N S 138 
HIS C    C  N N 139 
HIS O    O  N N 140 
HIS CB   C  N N 141 
HIS CG   C  Y N 142 
HIS ND1  N  Y N 143 
HIS CD2  C  Y N 144 
HIS CE1  C  Y N 145 
HIS NE2  N  Y N 146 
HIS OXT  O  N N 147 
HIS H    H  N N 148 
HIS H2   H  N N 149 
HIS HA   H  N N 150 
HIS HB2  H  N N 151 
HIS HB3  H  N N 152 
HIS HD1  H  N N 153 
HIS HD2  H  N N 154 
HIS HE1  H  N N 155 
HIS HE2  H  N N 156 
HIS HXT  H  N N 157 
HOH O    O  N N 158 
HOH H1   H  N N 159 
HOH H2   H  N N 160 
ILE N    N  N N 161 
ILE CA   C  N S 162 
ILE C    C  N N 163 
ILE O    O  N N 164 
ILE CB   C  N S 165 
ILE CG1  C  N N 166 
ILE CG2  C  N N 167 
ILE CD1  C  N N 168 
ILE OXT  O  N N 169 
ILE H    H  N N 170 
ILE H2   H  N N 171 
ILE HA   H  N N 172 
ILE HB   H  N N 173 
ILE HG12 H  N N 174 
ILE HG13 H  N N 175 
ILE HG21 H  N N 176 
ILE HG22 H  N N 177 
ILE HG23 H  N N 178 
ILE HD11 H  N N 179 
ILE HD12 H  N N 180 
ILE HD13 H  N N 181 
ILE HXT  H  N N 182 
LEU N    N  N N 183 
LEU CA   C  N S 184 
LEU C    C  N N 185 
LEU O    O  N N 186 
LEU CB   C  N N 187 
LEU CG   C  N N 188 
LEU CD1  C  N N 189 
LEU CD2  C  N N 190 
LEU OXT  O  N N 191 
LEU H    H  N N 192 
LEU H2   H  N N 193 
LEU HA   H  N N 194 
LEU HB2  H  N N 195 
LEU HB3  H  N N 196 
LEU HG   H  N N 197 
LEU HD11 H  N N 198 
LEU HD12 H  N N 199 
LEU HD13 H  N N 200 
LEU HD21 H  N N 201 
LEU HD22 H  N N 202 
LEU HD23 H  N N 203 
LEU HXT  H  N N 204 
LYS N    N  N N 205 
LYS CA   C  N S 206 
LYS C    C  N N 207 
LYS O    O  N N 208 
LYS CB   C  N N 209 
LYS CG   C  N N 210 
LYS CD   C  N N 211 
LYS CE   C  N N 212 
LYS NZ   N  N N 213 
LYS OXT  O  N N 214 
LYS H    H  N N 215 
LYS H2   H  N N 216 
LYS HA   H  N N 217 
LYS HB2  H  N N 218 
LYS HB3  H  N N 219 
LYS HG2  H  N N 220 
LYS HG3  H  N N 221 
LYS HD2  H  N N 222 
LYS HD3  H  N N 223 
LYS HE2  H  N N 224 
LYS HE3  H  N N 225 
LYS HZ1  H  N N 226 
LYS HZ2  H  N N 227 
LYS HZ3  H  N N 228 
LYS HXT  H  N N 229 
MET N    N  N N 230 
MET CA   C  N S 231 
MET C    C  N N 232 
MET O    O  N N 233 
MET CB   C  N N 234 
MET CG   C  N N 235 
MET SD   S  N N 236 
MET CE   C  N N 237 
MET OXT  O  N N 238 
MET H    H  N N 239 
MET H2   H  N N 240 
MET HA   H  N N 241 
MET HB2  H  N N 242 
MET HB3  H  N N 243 
MET HG2  H  N N 244 
MET HG3  H  N N 245 
MET HE1  H  N N 246 
MET HE2  H  N N 247 
MET HE3  H  N N 248 
MET HXT  H  N N 249 
MSE N    N  N N 250 
MSE CA   C  N S 251 
MSE C    C  N N 252 
MSE O    O  N N 253 
MSE OXT  O  N N 254 
MSE CB   C  N N 255 
MSE CG   C  N N 256 
MSE SE   SE N N 257 
MSE CE   C  N N 258 
MSE H    H  N N 259 
MSE H2   H  N N 260 
MSE HA   H  N N 261 
MSE HXT  H  N N 262 
MSE HB2  H  N N 263 
MSE HB3  H  N N 264 
MSE HG2  H  N N 265 
MSE HG3  H  N N 266 
MSE HE1  H  N N 267 
MSE HE2  H  N N 268 
MSE HE3  H  N N 269 
PHE N    N  N N 270 
PHE CA   C  N S 271 
PHE C    C  N N 272 
PHE O    O  N N 273 
PHE CB   C  N N 274 
PHE CG   C  Y N 275 
PHE CD1  C  Y N 276 
PHE CD2  C  Y N 277 
PHE CE1  C  Y N 278 
PHE CE2  C  Y N 279 
PHE CZ   C  Y N 280 
PHE OXT  O  N N 281 
PHE H    H  N N 282 
PHE H2   H  N N 283 
PHE HA   H  N N 284 
PHE HB2  H  N N 285 
PHE HB3  H  N N 286 
PHE HD1  H  N N 287 
PHE HD2  H  N N 288 
PHE HE1  H  N N 289 
PHE HE2  H  N N 290 
PHE HZ   H  N N 291 
PHE HXT  H  N N 292 
PRO N    N  N N 293 
PRO CA   C  N S 294 
PRO C    C  N N 295 
PRO O    O  N N 296 
PRO CB   C  N N 297 
PRO CG   C  N N 298 
PRO CD   C  N N 299 
PRO OXT  O  N N 300 
PRO H    H  N N 301 
PRO HA   H  N N 302 
PRO HB2  H  N N 303 
PRO HB3  H  N N 304 
PRO HG2  H  N N 305 
PRO HG3  H  N N 306 
PRO HD2  H  N N 307 
PRO HD3  H  N N 308 
PRO HXT  H  N N 309 
SER N    N  N N 310 
SER CA   C  N S 311 
SER C    C  N N 312 
SER O    O  N N 313 
SER CB   C  N N 314 
SER OG   O  N N 315 
SER OXT  O  N N 316 
SER H    H  N N 317 
SER H2   H  N N 318 
SER HA   H  N N 319 
SER HB2  H  N N 320 
SER HB3  H  N N 321 
SER HG   H  N N 322 
SER HXT  H  N N 323 
THR N    N  N N 324 
THR CA   C  N S 325 
THR C    C  N N 326 
THR O    O  N N 327 
THR CB   C  N R 328 
THR OG1  O  N N 329 
THR CG2  C  N N 330 
THR OXT  O  N N 331 
THR H    H  N N 332 
THR H2   H  N N 333 
THR HA   H  N N 334 
THR HB   H  N N 335 
THR HG1  H  N N 336 
THR HG21 H  N N 337 
THR HG22 H  N N 338 
THR HG23 H  N N 339 
THR HXT  H  N N 340 
TRP N    N  N N 341 
TRP CA   C  N S 342 
TRP C    C  N N 343 
TRP O    O  N N 344 
TRP CB   C  N N 345 
TRP CG   C  Y N 346 
TRP CD1  C  Y N 347 
TRP CD2  C  Y N 348 
TRP NE1  N  Y N 349 
TRP CE2  C  Y N 350 
TRP CE3  C  Y N 351 
TRP CZ2  C  Y N 352 
TRP CZ3  C  Y N 353 
TRP CH2  C  Y N 354 
TRP OXT  O  N N 355 
TRP H    H  N N 356 
TRP H2   H  N N 357 
TRP HA   H  N N 358 
TRP HB2  H  N N 359 
TRP HB3  H  N N 360 
TRP HD1  H  N N 361 
TRP HE1  H  N N 362 
TRP HE3  H  N N 363 
TRP HZ2  H  N N 364 
TRP HZ3  H  N N 365 
TRP HH2  H  N N 366 
TRP HXT  H  N N 367 
TYR N    N  N N 368 
TYR CA   C  N S 369 
TYR C    C  N N 370 
TYR O    O  N N 371 
TYR CB   C  N N 372 
TYR CG   C  Y N 373 
TYR CD1  C  Y N 374 
TYR CD2  C  Y N 375 
TYR CE1  C  Y N 376 
TYR CE2  C  Y N 377 
TYR CZ   C  Y N 378 
TYR OH   O  N N 379 
TYR OXT  O  N N 380 
TYR H    H  N N 381 
TYR H2   H  N N 382 
TYR HA   H  N N 383 
TYR HB2  H  N N 384 
TYR HB3  H  N N 385 
TYR HD1  H  N N 386 
TYR HD2  H  N N 387 
TYR HE1  H  N N 388 
TYR HE2  H  N N 389 
TYR HH   H  N N 390 
TYR HXT  H  N N 391 
VAL N    N  N N 392 
VAL CA   C  N S 393 
VAL C    C  N N 394 
VAL O    O  N N 395 
VAL CB   C  N N 396 
VAL CG1  C  N N 397 
VAL CG2  C  N N 398 
VAL OXT  O  N N 399 
VAL H    H  N N 400 
VAL H2   H  N N 401 
VAL HA   H  N N 402 
VAL HB   H  N N 403 
VAL HG11 H  N N 404 
VAL HG12 H  N N 405 
VAL HG13 H  N N 406 
VAL HG21 H  N N 407 
VAL HG22 H  N N 408 
VAL HG23 H  N N 409 
VAL HXT  H  N N 410 
# 
loop_
_chem_comp_bond.comp_id 
_chem_comp_bond.atom_id_1 
_chem_comp_bond.atom_id_2 
_chem_comp_bond.value_order 
_chem_comp_bond.pdbx_aromatic_flag 
_chem_comp_bond.pdbx_stereo_config 
_chem_comp_bond.pdbx_ordinal 
ALA N   CA   sing N N 1   
ALA N   H    sing N N 2   
ALA N   H2   sing N N 3   
ALA CA  C    sing N N 4   
ALA CA  CB   sing N N 5   
ALA CA  HA   sing N N 6   
ALA C   O    doub N N 7   
ALA C   OXT  sing N N 8   
ALA CB  HB1  sing N N 9   
ALA CB  HB2  sing N N 10  
ALA CB  HB3  sing N N 11  
ALA OXT HXT  sing N N 12  
ARG N   CA   sing N N 13  
ARG N   H    sing N N 14  
ARG N   H2   sing N N 15  
ARG CA  C    sing N N 16  
ARG CA  CB   sing N N 17  
ARG CA  HA   sing N N 18  
ARG C   O    doub N N 19  
ARG C   OXT  sing N N 20  
ARG CB  CG   sing N N 21  
ARG CB  HB2  sing N N 22  
ARG CB  HB3  sing N N 23  
ARG CG  CD   sing N N 24  
ARG CG  HG2  sing N N 25  
ARG CG  HG3  sing N N 26  
ARG CD  NE   sing N N 27  
ARG CD  HD2  sing N N 28  
ARG CD  HD3  sing N N 29  
ARG NE  CZ   sing N N 30  
ARG NE  HE   sing N N 31  
ARG CZ  NH1  sing N N 32  
ARG CZ  NH2  doub N N 33  
ARG NH1 HH11 sing N N 34  
ARG NH1 HH12 sing N N 35  
ARG NH2 HH21 sing N N 36  
ARG NH2 HH22 sing N N 37  
ARG OXT HXT  sing N N 38  
ASN N   CA   sing N N 39  
ASN N   H    sing N N 40  
ASN N   H2   sing N N 41  
ASN CA  C    sing N N 42  
ASN CA  CB   sing N N 43  
ASN CA  HA   sing N N 44  
ASN C   O    doub N N 45  
ASN C   OXT  sing N N 46  
ASN CB  CG   sing N N 47  
ASN CB  HB2  sing N N 48  
ASN CB  HB3  sing N N 49  
ASN CG  OD1  doub N N 50  
ASN CG  ND2  sing N N 51  
ASN ND2 HD21 sing N N 52  
ASN ND2 HD22 sing N N 53  
ASN OXT HXT  sing N N 54  
ASP N   CA   sing N N 55  
ASP N   H    sing N N 56  
ASP N   H2   sing N N 57  
ASP CA  C    sing N N 58  
ASP CA  CB   sing N N 59  
ASP CA  HA   sing N N 60  
ASP C   O    doub N N 61  
ASP C   OXT  sing N N 62  
ASP CB  CG   sing N N 63  
ASP CB  HB2  sing N N 64  
ASP CB  HB3  sing N N 65  
ASP CG  OD1  doub N N 66  
ASP CG  OD2  sing N N 67  
ASP OD2 HD2  sing N N 68  
ASP OXT HXT  sing N N 69  
CYS N   CA   sing N N 70  
CYS N   H    sing N N 71  
CYS N   H2   sing N N 72  
CYS CA  C    sing N N 73  
CYS CA  CB   sing N N 74  
CYS CA  HA   sing N N 75  
CYS C   O    doub N N 76  
CYS C   OXT  sing N N 77  
CYS CB  SG   sing N N 78  
CYS CB  HB2  sing N N 79  
CYS CB  HB3  sing N N 80  
CYS SG  HG   sing N N 81  
CYS OXT HXT  sing N N 82  
GLN N   CA   sing N N 83  
GLN N   H    sing N N 84  
GLN N   H2   sing N N 85  
GLN CA  C    sing N N 86  
GLN CA  CB   sing N N 87  
GLN CA  HA   sing N N 88  
GLN C   O    doub N N 89  
GLN C   OXT  sing N N 90  
GLN CB  CG   sing N N 91  
GLN CB  HB2  sing N N 92  
GLN CB  HB3  sing N N 93  
GLN CG  CD   sing N N 94  
GLN CG  HG2  sing N N 95  
GLN CG  HG3  sing N N 96  
GLN CD  OE1  doub N N 97  
GLN CD  NE2  sing N N 98  
GLN NE2 HE21 sing N N 99  
GLN NE2 HE22 sing N N 100 
GLN OXT HXT  sing N N 101 
GLU N   CA   sing N N 102 
GLU N   H    sing N N 103 
GLU N   H2   sing N N 104 
GLU CA  C    sing N N 105 
GLU CA  CB   sing N N 106 
GLU CA  HA   sing N N 107 
GLU C   O    doub N N 108 
GLU C   OXT  sing N N 109 
GLU CB  CG   sing N N 110 
GLU CB  HB2  sing N N 111 
GLU CB  HB3  sing N N 112 
GLU CG  CD   sing N N 113 
GLU CG  HG2  sing N N 114 
GLU CG  HG3  sing N N 115 
GLU CD  OE1  doub N N 116 
GLU CD  OE2  sing N N 117 
GLU OE2 HE2  sing N N 118 
GLU OXT HXT  sing N N 119 
GLY N   CA   sing N N 120 
GLY N   H    sing N N 121 
GLY N   H2   sing N N 122 
GLY CA  C    sing N N 123 
GLY CA  HA2  sing N N 124 
GLY CA  HA3  sing N N 125 
GLY C   O    doub N N 126 
GLY C   OXT  sing N N 127 
GLY OXT HXT  sing N N 128 
HIS N   CA   sing N N 129 
HIS N   H    sing N N 130 
HIS N   H2   sing N N 131 
HIS CA  C    sing N N 132 
HIS CA  CB   sing N N 133 
HIS CA  HA   sing N N 134 
HIS C   O    doub N N 135 
HIS C   OXT  sing N N 136 
HIS CB  CG   sing N N 137 
HIS CB  HB2  sing N N 138 
HIS CB  HB3  sing N N 139 
HIS CG  ND1  sing Y N 140 
HIS CG  CD2  doub Y N 141 
HIS ND1 CE1  doub Y N 142 
HIS ND1 HD1  sing N N 143 
HIS CD2 NE2  sing Y N 144 
HIS CD2 HD2  sing N N 145 
HIS CE1 NE2  sing Y N 146 
HIS CE1 HE1  sing N N 147 
HIS NE2 HE2  sing N N 148 
HIS OXT HXT  sing N N 149 
HOH O   H1   sing N N 150 
HOH O   H2   sing N N 151 
ILE N   CA   sing N N 152 
ILE N   H    sing N N 153 
ILE N   H2   sing N N 154 
ILE CA  C    sing N N 155 
ILE CA  CB   sing N N 156 
ILE CA  HA   sing N N 157 
ILE C   O    doub N N 158 
ILE C   OXT  sing N N 159 
ILE CB  CG1  sing N N 160 
ILE CB  CG2  sing N N 161 
ILE CB  HB   sing N N 162 
ILE CG1 CD1  sing N N 163 
ILE CG1 HG12 sing N N 164 
ILE CG1 HG13 sing N N 165 
ILE CG2 HG21 sing N N 166 
ILE CG2 HG22 sing N N 167 
ILE CG2 HG23 sing N N 168 
ILE CD1 HD11 sing N N 169 
ILE CD1 HD12 sing N N 170 
ILE CD1 HD13 sing N N 171 
ILE OXT HXT  sing N N 172 
LEU N   CA   sing N N 173 
LEU N   H    sing N N 174 
LEU N   H2   sing N N 175 
LEU CA  C    sing N N 176 
LEU CA  CB   sing N N 177 
LEU CA  HA   sing N N 178 
LEU C   O    doub N N 179 
LEU C   OXT  sing N N 180 
LEU CB  CG   sing N N 181 
LEU CB  HB2  sing N N 182 
LEU CB  HB3  sing N N 183 
LEU CG  CD1  sing N N 184 
LEU CG  CD2  sing N N 185 
LEU CG  HG   sing N N 186 
LEU CD1 HD11 sing N N 187 
LEU CD1 HD12 sing N N 188 
LEU CD1 HD13 sing N N 189 
LEU CD2 HD21 sing N N 190 
LEU CD2 HD22 sing N N 191 
LEU CD2 HD23 sing N N 192 
LEU OXT HXT  sing N N 193 
LYS N   CA   sing N N 194 
LYS N   H    sing N N 195 
LYS N   H2   sing N N 196 
LYS CA  C    sing N N 197 
LYS CA  CB   sing N N 198 
LYS CA  HA   sing N N 199 
LYS C   O    doub N N 200 
LYS C   OXT  sing N N 201 
LYS CB  CG   sing N N 202 
LYS CB  HB2  sing N N 203 
LYS CB  HB3  sing N N 204 
LYS CG  CD   sing N N 205 
LYS CG  HG2  sing N N 206 
LYS CG  HG3  sing N N 207 
LYS CD  CE   sing N N 208 
LYS CD  HD2  sing N N 209 
LYS CD  HD3  sing N N 210 
LYS CE  NZ   sing N N 211 
LYS CE  HE2  sing N N 212 
LYS CE  HE3  sing N N 213 
LYS NZ  HZ1  sing N N 214 
LYS NZ  HZ2  sing N N 215 
LYS NZ  HZ3  sing N N 216 
LYS OXT HXT  sing N N 217 
MET N   CA   sing N N 218 
MET N   H    sing N N 219 
MET N   H2   sing N N 220 
MET CA  C    sing N N 221 
MET CA  CB   sing N N 222 
MET CA  HA   sing N N 223 
MET C   O    doub N N 224 
MET C   OXT  sing N N 225 
MET CB  CG   sing N N 226 
MET CB  HB2  sing N N 227 
MET CB  HB3  sing N N 228 
MET CG  SD   sing N N 229 
MET CG  HG2  sing N N 230 
MET CG  HG3  sing N N 231 
MET SD  CE   sing N N 232 
MET CE  HE1  sing N N 233 
MET CE  HE2  sing N N 234 
MET CE  HE3  sing N N 235 
MET OXT HXT  sing N N 236 
MSE N   CA   sing N N 237 
MSE N   H    sing N N 238 
MSE N   H2   sing N N 239 
MSE CA  C    sing N N 240 
MSE CA  CB   sing N N 241 
MSE CA  HA   sing N N 242 
MSE C   O    doub N N 243 
MSE C   OXT  sing N N 244 
MSE OXT HXT  sing N N 245 
MSE CB  CG   sing N N 246 
MSE CB  HB2  sing N N 247 
MSE CB  HB3  sing N N 248 
MSE CG  SE   sing N N 249 
MSE CG  HG2  sing N N 250 
MSE CG  HG3  sing N N 251 
MSE SE  CE   sing N N 252 
MSE CE  HE1  sing N N 253 
MSE CE  HE2  sing N N 254 
MSE CE  HE3  sing N N 255 
PHE N   CA   sing N N 256 
PHE N   H    sing N N 257 
PHE N   H2   sing N N 258 
PHE CA  C    sing N N 259 
PHE CA  CB   sing N N 260 
PHE CA  HA   sing N N 261 
PHE C   O    doub N N 262 
PHE C   OXT  sing N N 263 
PHE CB  CG   sing N N 264 
PHE CB  HB2  sing N N 265 
PHE CB  HB3  sing N N 266 
PHE CG  CD1  doub Y N 267 
PHE CG  CD2  sing Y N 268 
PHE CD1 CE1  sing Y N 269 
PHE CD1 HD1  sing N N 270 
PHE CD2 CE2  doub Y N 271 
PHE CD2 HD2  sing N N 272 
PHE CE1 CZ   doub Y N 273 
PHE CE1 HE1  sing N N 274 
PHE CE2 CZ   sing Y N 275 
PHE CE2 HE2  sing N N 276 
PHE CZ  HZ   sing N N 277 
PHE OXT HXT  sing N N 278 
PRO N   CA   sing N N 279 
PRO N   CD   sing N N 280 
PRO N   H    sing N N 281 
PRO CA  C    sing N N 282 
PRO CA  CB   sing N N 283 
PRO CA  HA   sing N N 284 
PRO C   O    doub N N 285 
PRO C   OXT  sing N N 286 
PRO CB  CG   sing N N 287 
PRO CB  HB2  sing N N 288 
PRO CB  HB3  sing N N 289 
PRO CG  CD   sing N N 290 
PRO CG  HG2  sing N N 291 
PRO CG  HG3  sing N N 292 
PRO CD  HD2  sing N N 293 
PRO CD  HD3  sing N N 294 
PRO OXT HXT  sing N N 295 
SER N   CA   sing N N 296 
SER N   H    sing N N 297 
SER N   H2   sing N N 298 
SER CA  C    sing N N 299 
SER CA  CB   sing N N 300 
SER CA  HA   sing N N 301 
SER C   O    doub N N 302 
SER C   OXT  sing N N 303 
SER CB  OG   sing N N 304 
SER CB  HB2  sing N N 305 
SER CB  HB3  sing N N 306 
SER OG  HG   sing N N 307 
SER OXT HXT  sing N N 308 
THR N   CA   sing N N 309 
THR N   H    sing N N 310 
THR N   H2   sing N N 311 
THR CA  C    sing N N 312 
THR CA  CB   sing N N 313 
THR CA  HA   sing N N 314 
THR C   O    doub N N 315 
THR C   OXT  sing N N 316 
THR CB  OG1  sing N N 317 
THR CB  CG2  sing N N 318 
THR CB  HB   sing N N 319 
THR OG1 HG1  sing N N 320 
THR CG2 HG21 sing N N 321 
THR CG2 HG22 sing N N 322 
THR CG2 HG23 sing N N 323 
THR OXT HXT  sing N N 324 
TRP N   CA   sing N N 325 
TRP N   H    sing N N 326 
TRP N   H2   sing N N 327 
TRP CA  C    sing N N 328 
TRP CA  CB   sing N N 329 
TRP CA  HA   sing N N 330 
TRP C   O    doub N N 331 
TRP C   OXT  sing N N 332 
TRP CB  CG   sing N N 333 
TRP CB  HB2  sing N N 334 
TRP CB  HB3  sing N N 335 
TRP CG  CD1  doub Y N 336 
TRP CG  CD2  sing Y N 337 
TRP CD1 NE1  sing Y N 338 
TRP CD1 HD1  sing N N 339 
TRP CD2 CE2  doub Y N 340 
TRP CD2 CE3  sing Y N 341 
TRP NE1 CE2  sing Y N 342 
TRP NE1 HE1  sing N N 343 
TRP CE2 CZ2  sing Y N 344 
TRP CE3 CZ3  doub Y N 345 
TRP CE3 HE3  sing N N 346 
TRP CZ2 CH2  doub Y N 347 
TRP CZ2 HZ2  sing N N 348 
TRP CZ3 CH2  sing Y N 349 
TRP CZ3 HZ3  sing N N 350 
TRP CH2 HH2  sing N N 351 
TRP OXT HXT  sing N N 352 
TYR N   CA   sing N N 353 
TYR N   H    sing N N 354 
TYR N   H2   sing N N 355 
TYR CA  C    sing N N 356 
TYR CA  CB   sing N N 357 
TYR CA  HA   sing N N 358 
TYR C   O    doub N N 359 
TYR C   OXT  sing N N 360 
TYR CB  CG   sing N N 361 
TYR CB  HB2  sing N N 362 
TYR CB  HB3  sing N N 363 
TYR CG  CD1  doub Y N 364 
TYR CG  CD2  sing Y N 365 
TYR CD1 CE1  sing Y N 366 
TYR CD1 HD1  sing N N 367 
TYR CD2 CE2  doub Y N 368 
TYR CD2 HD2  sing N N 369 
TYR CE1 CZ   doub Y N 370 
TYR CE1 HE1  sing N N 371 
TYR CE2 CZ   sing Y N 372 
TYR CE2 HE2  sing N N 373 
TYR CZ  OH   sing N N 374 
TYR OH  HH   sing N N 375 
TYR OXT HXT  sing N N 376 
VAL N   CA   sing N N 377 
VAL N   H    sing N N 378 
VAL N   H2   sing N N 379 
VAL CA  C    sing N N 380 
VAL CA  CB   sing N N 381 
VAL CA  HA   sing N N 382 
VAL C   O    doub N N 383 
VAL C   OXT  sing N N 384 
VAL CB  CG1  sing N N 385 
VAL CB  CG2  sing N N 386 
VAL CB  HB   sing N N 387 
VAL CG1 HG11 sing N N 388 
VAL CG1 HG12 sing N N 389 
VAL CG1 HG13 sing N N 390 
VAL CG2 HG21 sing N N 391 
VAL CG2 HG22 sing N N 392 
VAL CG2 HG23 sing N N 393 
VAL OXT HXT  sing N N 394 
# 
_atom_sites.entry_id                    2DG7 
_atom_sites.fract_transf_matrix[1][1]   0.00005027 
_atom_sites.fract_transf_matrix[1][2]   0.00362194 
_atom_sites.fract_transf_matrix[1][3]   -0.00901229 
_atom_sites.fract_transf_matrix[2][1]   0.01112133 
_atom_sites.fract_transf_matrix[2][2]   -0.01905078 
_atom_sites.fract_transf_matrix[2][3]   -0.00759426 
_atom_sites.fract_transf_matrix[3][1]   -0.02000900 
_atom_sites.fract_transf_matrix[3][2]   -0.01002944 
_atom_sites.fract_transf_matrix[3][3]   -0.00414232 
_atom_sites.fract_transf_vector[1]      0.368139 
_atom_sites.fract_transf_vector[2]      0.534731 
_atom_sites.fract_transf_vector[3]      0.530040 
# 
loop_
_atom_type.symbol 
C  
N  
O  
S  
SE 
# 
loop_
_atom_site.group_PDB 
_atom_site.id 
_atom_site.type_symbol 
_atom_site.label_atom_id 
_atom_site.label_alt_id 
_atom_site.label_comp_id 
_atom_site.label_asym_id 
_atom_site.label_entity_id 
_atom_site.label_seq_id 
_atom_site.pdbx_PDB_ins_code 
_atom_site.Cartn_x 
_atom_site.Cartn_y 
_atom_site.Cartn_z 
_atom_site.occupancy 
_atom_site.B_iso_or_equiv 
_atom_site.pdbx_formal_charge 
_atom_site.auth_seq_id 
_atom_site.auth_comp_id 
_atom_site.auth_asym_id 
_atom_site.auth_atom_id 
_atom_site.pdbx_PDB_model_num 
HETATM 1    N  N   . MSE A 1 1   ? -18.325 -9.489  14.397  1.00 71.57 ? 1   MSE A N   1 
HETATM 2    C  CA  . MSE A 1 1   ? -17.750 -10.523 13.488  1.00 70.48 ? 1   MSE A CA  1 
HETATM 3    C  C   . MSE A 1 1   ? -16.312 -10.849 13.857  1.00 66.58 ? 1   MSE A C   1 
HETATM 4    O  O   . MSE A 1 1   ? -15.911 -12.012 13.854  1.00 67.64 ? 1   MSE A O   1 
HETATM 5    C  CB  . MSE A 1 1   ? -17.821 -10.046 12.035  1.00 74.52 ? 1   MSE A CB  1 
HETATM 6    C  CG  . MSE A 1 1   ? -19.238 -9.935  11.515  1.00 78.87 ? 1   MSE A CG  1 
HETATM 7    SE SE  . MSE A 1 1   ? -20.086 -11.649 11.328  1.00 86.50 ? 1   MSE A SE  1 
HETATM 8    C  CE  . MSE A 1 1   ? -21.114 -11.278 9.730   1.00 84.81 ? 1   MSE A CE  1 
ATOM   9    N  N   . ALA A 1 2   ? -15.539 -9.820  14.182  1.00 61.04 ? 2   ALA A N   1 
ATOM   10   C  CA  . ALA A 1 2   ? -14.146 -10.009 14.550  1.00 55.61 ? 2   ALA A CA  1 
ATOM   11   C  C   . ALA A 1 2   ? -13.917 -9.738  16.032  1.00 52.35 ? 2   ALA A C   1 
ATOM   12   O  O   . ALA A 1 2   ? -12.847 -10.033 16.564  1.00 49.71 ? 2   ALA A O   1 
ATOM   13   C  CB  . ALA A 1 2   ? -13.266 -9.113  13.711  1.00 55.32 ? 2   ALA A CB  1 
ATOM   14   N  N   . ARG A 1 3   ? -14.921 -9.179  16.699  1.00 49.24 ? 3   ARG A N   1 
ATOM   15   C  CA  . ARG A 1 3   ? -14.807 -8.895  18.124  1.00 46.89 ? 3   ARG A CA  1 
ATOM   16   C  C   . ARG A 1 3   ? -14.644 -10.226 18.851  1.00 43.91 ? 3   ARG A C   1 
ATOM   17   O  O   . ARG A 1 3   ? -13.859 -10.343 19.792  1.00 41.66 ? 3   ARG A O   1 
ATOM   18   C  CB  . ARG A 1 3   ? -16.061 -8.171  18.622  1.00 48.03 ? 3   ARG A CB  1 
ATOM   19   C  CG  . ARG A 1 3   ? -15.968 -7.666  20.053  1.00 48.94 ? 3   ARG A CG  1 
ATOM   20   C  CD  . ARG A 1 3   ? -17.127 -6.732  20.383  1.00 51.44 ? 3   ARG A CD  1 
ATOM   21   N  NE  . ARG A 1 3   ? -18.419 -7.413  20.368  1.00 49.86 ? 3   ARG A NE  1 
ATOM   22   C  CZ  . ARG A 1 3   ? -18.868 -8.190  21.348  1.00 50.72 ? 3   ARG A CZ  1 
ATOM   23   N  NH1 . ARG A 1 3   ? -20.055 -8.772  21.242  1.00 48.63 ? 3   ARG A NH1 1 
ATOM   24   N  NH2 . ARG A 1 3   ? -18.138 -8.373  22.439  1.00 48.92 ? 3   ARG A NH2 1 
ATOM   25   N  N   . TRP A 1 4   ? -15.383 -11.228 18.384  1.00 41.35 ? 4   TRP A N   1 
ATOM   26   C  CA  . TRP A 1 4   ? -15.346 -12.568 18.960  1.00 40.79 ? 4   TRP A CA  1 
ATOM   27   C  C   . TRP A 1 4   ? -14.432 -13.471 18.136  1.00 38.44 ? 4   TRP A C   1 
ATOM   28   O  O   . TRP A 1 4   ? -14.363 -14.678 18.360  1.00 37.58 ? 4   TRP A O   1 
ATOM   29   C  CB  . TRP A 1 4   ? -16.760 -13.151 18.993  1.00 42.94 ? 4   TRP A CB  1 
ATOM   30   C  CG  . TRP A 1 4   ? -17.446 -13.088 17.663  1.00 45.91 ? 4   TRP A CG  1 
ATOM   31   C  CD1 . TRP A 1 4   ? -17.124 -13.793 16.539  1.00 45.50 ? 4   TRP A CD1 1 
ATOM   32   C  CD2 . TRP A 1 4   ? -18.560 -12.259 17.311  1.00 47.39 ? 4   TRP A CD2 1 
ATOM   33   N  NE1 . TRP A 1 4   ? -17.967 -13.454 15.508  1.00 46.78 ? 4   TRP A NE1 1 
ATOM   34   C  CE2 . TRP A 1 4   ? -18.860 -12.514 15.955  1.00 47.86 ? 4   TRP A CE2 1 
ATOM   35   C  CE3 . TRP A 1 4   ? -19.335 -11.322 18.011  1.00 48.04 ? 4   TRP A CE3 1 
ATOM   36   C  CZ2 . TRP A 1 4   ? -19.904 -11.870 15.282  1.00 49.42 ? 4   TRP A CZ2 1 
ATOM   37   C  CZ3 . TRP A 1 4   ? -20.375 -10.680 17.341  1.00 49.89 ? 4   TRP A CZ3 1 
ATOM   38   C  CH2 . TRP A 1 4   ? -20.648 -10.958 15.989  1.00 49.81 ? 4   TRP A CH2 1 
ATOM   39   N  N   . ASP A 1 5   ? -13.737 -12.864 17.180  1.00 36.98 ? 5   ASP A N   1 
ATOM   40   C  CA  . ASP A 1 5   ? -12.812 -13.576 16.305  1.00 33.93 ? 5   ASP A CA  1 
ATOM   41   C  C   . ASP A 1 5   ? -11.927 -12.521 15.641  1.00 32.68 ? 5   ASP A C   1 
ATOM   42   O  O   . ASP A 1 5   ? -12.085 -12.213 14.463  1.00 30.15 ? 5   ASP A O   1 
ATOM   43   C  CB  . ASP A 1 5   ? -13.591 -14.366 15.246  1.00 33.89 ? 5   ASP A CB  1 
ATOM   44   C  CG  . ASP A 1 5   ? -12.688 -15.169 14.330  1.00 33.25 ? 5   ASP A CG  1 
ATOM   45   O  OD1 . ASP A 1 5   ? -11.473 -15.249 14.611  1.00 33.86 ? 5   ASP A OD1 1 
ATOM   46   O  OD2 . ASP A 1 5   ? -13.192 -15.725 13.334  1.00 31.18 ? 5   ASP A OD2 1 
ATOM   47   N  N   . PRO A 1 6   ? -10.985 -11.946 16.403  1.00 32.22 ? 6   PRO A N   1 
ATOM   48   C  CA  . PRO A 1 6   ? -10.067 -10.914 15.906  1.00 30.94 ? 6   PRO A CA  1 
ATOM   49   C  C   . PRO A 1 6   ? -9.158  -11.305 14.747  1.00 30.10 ? 6   PRO A C   1 
ATOM   50   O  O   . PRO A 1 6   ? -8.690  -10.440 14.008  1.00 29.89 ? 6   PRO A O   1 
ATOM   51   C  CB  . PRO A 1 6   ? -9.289  -10.515 17.159  1.00 32.21 ? 6   PRO A CB  1 
ATOM   52   C  CG  . PRO A 1 6   ? -9.333  -11.747 17.998  1.00 34.67 ? 6   PRO A CG  1 
ATOM   53   C  CD  . PRO A 1 6   ? -10.749 -12.208 17.832  1.00 32.47 ? 6   PRO A CD  1 
ATOM   54   N  N   . GLY A 1 7   ? -8.913  -12.601 14.580  1.00 29.56 ? 7   GLY A N   1 
ATOM   55   C  CA  . GLY A 1 7   ? -8.058  -13.041 13.490  1.00 29.35 ? 7   GLY A CA  1 
ATOM   56   C  C   . GLY A 1 7   ? -8.789  -13.210 12.167  1.00 28.99 ? 7   GLY A C   1 
ATOM   57   O  O   . GLY A 1 7   ? -8.174  -13.496 11.140  1.00 28.56 ? 7   GLY A O   1 
ATOM   58   N  N   . ALA A 1 8   ? -10.103 -13.018 12.198  1.00 26.98 ? 8   ALA A N   1 
ATOM   59   C  CA  . ALA A 1 8   ? -10.947 -13.161 11.016  1.00 30.45 ? 8   ALA A CA  1 
ATOM   60   C  C   . ALA A 1 8   ? -10.417 -12.486 9.749   1.00 30.59 ? 8   ALA A C   1 
ATOM   61   O  O   . ALA A 1 8   ? -10.193 -13.149 8.737   1.00 32.48 ? 8   ALA A O   1 
ATOM   62   C  CB  . ALA A 1 8   ? -12.352 -12.651 11.321  1.00 29.69 ? 8   ALA A CB  1 
ATOM   63   N  N   . GLU A 1 9   ? -10.221 -11.171 9.803   1.00 32.15 ? 9   GLU A N   1 
ATOM   64   C  CA  . GLU A 1 9   ? -9.737  -10.424 8.646   1.00 32.70 ? 9   GLU A CA  1 
ATOM   65   C  C   . GLU A 1 9   ? -8.414  -10.973 8.128   1.00 30.65 ? 9   GLU A C   1 
ATOM   66   O  O   . GLU A 1 9   ? -8.235  -11.153 6.921   1.00 29.77 ? 9   GLU A O   1 
ATOM   67   C  CB  . GLU A 1 9   ? -9.560  -8.947  8.995   1.00 35.85 ? 9   GLU A CB  1 
ATOM   68   C  CG  . GLU A 1 9   ? -9.384  -8.050  7.775   1.00 40.62 ? 9   GLU A CG  1 
ATOM   69   C  CD  . GLU A 1 9   ? -9.004  -6.625  8.135   1.00 44.64 ? 9   GLU A CD  1 
ATOM   70   O  OE1 . GLU A 1 9   ? -9.635  -6.056  9.049   1.00 46.16 ? 9   GLU A OE1 1 
ATOM   71   O  OE2 . GLU A 1 9   ? -8.083  -6.071  7.498   1.00 47.35 ? 9   GLU A OE2 1 
ATOM   72   N  N   . GLN A 1 10  ? -7.486  -11.233 9.042   1.00 30.52 ? 10  GLN A N   1 
ATOM   73   C  CA  . GLN A 1 10  ? -6.179  -11.758 8.674   1.00 30.71 ? 10  GLN A CA  1 
ATOM   74   C  C   . GLN A 1 10  ? -6.312  -13.105 7.969   1.00 28.73 ? 10  GLN A C   1 
ATOM   75   O  O   . GLN A 1 10  ? -5.665  -13.347 6.949   1.00 29.88 ? 10  GLN A O   1 
ATOM   76   C  CB  . GLN A 1 10  ? -5.294  -11.913 9.916   1.00 35.82 ? 10  GLN A CB  1 
ATOM   77   C  CG  . GLN A 1 10  ? -3.866  -12.351 9.603   1.00 41.37 ? 10  GLN A CG  1 
ATOM   78   C  CD  . GLN A 1 10  ? -3.057  -11.270 8.897   1.00 48.00 ? 10  GLN A CD  1 
ATOM   79   O  OE1 . GLN A 1 10  ? -1.957  -11.525 8.401   1.00 51.80 ? 10  GLN A OE1 1 
ATOM   80   N  NE2 . GLN A 1 10  ? -3.594  -10.054 8.861   1.00 49.56 ? 10  GLN A NE2 1 
ATOM   81   N  N   . ARG A 1 11  ? -7.146  -13.984 8.516   1.00 26.93 ? 11  ARG A N   1 
ATOM   82   C  CA  . ARG A 1 11  ? -7.338  -15.293 7.912   1.00 25.60 ? 11  ARG A CA  1 
ATOM   83   C  C   . ARG A 1 11  ? -7.955  -15.137 6.527   1.00 24.73 ? 11  ARG A C   1 
ATOM   84   O  O   . ARG A 1 11  ? -7.638  -15.898 5.613   1.00 25.52 ? 11  ARG A O   1 
ATOM   85   C  CB  . ARG A 1 11  ? -8.218  -16.183 8.800   1.00 24.47 ? 11  ARG A CB  1 
ATOM   86   C  CG  . ARG A 1 11  ? -7.603  -16.507 10.163  1.00 24.72 ? 11  ARG A CG  1 
ATOM   87   C  CD  . ARG A 1 11  ? -8.162  -17.804 10.735  1.00 21.52 ? 11  ARG A CD  1 
ATOM   88   N  NE  . ARG A 1 11  ? -9.620  -17.793 10.800  1.00 23.50 ? 11  ARG A NE  1 
ATOM   89   C  CZ  . ARG A 1 11  ? -10.325 -17.138 11.718  1.00 22.60 ? 11  ARG A CZ  1 
ATOM   90   N  NH1 . ARG A 1 11  ? -11.649 -17.184 11.693  1.00 22.68 ? 11  ARG A NH1 1 
ATOM   91   N  NH2 . ARG A 1 11  ? -9.705  -16.447 12.666  1.00 22.92 ? 11  ARG A NH2 1 
ATOM   92   N  N   . LEU A 1 12  ? -8.832  -14.149 6.376   1.00 24.51 ? 12  LEU A N   1 
ATOM   93   C  CA  . LEU A 1 12  ? -9.470  -13.889 5.089   1.00 26.08 ? 12  LEU A CA  1 
ATOM   94   C  C   . LEU A 1 12  ? -8.428  -13.413 4.079   1.00 25.22 ? 12  LEU A C   1 
ATOM   95   O  O   . LEU A 1 12  ? -8.384  -13.890 2.947   1.00 24.85 ? 12  LEU A O   1 
ATOM   96   C  CB  . LEU A 1 12  ? -10.561 -12.824 5.233   1.00 26.56 ? 12  LEU A CB  1 
ATOM   97   C  CG  . LEU A 1 12  ? -11.892 -13.239 5.862   1.00 27.03 ? 12  LEU A CG  1 
ATOM   98   C  CD1 . LEU A 1 12  ? -12.762 -12.007 6.054   1.00 27.44 ? 12  LEU A CD1 1 
ATOM   99   C  CD2 . LEU A 1 12  ? -12.594 -14.254 4.972   1.00 24.90 ? 12  LEU A CD2 1 
ATOM   100  N  N   . LYS A 1 13  ? -7.591  -12.472 4.501   1.00 27.24 ? 13  LYS A N   1 
ATOM   101  C  CA  . LYS A 1 13  ? -6.551  -11.932 3.637   1.00 29.54 ? 13  LYS A CA  1 
ATOM   102  C  C   . LYS A 1 13  ? -5.557  -13.013 3.231   1.00 30.40 ? 13  LYS A C   1 
ATOM   103  O  O   . LYS A 1 13  ? -5.112  -13.052 2.084   1.00 32.16 ? 13  LYS A O   1 
ATOM   104  C  CB  . LYS A 1 13  ? -5.836  -10.778 4.345   1.00 31.10 ? 13  LYS A CB  1 
ATOM   105  C  CG  . LYS A 1 13  ? -6.734  -9.565  4.552   1.00 32.57 ? 13  LYS A CG  1 
ATOM   106  C  CD  . LYS A 1 13  ? -6.067  -8.483  5.391   1.00 34.64 ? 13  LYS A CD  1 
ATOM   107  C  CE  . LYS A 1 13  ? -4.796  -7.968  4.732   1.00 39.47 ? 13  LYS A CE  1 
ATOM   108  N  NZ  . LYS A 1 13  ? -5.054  -7.449  3.356   1.00 42.18 ? 13  LYS A NZ  1 
ATOM   109  N  N   . ARG A 1 14  ? -5.211  -13.891 4.169   1.00 31.04 ? 14  ARG A N   1 
ATOM   110  C  CA  . ARG A 1 14  ? -4.286  -14.979 3.877   1.00 33.64 ? 14  ARG A CA  1 
ATOM   111  C  C   . ARG A 1 14  ? -4.952  -15.991 2.951   1.00 33.57 ? 14  ARG A C   1 
ATOM   112  O  O   . ARG A 1 14  ? -4.348  -16.453 1.984   1.00 34.35 ? 14  ARG A O   1 
ATOM   113  C  CB  . ARG A 1 14  ? -3.840  -15.671 5.169   1.00 37.02 ? 14  ARG A CB  1 
ATOM   114  C  CG  . ARG A 1 14  ? -3.290  -17.080 4.964   1.00 43.04 ? 14  ARG A CG  1 
ATOM   115  C  CD  . ARG A 1 14  ? -2.536  -17.567 6.187   1.00 48.09 ? 14  ARG A CD  1 
ATOM   116  N  NE  . ARG A 1 14  ? -1.162  -17.077 6.204   1.00 52.99 ? 14  ARG A NE  1 
ATOM   117  C  CZ  . ARG A 1 14  ? -0.578  -16.513 7.254   1.00 55.86 ? 14  ARG A CZ  1 
ATOM   118  N  NH1 . ARG A 1 14  ? 0.680   -16.104 7.170   1.00 56.82 ? 14  ARG A NH1 1 
ATOM   119  N  NH2 . ARG A 1 14  ? -1.253  -16.351 8.382   1.00 56.63 ? 14  ARG A NH2 1 
ATOM   120  N  N   . ALA A 1 15  ? -6.201  -16.330 3.253   1.00 30.96 ? 15  ALA A N   1 
ATOM   121  C  CA  . ALA A 1 15  ? -6.948  -17.282 2.441   1.00 31.35 ? 15  ALA A CA  1 
ATOM   122  C  C   . ALA A 1 15  ? -7.026  -16.788 1.001   1.00 32.62 ? 15  ALA A C   1 
ATOM   123  O  O   . ALA A 1 15  ? -6.814  -17.544 0.057   1.00 31.34 ? 15  ALA A O   1 
ATOM   124  C  CB  . ALA A 1 15  ? -8.350  -17.470 3.009   1.00 29.56 ? 15  ALA A CB  1 
ATOM   125  N  N   . ALA A 1 16  ? -7.318  -15.503 0.843   1.00 32.81 ? 16  ALA A N   1 
ATOM   126  C  CA  . ALA A 1 16  ? -7.421  -14.907 -0.484  1.00 33.43 ? 16  ALA A CA  1 
ATOM   127  C  C   . ALA A 1 16  ? -6.131  -15.099 -1.273  1.00 32.98 ? 16  ALA A C   1 
ATOM   128  O  O   . ALA A 1 16  ? -6.151  -15.558 -2.415  1.00 30.82 ? 16  ALA A O   1 
ATOM   129  C  CB  . ALA A 1 16  ? -7.742  -13.424 -0.365  1.00 31.61 ? 16  ALA A CB  1 
ATOM   130  N  N   . LEU A 1 17  ? -5.007  -14.752 -0.656  1.00 34.41 ? 17  LEU A N   1 
ATOM   131  C  CA  . LEU A 1 17  ? -3.712  -14.885 -1.313  1.00 36.67 ? 17  LEU A CA  1 
ATOM   132  C  C   . LEU A 1 17  ? -3.410  -16.320 -1.722  1.00 37.83 ? 17  LEU A C   1 
ATOM   133  O  O   . LEU A 1 17  ? -2.874  -16.566 -2.803  1.00 38.44 ? 17  LEU A O   1 
ATOM   134  C  CB  . LEU A 1 17  ? -2.598  -14.364 -0.402  1.00 36.68 ? 17  LEU A CB  1 
ATOM   135  C  CG  . LEU A 1 17  ? -2.689  -12.879 -0.032  1.00 38.47 ? 17  LEU A CG  1 
ATOM   136  C  CD1 . LEU A 1 17  ? -1.472  -12.474 0.786   1.00 38.23 ? 17  LEU A CD1 1 
ATOM   137  C  CD2 . LEU A 1 17  ? -2.772  -12.042 -1.301  1.00 41.90 ? 17  LEU A CD2 1 
ATOM   138  N  N   . GLU A 1 18  ? -3.752  -17.268 -0.856  1.00 37.49 ? 18  GLU A N   1 
ATOM   139  C  CA  . GLU A 1 18  ? -3.508  -18.674 -1.143  1.00 39.00 ? 18  GLU A CA  1 
ATOM   140  C  C   . GLU A 1 18  ? -4.410  -19.188 -2.269  1.00 38.61 ? 18  GLU A C   1 
ATOM   141  O  O   . GLU A 1 18  ? -3.943  -19.881 -3.171  1.00 38.69 ? 18  GLU A O   1 
ATOM   142  C  CB  . GLU A 1 18  ? -3.698  -19.512 0.125   1.00 37.57 ? 18  GLU A CB  1 
ATOM   143  C  CG  . GLU A 1 18  ? -2.888  -19.004 1.310   1.00 41.79 ? 18  GLU A CG  1 
ATOM   144  C  CD  . GLU A 1 18  ? -2.901  -19.954 2.490   1.00 43.21 ? 18  GLU A CD  1 
ATOM   145  O  OE1 . GLU A 1 18  ? -3.993  -20.440 2.853   1.00 42.92 ? 18  GLU A OE1 1 
ATOM   146  O  OE2 . GLU A 1 18  ? -1.817  -20.205 3.060   1.00 44.83 ? 18  GLU A OE2 1 
ATOM   147  N  N   . LEU A 1 19  ? -5.694  -18.841 -2.223  1.00 38.21 ? 19  LEU A N   1 
ATOM   148  C  CA  . LEU A 1 19  ? -6.624  -19.277 -3.259  1.00 37.83 ? 19  LEU A CA  1 
ATOM   149  C  C   . LEU A 1 19  ? -6.299  -18.622 -4.599  1.00 39.17 ? 19  LEU A C   1 
ATOM   150  O  O   . LEU A 1 19  ? -6.344  -19.277 -5.640  1.00 39.67 ? 19  LEU A O   1 
ATOM   151  C  CB  . LEU A 1 19  ? -8.073  -18.966 -2.865  1.00 38.03 ? 19  LEU A CB  1 
ATOM   152  C  CG  . LEU A 1 19  ? -8.799  -19.935 -1.922  1.00 38.24 ? 19  LEU A CG  1 
ATOM   153  C  CD1 . LEU A 1 19  ? -8.575  -21.368 -2.395  1.00 38.90 ? 19  LEU A CD1 1 
ATOM   154  C  CD2 . LEU A 1 19  ? -8.300  -19.771 -0.509  1.00 40.11 ? 19  LEU A CD2 1 
ATOM   155  N  N   . TYR A 1 20  ? -5.975  -17.333 -4.572  1.00 38.40 ? 20  TYR A N   1 
ATOM   156  C  CA  . TYR A 1 20  ? -5.631  -16.618 -5.796  1.00 38.43 ? 20  TYR A CA  1 
ATOM   157  C  C   . TYR A 1 20  ? -4.330  -17.185 -6.361  1.00 40.75 ? 20  TYR A C   1 
ATOM   158  O  O   . TYR A 1 20  ? -4.107  -17.162 -7.570  1.00 40.99 ? 20  TYR A O   1 
ATOM   159  C  CB  . TYR A 1 20  ? -5.485  -15.116 -5.517  1.00 34.96 ? 20  TYR A CB  1 
ATOM   160  C  CG  . TYR A 1 20  ? -6.793  -14.412 -5.202  1.00 30.66 ? 20  TYR A CG  1 
ATOM   161  C  CD1 . TYR A 1 20  ? -6.801  -13.162 -4.571  1.00 26.82 ? 20  TYR A CD1 1 
ATOM   162  C  CD2 . TYR A 1 20  ? -8.021  -14.991 -5.538  1.00 28.46 ? 20  TYR A CD2 1 
ATOM   163  C  CE1 . TYR A 1 20  ? -8.001  -12.512 -4.279  1.00 26.57 ? 20  TYR A CE1 1 
ATOM   164  C  CE2 . TYR A 1 20  ? -9.224  -14.349 -5.255  1.00 27.58 ? 20  TYR A CE2 1 
ATOM   165  C  CZ  . TYR A 1 20  ? -9.208  -13.111 -4.625  1.00 29.56 ? 20  TYR A CZ  1 
ATOM   166  O  OH  . TYR A 1 20  ? -10.394 -12.479 -4.331  1.00 27.10 ? 20  TYR A OH  1 
ATOM   167  N  N   . SER A 1 21  ? -3.479  -17.700 -5.476  1.00 42.19 ? 21  SER A N   1 
ATOM   168  C  CA  . SER A 1 21  ? -2.206  -18.293 -5.878  1.00 46.00 ? 21  SER A CA  1 
ATOM   169  C  C   . SER A 1 21  ? -2.422  -19.692 -6.447  1.00 48.64 ? 21  SER A C   1 
ATOM   170  O  O   . SER A 1 21  ? -1.952  -20.000 -7.544  1.00 50.49 ? 21  SER A O   1 
ATOM   171  C  CB  . SER A 1 21  ? -1.244  -18.366 -4.689  1.00 45.81 ? 21  SER A CB  1 
ATOM   172  O  OG  . SER A 1 21  ? -0.729  -17.085 -4.371  1.00 45.66 ? 21  SER A OG  1 
ATOM   173  N  N   . GLU A 1 22  ? -3.121  -20.538 -5.696  1.00 50.94 ? 22  GLU A N   1 
ATOM   174  C  CA  . GLU A 1 22  ? -3.412  -21.891 -6.148  1.00 52.96 ? 22  GLU A CA  1 
ATOM   175  C  C   . GLU A 1 22  ? -4.120  -21.771 -7.485  1.00 53.66 ? 22  GLU A C   1 
ATOM   176  O  O   . GLU A 1 22  ? -3.499  -21.904 -8.537  1.00 55.06 ? 22  GLU A O   1 
ATOM   177  C  CB  . GLU A 1 22  ? -4.307  -22.602 -5.133  1.00 54.71 ? 22  GLU A CB  1 
ATOM   178  C  CG  . GLU A 1 22  ? -3.549  -23.219 -3.969  1.00 57.57 ? 22  GLU A CG  1 
ATOM   179  C  CD  . GLU A 1 22  ? -4.312  -23.138 -2.662  1.00 60.13 ? 22  GLU A CD  1 
ATOM   180  O  OE1 . GLU A 1 22  ? -5.528  -23.427 -2.657  1.00 59.41 ? 22  GLU A OE1 1 
ATOM   181  O  OE2 . GLU A 1 22  ? -3.687  -22.790 -1.636  1.00 59.50 ? 22  GLU A OE2 1 
ATOM   182  N  N   . HIS A 1 23  ? -5.420  -21.506 -7.444  1.00 51.86 ? 23  HIS A N   1 
ATOM   183  C  CA  . HIS A 1 23  ? -6.174  -21.327 -8.673  1.00 51.87 ? 23  HIS A CA  1 
ATOM   184  C  C   . HIS A 1 23  ? -5.765  -19.957 -9.193  1.00 50.84 ? 23  HIS A C   1 
ATOM   185  O  O   . HIS A 1 23  ? -4.622  -19.532 -9.017  1.00 52.88 ? 23  HIS A O   1 
ATOM   186  C  CB  . HIS A 1 23  ? -7.680  -21.334 -8.398  1.00 53.28 ? 23  HIS A CB  1 
ATOM   187  C  CG  . HIS A 1 23  ? -8.151  -22.528 -7.634  1.00 54.62 ? 23  HIS A CG  1 
ATOM   188  N  ND1 . HIS A 1 23  ? -7.905  -22.695 -6.288  1.00 55.36 ? 23  HIS A ND1 1 
ATOM   189  C  CD2 . HIS A 1 23  ? -8.834  -23.629 -8.030  1.00 54.61 ? 23  HIS A CD2 1 
ATOM   190  C  CE1 . HIS A 1 23  ? -8.414  -23.847 -5.889  1.00 56.09 ? 23  HIS A CE1 1 
ATOM   191  N  NE2 . HIS A 1 23  ? -8.983  -24.432 -6.928  1.00 56.38 ? 23  HIS A NE2 1 
ATOM   192  N  N   . GLY A 1 24  ? -6.703  -19.265 -9.824  1.00 48.76 ? 24  GLY A N   1 
ATOM   193  C  CA  . GLY A 1 24  ? -6.422  -17.940 -10.338 1.00 45.23 ? 24  GLY A CA  1 
ATOM   194  C  C   . GLY A 1 24  ? -7.443  -16.968 -9.788  1.00 43.45 ? 24  GLY A C   1 
ATOM   195  O  O   . GLY A 1 24  ? -8.503  -17.377 -9.315  1.00 42.69 ? 24  GLY A O   1 
ATOM   196  N  N   . TYR A 1 25  ? -7.131  -15.678 -9.845  1.00 42.29 ? 25  TYR A N   1 
ATOM   197  C  CA  . TYR A 1 25  ? -8.041  -14.654 -9.348  1.00 39.73 ? 25  TYR A CA  1 
ATOM   198  C  C   . TYR A 1 25  ? -9.453  -14.859 -9.895  1.00 39.27 ? 25  TYR A C   1 
ATOM   199  O  O   . TYR A 1 25  ? -10.425 -14.819 -9.145  1.00 36.91 ? 25  TYR A O   1 
ATOM   200  C  CB  . TYR A 1 25  ? -7.534  -13.267 -9.747  1.00 38.98 ? 25  TYR A CB  1 
ATOM   201  C  CG  . TYR A 1 25  ? -8.431  -12.131 -9.315  1.00 39.57 ? 25  TYR A CG  1 
ATOM   202  C  CD1 . TYR A 1 25  ? -8.482  -11.725 -7.980  1.00 37.05 ? 25  TYR A CD1 1 
ATOM   203  C  CD2 . TYR A 1 25  ? -9.237  -11.465 -10.240 1.00 37.62 ? 25  TYR A CD2 1 
ATOM   204  C  CE1 . TYR A 1 25  ? -9.308  -10.678 -7.577  1.00 36.40 ? 25  TYR A CE1 1 
ATOM   205  C  CE2 . TYR A 1 25  ? -10.066 -10.419 -9.850  1.00 39.62 ? 25  TYR A CE2 1 
ATOM   206  C  CZ  . TYR A 1 25  ? -10.099 -10.030 -8.517  1.00 39.74 ? 25  TYR A CZ  1 
ATOM   207  O  OH  . TYR A 1 25  ? -10.912 -8.990  -8.130  1.00 38.80 ? 25  TYR A OH  1 
ATOM   208  N  N   . ASP A 1 26  ? -9.554  -15.088 -11.202 1.00 40.81 ? 26  ASP A N   1 
ATOM   209  C  CA  . ASP A 1 26  ? -10.838 -15.284 -11.872 1.00 41.40 ? 26  ASP A CA  1 
ATOM   210  C  C   . ASP A 1 26  ? -11.562 -16.577 -11.503 1.00 42.17 ? 26  ASP A C   1 
ATOM   211  O  O   . ASP A 1 26  ? -12.740 -16.737 -11.817 1.00 42.94 ? 26  ASP A O   1 
ATOM   212  C  CB  . ASP A 1 26  ? -10.644 -15.256 -13.393 1.00 43.84 ? 26  ASP A CB  1 
ATOM   213  C  CG  . ASP A 1 26  ? -10.161 -13.912 -13.901 1.00 47.03 ? 26  ASP A CG  1 
ATOM   214  O  OD1 . ASP A 1 26  ? -9.906  -13.793 -15.118 1.00 49.05 ? 26  ASP A OD1 1 
ATOM   215  O  OD2 . ASP A 1 26  ? -10.040 -12.972 -13.087 1.00 50.23 ? 26  ASP A OD2 1 
ATOM   216  N  N   . ASN A 1 27  ? -10.865 -17.498 -10.844 1.00 41.97 ? 27  ASN A N   1 
ATOM   217  C  CA  . ASN A 1 27  ? -11.456 -18.785 -10.483 1.00 43.70 ? 27  ASN A CA  1 
ATOM   218  C  C   . ASN A 1 27  ? -11.866 -18.928 -9.019  1.00 42.32 ? 27  ASN A C   1 
ATOM   219  O  O   . ASN A 1 27  ? -12.318 -19.993 -8.598  1.00 43.29 ? 27  ASN A O   1 
ATOM   220  C  CB  . ASN A 1 27  ? -10.477 -19.906 -10.840 1.00 44.08 ? 27  ASN A CB  1 
ATOM   221  C  CG  . ASN A 1 27  ? -10.151 -19.944 -12.322 1.00 45.94 ? 27  ASN A CG  1 
ATOM   222  O  OD1 . ASN A 1 27  ? -9.009  -20.188 -12.713 1.00 46.12 ? 27  ASN A OD1 1 
ATOM   223  N  ND2 . ASN A 1 27  ? -11.160 -19.715 -13.155 1.00 46.20 ? 27  ASN A ND2 1 
ATOM   224  N  N   . VAL A 1 28  ? -11.716 -17.859 -8.246  1.00 41.10 ? 28  VAL A N   1 
ATOM   225  C  CA  . VAL A 1 28  ? -12.059 -17.897 -6.825  1.00 37.53 ? 28  VAL A CA  1 
ATOM   226  C  C   . VAL A 1 28  ? -13.199 -16.941 -6.461  1.00 36.93 ? 28  VAL A C   1 
ATOM   227  O  O   . VAL A 1 28  ? -13.308 -15.851 -7.018  1.00 37.58 ? 28  VAL A O   1 
ATOM   228  C  CB  . VAL A 1 28  ? -10.823 -17.555 -5.960  1.00 35.93 ? 28  VAL A CB  1 
ATOM   229  C  CG1 . VAL A 1 28  ? -11.169 -17.652 -4.483  1.00 33.87 ? 28  VAL A CG1 1 
ATOM   230  C  CG2 . VAL A 1 28  ? -9.674  -18.494 -6.299  1.00 34.94 ? 28  VAL A CG2 1 
ATOM   231  N  N   . THR A 1 29  ? -14.046 -17.357 -5.523  1.00 35.15 ? 29  THR A N   1 
ATOM   232  C  CA  . THR A 1 29  ? -15.168 -16.534 -5.073  1.00 35.58 ? 29  THR A CA  1 
ATOM   233  C  C   . THR A 1 29  ? -15.000 -16.207 -3.597  1.00 35.05 ? 29  THR A C   1 
ATOM   234  O  O   . THR A 1 29  ? -14.219 -16.850 -2.898  1.00 35.08 ? 29  THR A O   1 
ATOM   235  C  CB  . THR A 1 29  ? -16.520 -17.260 -5.252  1.00 37.06 ? 29  THR A CB  1 
ATOM   236  O  OG1 . THR A 1 29  ? -16.562 -18.417 -4.404  1.00 35.10 ? 29  THR A OG1 1 
ATOM   237  C  CG2 . THR A 1 29  ? -16.708 -17.683 -6.705  1.00 35.33 ? 29  THR A CG2 1 
ATOM   238  N  N   . VAL A 1 30  ? -15.736 -15.208 -3.121  1.00 34.49 ? 30  VAL A N   1 
ATOM   239  C  CA  . VAL A 1 30  ? -15.650 -14.818 -1.719  1.00 34.89 ? 30  VAL A CA  1 
ATOM   240  C  C   . VAL A 1 30  ? -16.061 -15.960 -0.796  1.00 35.98 ? 30  VAL A C   1 
ATOM   241  O  O   . VAL A 1 30  ? -15.609 -16.035 0.346   1.00 35.79 ? 30  VAL A O   1 
ATOM   242  C  CB  . VAL A 1 30  ? -16.528 -13.583 -1.415  1.00 36.27 ? 30  VAL A CB  1 
ATOM   243  C  CG1 . VAL A 1 30  ? -16.087 -12.418 -2.280  1.00 36.75 ? 30  VAL A CG1 1 
ATOM   244  C  CG2 . VAL A 1 30  ? -17.990 -13.907 -1.651  1.00 36.99 ? 30  VAL A CG2 1 
ATOM   245  N  N   . THR A 1 31  ? -16.915 -16.852 -1.291  1.00 34.86 ? 31  THR A N   1 
ATOM   246  C  CA  . THR A 1 31  ? -17.348 -17.984 -0.488  1.00 34.42 ? 31  THR A CA  1 
ATOM   247  C  C   . THR A 1 31  ? -16.155 -18.904 -0.247  1.00 34.71 ? 31  THR A C   1 
ATOM   248  O  O   . THR A 1 31  ? -15.964 -19.407 0.860   1.00 35.85 ? 31  THR A O   1 
ATOM   249  C  CB  . THR A 1 31  ? -18.470 -18.786 -1.181  1.00 36.18 ? 31  THR A CB  1 
ATOM   250  O  OG1 . THR A 1 31  ? -19.615 -17.944 -1.367  1.00 32.30 ? 31  THR A OG1 1 
ATOM   251  C  CG2 . THR A 1 31  ? -18.869 -19.986 -0.330  1.00 33.78 ? 31  THR A CG2 1 
ATOM   252  N  N   . ASP A 1 32  ? -15.352 -19.120 -1.285  1.00 34.77 ? 32  ASP A N   1 
ATOM   253  C  CA  . ASP A 1 32  ? -14.176 -19.974 -1.162  1.00 34.14 ? 32  ASP A CA  1 
ATOM   254  C  C   . ASP A 1 32  ? -13.226 -19.366 -0.137  1.00 33.94 ? 32  ASP A C   1 
ATOM   255  O  O   . ASP A 1 32  ? -12.659 -20.066 0.702   1.00 34.59 ? 32  ASP A O   1 
ATOM   256  C  CB  . ASP A 1 32  ? -13.448 -20.101 -2.503  1.00 36.69 ? 32  ASP A CB  1 
ATOM   257  C  CG  . ASP A 1 32  ? -14.349 -20.593 -3.617  1.00 38.46 ? 32  ASP A CG  1 
ATOM   258  O  OD1 . ASP A 1 32  ? -15.191 -21.479 -3.364  1.00 39.75 ? 32  ASP A OD1 1 
ATOM   259  O  OD2 . ASP A 1 32  ? -14.205 -20.100 -4.755  1.00 42.19 ? 32  ASP A OD2 1 
ATOM   260  N  N   . ILE A 1 33  ? -13.058 -18.052 -0.215  1.00 31.65 ? 33  ILE A N   1 
ATOM   261  C  CA  . ILE A 1 33  ? -12.174 -17.333 0.692   1.00 29.73 ? 33  ILE A CA  1 
ATOM   262  C  C   . ILE A 1 33  ? -12.687 -17.383 2.129   1.00 28.45 ? 33  ILE A C   1 
ATOM   263  O  O   . ILE A 1 33  ? -11.915 -17.604 3.066   1.00 28.24 ? 33  ILE A O   1 
ATOM   264  C  CB  . ILE A 1 33  ? -12.030 -15.861 0.255   1.00 28.86 ? 33  ILE A CB  1 
ATOM   265  C  CG1 . ILE A 1 33  ? -11.447 -15.803 -1.158  1.00 28.35 ? 33  ILE A CG1 1 
ATOM   266  C  CG2 . ILE A 1 33  ? -11.128 -15.105 1.227   1.00 27.29 ? 33  ILE A CG2 1 
ATOM   267  C  CD1 . ILE A 1 33  ? -11.376 -14.406 -1.739  1.00 29.61 ? 33  ILE A CD1 1 
ATOM   268  N  N   . ALA A 1 34  ? -13.990 -17.185 2.303   1.00 28.22 ? 34  ALA A N   1 
ATOM   269  C  CA  . ALA A 1 34  ? -14.598 -17.210 3.630   1.00 28.86 ? 34  ALA A CA  1 
ATOM   270  C  C   . ALA A 1 34  ? -14.439 -18.570 4.307   1.00 30.07 ? 34  ALA A C   1 
ATOM   271  O  O   . ALA A 1 34  ? -14.005 -18.656 5.456   1.00 29.24 ? 34  ALA A O   1 
ATOM   272  C  CB  . ALA A 1 34  ? -16.071 -16.849 3.530   1.00 27.63 ? 34  ALA A CB  1 
ATOM   273  N  N   . GLU A 1 35  ? -14.789 -19.627 3.584   1.00 30.73 ? 35  GLU A N   1 
ATOM   274  C  CA  . GLU A 1 35  ? -14.701 -20.985 4.106   1.00 33.78 ? 35  GLU A CA  1 
ATOM   275  C  C   . GLU A 1 35  ? -13.279 -21.435 4.416   1.00 34.12 ? 35  GLU A C   1 
ATOM   276  O  O   . GLU A 1 35  ? -13.046 -22.109 5.419   1.00 35.49 ? 35  GLU A O   1 
ATOM   277  C  CB  . GLU A 1 35  ? -15.365 -21.955 3.126   1.00 36.47 ? 35  GLU A CB  1 
ATOM   278  C  CG  . GLU A 1 35  ? -16.878 -21.784 3.063   1.00 42.31 ? 35  GLU A CG  1 
ATOM   279  C  CD  . GLU A 1 35  ? -17.523 -22.557 1.933   1.00 45.00 ? 35  GLU A CD  1 
ATOM   280  O  OE1 . GLU A 1 35  ? -18.773 -22.647 1.919   1.00 45.43 ? 35  GLU A OE1 1 
ATOM   281  O  OE2 . GLU A 1 35  ? -16.782 -23.060 1.060   1.00 46.80 ? 35  GLU A OE2 1 
ATOM   282  N  N   . ARG A 1 36  ? -12.331 -21.074 3.556   1.00 34.49 ? 36  ARG A N   1 
ATOM   283  C  CA  . ARG A 1 36  ? -10.941 -21.442 3.784   1.00 33.09 ? 36  ARG A CA  1 
ATOM   284  C  C   . ARG A 1 36  ? -10.480 -20.772 5.073   1.00 32.56 ? 36  ARG A C   1 
ATOM   285  O  O   . ARG A 1 36  ? -9.531  -21.217 5.716   1.00 32.39 ? 36  ARG A O   1 
ATOM   286  C  CB  . ARG A 1 36  ? -10.061 -20.970 2.624   1.00 34.96 ? 36  ARG A CB  1 
ATOM   287  C  CG  . ARG A 1 36  ? -8.571  -21.246 2.825   1.00 42.69 ? 36  ARG A CG  1 
ATOM   288  C  CD  . ARG A 1 36  ? -8.287  -22.742 2.877   1.00 46.52 ? 36  ARG A CD  1 
ATOM   289  N  NE  . ARG A 1 36  ? -8.468  -23.370 1.569   1.00 52.27 ? 36  ARG A NE  1 
ATOM   290  C  CZ  . ARG A 1 36  ? -7.625  -23.234 0.551   1.00 53.18 ? 36  ARG A CZ  1 
ATOM   291  N  NH1 . ARG A 1 36  ? -6.534  -22.492 0.686   1.00 54.36 ? 36  ARG A NH1 1 
ATOM   292  N  NH2 . ARG A 1 36  ? -7.875  -23.836 -0.602  1.00 54.11 ? 36  ARG A NH2 1 
ATOM   293  N  N   . ALA A 1 37  ? -11.164 -19.693 5.436   1.00 30.29 ? 37  ALA A N   1 
ATOM   294  C  CA  . ALA A 1 37  ? -10.838 -18.938 6.636   1.00 29.96 ? 37  ALA A CA  1 
ATOM   295  C  C   . ALA A 1 37  ? -11.713 -19.335 7.823   1.00 29.01 ? 37  ALA A C   1 
ATOM   296  O  O   . ALA A 1 37  ? -11.603 -18.754 8.901   1.00 27.40 ? 37  ALA A O   1 
ATOM   297  C  CB  . ALA A 1 37  ? -10.983 -17.450 6.359   1.00 29.50 ? 37  ALA A CB  1 
ATOM   298  N  N   . GLY A 1 38  ? -12.589 -20.314 7.619   1.00 28.75 ? 38  GLY A N   1 
ATOM   299  C  CA  . GLY A 1 38  ? -13.458 -20.759 8.693   1.00 28.49 ? 38  GLY A CA  1 
ATOM   300  C  C   . GLY A 1 38  ? -14.662 -19.864 8.921   1.00 29.88 ? 38  GLY A C   1 
ATOM   301  O  O   . GLY A 1 38  ? -15.277 -19.908 9.987   1.00 31.89 ? 38  GLY A O   1 
ATOM   302  N  N   . LEU A 1 39  ? -15.000 -19.050 7.925   1.00 30.44 ? 39  LEU A N   1 
ATOM   303  C  CA  . LEU A 1 39  ? -16.146 -18.149 8.026   1.00 33.03 ? 39  LEU A CA  1 
ATOM   304  C  C   . LEU A 1 39  ? -17.162 -18.444 6.925   1.00 33.09 ? 39  LEU A C   1 
ATOM   305  O  O   . LEU A 1 39  ? -16.859 -19.148 5.961   1.00 33.51 ? 39  LEU A O   1 
ATOM   306  C  CB  . LEU A 1 39  ? -15.703 -16.689 7.889   1.00 34.59 ? 39  LEU A CB  1 
ATOM   307  C  CG  . LEU A 1 39  ? -14.574 -16.118 8.751   1.00 36.25 ? 39  LEU A CG  1 
ATOM   308  C  CD1 . LEU A 1 39  ? -14.461 -14.631 8.468   1.00 36.14 ? 39  LEU A CD1 1 
ATOM   309  C  CD2 . LEU A 1 39  ? -14.845 -16.359 10.230  1.00 37.46 ? 39  LEU A CD2 1 
ATOM   310  N  N   . THR A 1 40  ? -18.366 -17.897 7.073   1.00 34.07 ? 40  THR A N   1 
ATOM   311  C  CA  . THR A 1 40  ? -19.416 -18.076 6.078   1.00 34.86 ? 40  THR A CA  1 
ATOM   312  C  C   . THR A 1 40  ? -19.366 -16.920 5.086   1.00 35.91 ? 40  THR A C   1 
ATOM   313  O  O   . THR A 1 40  ? -18.733 -15.895 5.343   1.00 34.69 ? 40  THR A O   1 
ATOM   314  C  CB  . THR A 1 40  ? -20.825 -18.098 6.715   1.00 34.35 ? 40  THR A CB  1 
ATOM   315  O  OG1 . THR A 1 40  ? -21.060 -16.862 7.405   1.00 36.08 ? 40  THR A OG1 1 
ATOM   316  C  CG2 . THR A 1 40  ? -20.955 -19.260 7.687   1.00 33.90 ? 40  THR A CG2 1 
ATOM   317  N  N   . ARG A 1 41  ? -20.041 -17.090 3.955   1.00 37.31 ? 41  ARG A N   1 
ATOM   318  C  CA  . ARG A 1 41  ? -20.083 -16.067 2.918   1.00 38.76 ? 41  ARG A CA  1 
ATOM   319  C  C   . ARG A 1 41  ? -20.579 -14.737 3.478   1.00 41.03 ? 41  ARG A C   1 
ATOM   320  O  O   . ARG A 1 41  ? -20.055 -13.672 3.144   1.00 40.03 ? 41  ARG A O   1 
ATOM   321  C  CB  . ARG A 1 41  ? -21.012 -16.512 1.786   1.00 38.28 ? 41  ARG A CB  1 
ATOM   322  C  CG  . ARG A 1 41  ? -21.208 -15.467 0.699   1.00 36.90 ? 41  ARG A CG  1 
ATOM   323  C  CD  . ARG A 1 41  ? -22.418 -15.803 -0.159  1.00 38.63 ? 41  ARG A CD  1 
ATOM   324  N  NE  . ARG A 1 41  ? -22.614 -14.834 -1.231  1.00 36.66 ? 41  ARG A NE  1 
ATOM   325  C  CZ  . ARG A 1 41  ? -21.809 -14.709 -2.279  1.00 36.03 ? 41  ARG A CZ  1 
ATOM   326  N  NH1 . ARG A 1 41  ? -20.749 -15.497 -2.404  1.00 35.58 ? 41  ARG A NH1 1 
ATOM   327  N  NH2 . ARG A 1 41  ? -22.063 -13.792 -3.199  1.00 35.59 ? 41  ARG A NH2 1 
ATOM   328  N  N   . ARG A 1 42  ? -21.592 -14.809 4.334   1.00 43.71 ? 42  ARG A N   1 
ATOM   329  C  CA  . ARG A 1 42  ? -22.176 -13.615 4.933   1.00 46.78 ? 42  ARG A CA  1 
ATOM   330  C  C   . ARG A 1 42  ? -21.159 -12.833 5.759   1.00 45.89 ? 42  ARG A C   1 
ATOM   331  O  O   . ARG A 1 42  ? -21.094 -11.606 5.677   1.00 45.31 ? 42  ARG A O   1 
ATOM   332  C  CB  . ARG A 1 42  ? -23.375 -14.008 5.803   1.00 50.78 ? 42  ARG A CB  1 
ATOM   333  C  CG  . ARG A 1 42  ? -24.295 -12.853 6.160   1.00 56.48 ? 42  ARG A CG  1 
ATOM   334  C  CD  . ARG A 1 42  ? -25.661 -13.356 6.609   1.00 60.93 ? 42  ARG A CD  1 
ATOM   335  N  NE  . ARG A 1 42  ? -26.607 -12.262 6.812   1.00 63.43 ? 42  ARG A NE  1 
ATOM   336  C  CZ  . ARG A 1 42  ? -27.904 -12.425 7.050   1.00 64.83 ? 42  ARG A CZ  1 
ATOM   337  N  NH1 . ARG A 1 42  ? -28.419 -13.646 7.116   1.00 65.02 ? 42  ARG A NH1 1 
ATOM   338  N  NH2 . ARG A 1 42  ? -28.685 -11.366 7.220   1.00 65.26 ? 42  ARG A NH2 1 
ATOM   339  N  N   . SER A 1 43  ? -20.359 -13.546 6.547   1.00 45.03 ? 43  SER A N   1 
ATOM   340  C  CA  . SER A 1 43  ? -19.347 -12.906 7.387   1.00 43.35 ? 43  SER A CA  1 
ATOM   341  C  C   . SER A 1 43  ? -18.312 -12.132 6.577   1.00 41.20 ? 43  SER A C   1 
ATOM   342  O  O   . SER A 1 43  ? -17.844 -11.074 7.003   1.00 42.80 ? 43  SER A O   1 
ATOM   343  C  CB  . SER A 1 43  ? -18.642 -13.950 8.256   1.00 42.96 ? 43  SER A CB  1 
ATOM   344  O  OG  . SER A 1 43  ? -19.529 -14.504 9.211   1.00 45.62 ? 43  SER A OG  1 
ATOM   345  N  N   . TYR A 1 44  ? -17.952 -12.663 5.413   1.00 39.39 ? 44  TYR A N   1 
ATOM   346  C  CA  . TYR A 1 44  ? -16.967 -12.021 4.547   1.00 39.28 ? 44  TYR A CA  1 
ATOM   347  C  C   . TYR A 1 44  ? -17.318 -10.553 4.300   1.00 39.70 ? 44  TYR A C   1 
ATOM   348  O  O   . TYR A 1 44  ? -16.487 -9.663  4.496   1.00 37.62 ? 44  TYR A O   1 
ATOM   349  C  CB  . TYR A 1 44  ? -16.872 -12.777 3.213   1.00 36.58 ? 44  TYR A CB  1 
ATOM   350  C  CG  . TYR A 1 44  ? -15.874 -12.207 2.221   1.00 36.41 ? 44  TYR A CG  1 
ATOM   351  C  CD1 . TYR A 1 44  ? -16.151 -11.036 1.509   1.00 35.52 ? 44  TYR A CD1 1 
ATOM   352  C  CD2 . TYR A 1 44  ? -14.658 -12.845 1.987   1.00 34.00 ? 44  TYR A CD2 1 
ATOM   353  C  CE1 . TYR A 1 44  ? -15.238 -10.515 0.591   1.00 32.58 ? 44  TYR A CE1 1 
ATOM   354  C  CE2 . TYR A 1 44  ? -13.736 -12.335 1.072   1.00 32.43 ? 44  TYR A CE2 1 
ATOM   355  C  CZ  . TYR A 1 44  ? -14.035 -11.170 0.377   1.00 32.01 ? 44  TYR A CZ  1 
ATOM   356  O  OH  . TYR A 1 44  ? -13.133 -10.659 -0.526  1.00 29.06 ? 44  TYR A OH  1 
ATOM   357  N  N   . PHE A 1 45  ? -18.556 -10.312 3.884   1.00 42.20 ? 45  PHE A N   1 
ATOM   358  C  CA  . PHE A 1 45  ? -19.026 -8.963  3.581   1.00 44.05 ? 45  PHE A CA  1 
ATOM   359  C  C   . PHE A 1 45  ? -18.993 -7.968  4.736   1.00 44.59 ? 45  PHE A C   1 
ATOM   360  O  O   . PHE A 1 45  ? -19.283 -6.788  4.547   1.00 46.87 ? 45  PHE A O   1 
ATOM   361  C  CB  . PHE A 1 45  ? -20.432 -9.038  2.987   1.00 43.72 ? 45  PHE A CB  1 
ATOM   362  C  CG  . PHE A 1 45  ? -20.490 -9.792  1.695   1.00 42.64 ? 45  PHE A CG  1 
ATOM   363  C  CD1 . PHE A 1 45  ? -21.195 -10.988 1.600   1.00 42.29 ? 45  PHE A CD1 1 
ATOM   364  C  CD2 . PHE A 1 45  ? -19.803 -9.328  0.581   1.00 42.93 ? 45  PHE A CD2 1 
ATOM   365  C  CE1 . PHE A 1 45  ? -21.213 -11.710 0.410   1.00 41.27 ? 45  PHE A CE1 1 
ATOM   366  C  CE2 . PHE A 1 45  ? -19.815 -10.040 -0.611  1.00 43.62 ? 45  PHE A CE2 1 
ATOM   367  C  CZ  . PHE A 1 45  ? -20.521 -11.235 -0.697  1.00 42.77 ? 45  PHE A CZ  1 
ATOM   368  N  N   . ARG A 1 46  ? -18.639 -8.434  5.927   1.00 45.21 ? 46  ARG A N   1 
ATOM   369  C  CA  . ARG A 1 46  ? -18.551 -7.542  7.075   1.00 43.00 ? 46  ARG A CA  1 
ATOM   370  C  C   . ARG A 1 46  ? -17.168 -6.900  7.025   1.00 41.10 ? 46  ARG A C   1 
ATOM   371  O  O   . ARG A 1 46  ? -16.936 -5.833  7.593   1.00 38.61 ? 46  ARG A O   1 
ATOM   372  C  CB  . ARG A 1 46  ? -18.724 -8.331  8.377   1.00 47.31 ? 46  ARG A CB  1 
ATOM   373  C  CG  . ARG A 1 46  ? -18.832 -7.476  9.637   1.00 52.20 ? 46  ARG A CG  1 
ATOM   374  C  CD  . ARG A 1 46  ? -17.500 -6.860  10.028  1.00 56.28 ? 46  ARG A CD  1 
ATOM   375  N  NE  . ARG A 1 46  ? -17.657 -5.826  11.045  1.00 59.41 ? 46  ARG A NE  1 
ATOM   376  C  CZ  . ARG A 1 46  ? -16.797 -4.833  11.239  1.00 61.35 ? 46  ARG A CZ  1 
ATOM   377  N  NH1 . ARG A 1 46  ? -17.025 -3.938  12.190  1.00 62.87 ? 46  ARG A NH1 1 
ATOM   378  N  NH2 . ARG A 1 46  ? -15.716 -4.730  10.478  1.00 62.03 ? 46  ARG A NH2 1 
ATOM   379  N  N   . TYR A 1 47  ? -16.257 -7.556  6.316   1.00 39.16 ? 47  TYR A N   1 
ATOM   380  C  CA  . TYR A 1 47  ? -14.886 -7.089  6.183   1.00 36.27 ? 47  TYR A CA  1 
ATOM   381  C  C   . TYR A 1 47  ? -14.614 -6.427  4.835   1.00 37.08 ? 47  TYR A C   1 
ATOM   382  O  O   . TYR A 1 47  ? -14.100 -5.309  4.782   1.00 40.18 ? 47  TYR A O   1 
ATOM   383  C  CB  . TYR A 1 47  ? -13.945 -8.272  6.397   1.00 33.21 ? 47  TYR A CB  1 
ATOM   384  C  CG  . TYR A 1 47  ? -14.121 -8.896  7.759   1.00 30.39 ? 47  TYR A CG  1 
ATOM   385  C  CD1 . TYR A 1 47  ? -13.434 -8.397  8.871   1.00 27.81 ? 47  TYR A CD1 1 
ATOM   386  C  CD2 . TYR A 1 47  ? -15.021 -9.942  7.953   1.00 28.68 ? 47  TYR A CD2 1 
ATOM   387  C  CE1 . TYR A 1 47  ? -13.640 -8.926  10.140  1.00 26.46 ? 47  TYR A CE1 1 
ATOM   388  C  CE2 . TYR A 1 47  ? -15.237 -10.477 9.218   1.00 28.40 ? 47  TYR A CE2 1 
ATOM   389  C  CZ  . TYR A 1 47  ? -14.542 -9.961  10.307  1.00 28.07 ? 47  TYR A CZ  1 
ATOM   390  O  OH  . TYR A 1 47  ? -14.753 -10.471 11.564  1.00 27.65 ? 47  TYR A OH  1 
ATOM   391  N  N   . PHE A 1 48  ? -14.950 -7.116  3.750   1.00 37.35 ? 48  PHE A N   1 
ATOM   392  C  CA  . PHE A 1 48  ? -14.730 -6.572  2.416   1.00 37.07 ? 48  PHE A CA  1 
ATOM   393  C  C   . PHE A 1 48  ? -15.991 -6.703  1.571   1.00 37.56 ? 48  PHE A C   1 
ATOM   394  O  O   . PHE A 1 48  ? -16.757 -7.653  1.727   1.00 38.44 ? 48  PHE A O   1 
ATOM   395  C  CB  . PHE A 1 48  ? -13.561 -7.291  1.730   1.00 34.94 ? 48  PHE A CB  1 
ATOM   396  C  CG  . PHE A 1 48  ? -12.353 -7.449  2.605   1.00 33.16 ? 48  PHE A CG  1 
ATOM   397  C  CD1 . PHE A 1 48  ? -12.244 -8.535  3.469   1.00 32.92 ? 48  PHE A CD1 1 
ATOM   398  C  CD2 . PHE A 1 48  ? -11.335 -6.502  2.589   1.00 32.51 ? 48  PHE A CD2 1 
ATOM   399  C  CE1 . PHE A 1 48  ? -11.140 -8.674  4.306   1.00 35.56 ? 48  PHE A CE1 1 
ATOM   400  C  CE2 . PHE A 1 48  ? -10.229 -6.631  3.423   1.00 30.93 ? 48  PHE A CE2 1 
ATOM   401  C  CZ  . PHE A 1 48  ? -10.132 -7.720  4.283   1.00 33.72 ? 48  PHE A CZ  1 
ATOM   402  N  N   . PRO A 1 49  ? -16.230 -5.737  0.672   1.00 39.22 ? 49  PRO A N   1 
ATOM   403  C  CA  . PRO A 1 49  ? -17.407 -5.739  -0.202  1.00 40.36 ? 49  PRO A CA  1 
ATOM   404  C  C   . PRO A 1 49  ? -17.297 -6.664  -1.414  1.00 41.88 ? 49  PRO A C   1 
ATOM   405  O  O   . PRO A 1 49  ? -18.309 -7.147  -1.925  1.00 44.94 ? 49  PRO A O   1 
ATOM   406  C  CB  . PRO A 1 49  ? -17.529 -4.274  -0.601  1.00 39.61 ? 49  PRO A CB  1 
ATOM   407  C  CG  . PRO A 1 49  ? -16.102 -3.855  -0.708  1.00 39.50 ? 49  PRO A CG  1 
ATOM   408  C  CD  . PRO A 1 49  ? -15.486 -4.470  0.538   1.00 38.39 ? 49  PRO A CD  1 
ATOM   409  N  N   . ASP A 1 50  ? -16.073 -6.907  -1.871  1.00 42.44 ? 50  ASP A N   1 
ATOM   410  C  CA  . ASP A 1 50  ? -15.853 -7.774  -3.025  1.00 42.14 ? 50  ASP A CA  1 
ATOM   411  C  C   . ASP A 1 50  ? -14.560 -8.574  -2.898  1.00 39.65 ? 50  ASP A C   1 
ATOM   412  O  O   . ASP A 1 50  ? -13.838 -8.443  -1.910  1.00 40.45 ? 50  ASP A O   1 
ATOM   413  C  CB  . ASP A 1 50  ? -15.830 -6.944  -4.313  1.00 45.00 ? 50  ASP A CB  1 
ATOM   414  C  CG  . ASP A 1 50  ? -14.878 -5.769  -4.233  1.00 47.25 ? 50  ASP A CG  1 
ATOM   415  O  OD1 . ASP A 1 50  ? -13.672 -5.993  -4.004  1.00 48.82 ? 50  ASP A OD1 1 
ATOM   416  O  OD2 . ASP A 1 50  ? -15.338 -4.621  -4.401  1.00 50.26 ? 50  ASP A OD2 1 
ATOM   417  N  N   . LYS A 1 51  ? -14.274 -9.401  -3.899  1.00 36.49 ? 51  LYS A N   1 
ATOM   418  C  CA  . LYS A 1 51  ? -13.073 -10.229 -3.899  1.00 36.87 ? 51  LYS A CA  1 
ATOM   419  C  C   . LYS A 1 51  ? -11.831 -9.409  -4.229  1.00 35.08 ? 51  LYS A C   1 
ATOM   420  O  O   . LYS A 1 51  ? -10.715 -9.924  -4.205  1.00 34.60 ? 51  LYS A O   1 
ATOM   421  C  CB  . LYS A 1 51  ? -13.223 -11.371 -4.912  1.00 37.90 ? 51  LYS A CB  1 
ATOM   422  C  CG  . LYS A 1 51  ? -13.527 -10.904 -6.327  1.00 39.43 ? 51  LYS A CG  1 
ATOM   423  C  CD  . LYS A 1 51  ? -13.740 -12.070 -7.285  1.00 38.46 ? 51  LYS A CD  1 
ATOM   424  C  CE  . LYS A 1 51  ? -12.469 -12.882 -7.484  1.00 36.31 ? 51  LYS A CE  1 
ATOM   425  N  NZ  . LYS A 1 51  ? -12.660 -13.927 -8.521  1.00 34.23 ? 51  LYS A NZ  1 
ATOM   426  N  N   . ARG A 1 52  ? -12.027 -8.129  -4.524  1.00 34.20 ? 52  ARG A N   1 
ATOM   427  C  CA  . ARG A 1 52  ? -10.913 -7.257  -4.870  1.00 34.37 ? 52  ARG A CA  1 
ATOM   428  C  C   . ARG A 1 52  ? -10.318 -6.533  -3.665  1.00 33.33 ? 52  ARG A C   1 
ATOM   429  O  O   . ARG A 1 52  ? -9.100  -6.466  -3.511  1.00 32.29 ? 52  ARG A O   1 
ATOM   430  C  CB  . ARG A 1 52  ? -11.361 -6.238  -5.922  1.00 36.77 ? 52  ARG A CB  1 
ATOM   431  C  CG  . ARG A 1 52  ? -10.243 -5.363  -6.461  1.00 41.22 ? 52  ARG A CG  1 
ATOM   432  C  CD  . ARG A 1 52  ? -10.669 -4.641  -7.729  1.00 46.13 ? 52  ARG A CD  1 
ATOM   433  N  NE  . ARG A 1 52  ? -11.897 -3.875  -7.542  1.00 48.76 ? 52  ARG A NE  1 
ATOM   434  C  CZ  . ARG A 1 52  ? -12.439 -3.100  -8.474  1.00 51.29 ? 52  ARG A CZ  1 
ATOM   435  N  NH1 . ARG A 1 52  ? -11.860 -2.983  -9.661  1.00 52.19 ? 52  ARG A NH1 1 
ATOM   436  N  NH2 . ARG A 1 52  ? -13.562 -2.443  -8.217  1.00 52.09 ? 52  ARG A NH2 1 
ATOM   437  N  N   . GLU A 1 53  ? -11.182 -6.007  -2.804  1.00 31.13 ? 53  GLU A N   1 
ATOM   438  C  CA  . GLU A 1 53  ? -10.734 -5.273  -1.623  1.00 30.58 ? 53  GLU A CA  1 
ATOM   439  C  C   . GLU A 1 53  ? -9.994  -6.118  -0.590  1.00 31.23 ? 53  GLU A C   1 
ATOM   440  O  O   . GLU A 1 53  ? -9.285  -5.577  0.259   1.00 29.92 ? 53  GLU A O   1 
ATOM   441  C  CB  . GLU A 1 53  ? -11.921 -4.577  -0.949  1.00 31.29 ? 53  GLU A CB  1 
ATOM   442  C  CG  . GLU A 1 53  ? -12.617 -3.538  -1.814  1.00 33.82 ? 53  GLU A CG  1 
ATOM   443  C  CD  . GLU A 1 53  ? -11.675 -2.446  -2.292  1.00 36.68 ? 53  GLU A CD  1 
ATOM   444  O  OE1 . GLU A 1 53  ? -10.925 -1.894  -1.458  1.00 34.89 ? 53  GLU A OE1 1 
ATOM   445  O  OE2 . GLU A 1 53  ? -11.693 -2.138  -3.504  1.00 36.67 ? 53  GLU A OE2 1 
ATOM   446  N  N   . VAL A 1 54  ? -10.154 -7.436  -0.648  1.00 29.75 ? 54  VAL A N   1 
ATOM   447  C  CA  . VAL A 1 54  ? -9.475  -8.295  0.316   1.00 28.73 ? 54  VAL A CA  1 
ATOM   448  C  C   . VAL A 1 54  ? -7.965  -8.228  0.086   1.00 28.90 ? 54  VAL A C   1 
ATOM   449  O  O   . VAL A 1 54  ? -7.169  -8.603  0.950   1.00 28.30 ? 54  VAL A O   1 
ATOM   450  C  CB  . VAL A 1 54  ? -9.950  -9.768  0.201   1.00 28.34 ? 54  VAL A CB  1 
ATOM   451  C  CG1 . VAL A 1 54  ? -9.544  -10.345 -1.148  1.00 24.04 ? 54  VAL A CG1 1 
ATOM   452  C  CG2 . VAL A 1 54  ? -9.365  -10.597 1.339   1.00 29.85 ? 54  VAL A CG2 1 
ATOM   453  N  N   . LEU A 1 55  ? -7.581  -7.731  -1.084  1.00 29.57 ? 55  LEU A N   1 
ATOM   454  C  CA  . LEU A 1 55  ? -6.173  -7.597  -1.446  1.00 32.68 ? 55  LEU A CA  1 
ATOM   455  C  C   . LEU A 1 55  ? -5.600  -6.234  -1.061  1.00 34.03 ? 55  LEU A C   1 
ATOM   456  O  O   . LEU A 1 55  ? -4.388  -6.026  -1.103  1.00 35.70 ? 55  LEU A O   1 
ATOM   457  C  CB  . LEU A 1 55  ? -5.991  -7.794  -2.955  1.00 34.18 ? 55  LEU A CB  1 
ATOM   458  C  CG  . LEU A 1 55  ? -6.215  -9.188  -3.547  1.00 34.49 ? 55  LEU A CG  1 
ATOM   459  C  CD1 . LEU A 1 55  ? -6.005  -9.142  -5.055  1.00 36.00 ? 55  LEU A CD1 1 
ATOM   460  C  CD2 . LEU A 1 55  ? -5.254  -10.176 -2.908  1.00 34.19 ? 55  LEU A CD2 1 
ATOM   461  N  N   . PHE A 1 56  ? -6.474  -5.309  -0.686  1.00 35.43 ? 56  PHE A N   1 
ATOM   462  C  CA  . PHE A 1 56  ? -6.043  -3.967  -0.318  1.00 37.89 ? 56  PHE A CA  1 
ATOM   463  C  C   . PHE A 1 56  ? -6.409  -3.608  1.123   1.00 40.78 ? 56  PHE A C   1 
ATOM   464  O  O   . PHE A 1 56  ? -5.607  -3.013  1.840   1.00 42.53 ? 56  PHE A O   1 
ATOM   465  C  CB  . PHE A 1 56  ? -6.656  -2.960  -1.297  1.00 35.45 ? 56  PHE A CB  1 
ATOM   466  C  CG  . PHE A 1 56  ? -6.201  -3.154  -2.720  1.00 35.33 ? 56  PHE A CG  1 
ATOM   467  C  CD1 . PHE A 1 56  ? -5.013  -2.584  -3.167  1.00 35.37 ? 56  PHE A CD1 1 
ATOM   468  C  CD2 . PHE A 1 56  ? -6.937  -3.941  -3.600  1.00 33.94 ? 56  PHE A CD2 1 
ATOM   469  C  CE1 . PHE A 1 56  ? -4.563  -2.797  -4.469  1.00 34.44 ? 56  PHE A CE1 1 
ATOM   470  C  CE2 . PHE A 1 56  ? -6.495  -4.162  -4.907  1.00 32.70 ? 56  PHE A CE2 1 
ATOM   471  C  CZ  . PHE A 1 56  ? -5.305  -3.587  -5.341  1.00 31.68 ? 56  PHE A CZ  1 
ATOM   472  N  N   . GLY A 1 57  ? -7.616  -3.987  1.531   1.00 44.03 ? 57  GLY A N   1 
ATOM   473  C  CA  . GLY A 1 57  ? -8.114  -3.720  2.874   1.00 46.47 ? 57  GLY A CA  1 
ATOM   474  C  C   . GLY A 1 57  ? -7.167  -3.194  3.942   1.00 48.56 ? 57  GLY A C   1 
ATOM   475  O  O   . GLY A 1 57  ? -7.301  -2.053  4.385   1.00 50.43 ? 57  GLY A O   1 
ATOM   476  N  N   . GLY A 1 58  ? -6.218  -4.021  4.371   1.00 49.67 ? 58  GLY A N   1 
ATOM   477  C  CA  . GLY A 1 58  ? -5.281  -3.596  5.401   1.00 49.29 ? 58  GLY A CA  1 
ATOM   478  C  C   . GLY A 1 58  ? -3.831  -3.709  4.973   1.00 49.27 ? 58  GLY A C   1 
ATOM   479  O  O   . GLY A 1 58  ? -2.927  -3.790  5.807   1.00 49.32 ? 58  GLY A O   1 
ATOM   480  N  N   . SER A 1 59  ? -3.613  -3.719  3.665   1.00 49.51 ? 59  SER A N   1 
ATOM   481  C  CA  . SER A 1 59  ? -2.273  -3.815  3.101   1.00 50.52 ? 59  SER A CA  1 
ATOM   482  C  C   . SER A 1 59  ? -2.076  -2.628  2.170   1.00 49.68 ? 59  SER A C   1 
ATOM   483  O  O   . SER A 1 59  ? -1.430  -2.729  1.128   1.00 49.76 ? 59  SER A O   1 
ATOM   484  C  CB  . SER A 1 59  ? -2.131  -5.123  2.322   1.00 50.51 ? 59  SER A CB  1 
ATOM   485  O  OG  . SER A 1 59  ? -2.447  -6.233  3.142   1.00 53.08 ? 59  SER A OG  1 
ATOM   486  N  N   . GLU A 1 60  ? -2.653  -1.501  2.566   1.00 49.13 ? 60  GLU A N   1 
ATOM   487  C  CA  . GLU A 1 60  ? -2.587  -0.271  1.793   1.00 49.20 ? 60  GLU A CA  1 
ATOM   488  C  C   . GLU A 1 60  ? -2.384  0.907   2.732   1.00 48.28 ? 60  GLU A C   1 
ATOM   489  O  O   . GLU A 1 60  ? -2.353  0.745   3.951   1.00 49.81 ? 60  GLU A O   1 
ATOM   490  C  CB  . GLU A 1 60  ? -3.894  -0.072  1.035   1.00 49.10 ? 60  GLU A CB  1 
ATOM   491  C  CG  . GLU A 1 60  ? -5.098  0.042   1.963   1.00 51.63 ? 60  GLU A CG  1 
ATOM   492  C  CD  . GLU A 1 60  ? -6.395  0.289   1.225   1.00 52.59 ? 60  GLU A CD  1 
ATOM   493  O  OE1 . GLU A 1 60  ? -7.440  0.453   1.893   1.00 51.85 ? 60  GLU A OE1 1 
ATOM   494  O  OE2 . GLU A 1 60  ? -6.365  0.318   -0.022  1.00 50.96 ? 60  GLU A OE2 1 
ATOM   495  N  N   . LEU A 1 61  ? -2.249  2.093   2.152   1.00 46.43 ? 61  LEU A N   1 
ATOM   496  C  CA  . LEU A 1 61  ? -2.083  3.313   2.927   1.00 44.24 ? 61  LEU A CA  1 
ATOM   497  C  C   . LEU A 1 61  ? -3.384  4.087   2.768   1.00 42.21 ? 61  LEU A C   1 
ATOM   498  O  O   . LEU A 1 61  ? -3.878  4.244   1.653   1.00 43.28 ? 61  LEU A O   1 
ATOM   499  C  CB  . LEU A 1 61  ? -0.931  4.158   2.377   1.00 43.41 ? 61  LEU A CB  1 
ATOM   500  C  CG  . LEU A 1 61  ? 0.461   3.531   2.271   1.00 41.79 ? 61  LEU A CG  1 
ATOM   501  C  CD1 . LEU A 1 61  ? 1.411   4.522   1.615   1.00 39.82 ? 61  LEU A CD1 1 
ATOM   502  C  CD2 . LEU A 1 61  ? 0.962   3.140   3.650   1.00 42.75 ? 61  LEU A CD2 1 
ATOM   503  N  N   . LEU A 1 62  ? -3.955  4.547   3.873   1.00 41.34 ? 62  LEU A N   1 
ATOM   504  C  CA  . LEU A 1 62  ? -5.184  5.320   3.800   1.00 39.86 ? 62  LEU A CA  1 
ATOM   505  C  C   . LEU A 1 62  ? -4.775  6.774   3.590   1.00 37.69 ? 62  LEU A C   1 
ATOM   506  O  O   . LEU A 1 62  ? -3.980  7.316   4.354   1.00 37.19 ? 62  LEU A O   1 
ATOM   507  C  CB  . LEU A 1 62  ? -5.983  5.182   5.096   1.00 42.46 ? 62  LEU A CB  1 
ATOM   508  C  CG  . LEU A 1 62  ? -6.497  3.788   5.475   1.00 47.06 ? 62  LEU A CG  1 
ATOM   509  C  CD1 . LEU A 1 62  ? -7.260  3.876   6.788   1.00 46.79 ? 62  LEU A CD1 1 
ATOM   510  C  CD2 . LEU A 1 62  ? -7.401  3.241   4.377   1.00 48.64 ? 62  LEU A CD2 1 
ATOM   511  N  N   . PRO A 1 63  ? -5.296  7.419   2.536   1.00 36.73 ? 63  PRO A N   1 
ATOM   512  C  CA  . PRO A 1 63  ? -4.926  8.817   2.303   1.00 34.87 ? 63  PRO A CA  1 
ATOM   513  C  C   . PRO A 1 63  ? -5.108  9.762   3.497   1.00 32.98 ? 63  PRO A C   1 
ATOM   514  O  O   . PRO A 1 63  ? -4.223  10.562  3.789   1.00 32.65 ? 63  PRO A O   1 
ATOM   515  C  CB  . PRO A 1 63  ? -5.771  9.214   1.083   1.00 36.18 ? 63  PRO A CB  1 
ATOM   516  C  CG  . PRO A 1 63  ? -6.853  8.162   1.011   1.00 38.03 ? 63  PRO A CG  1 
ATOM   517  C  CD  . PRO A 1 63  ? -6.156  6.913   1.455   1.00 35.07 ? 63  PRO A CD  1 
ATOM   518  N  N   . PRO A 1 64  ? -6.246  9.678   4.209   1.00 31.47 ? 64  PRO A N   1 
ATOM   519  C  CA  . PRO A 1 64  ? -6.424  10.581  5.351   1.00 31.00 ? 64  PRO A CA  1 
ATOM   520  C  C   . PRO A 1 64  ? -5.314  10.409  6.380   1.00 31.06 ? 64  PRO A C   1 
ATOM   521  O  O   . PRO A 1 64  ? -4.821  11.380  6.953   1.00 30.16 ? 64  PRO A O   1 
ATOM   522  C  CB  . PRO A 1 64  ? -7.786  10.172  5.906   1.00 31.71 ? 64  PRO A CB  1 
ATOM   523  C  CG  . PRO A 1 64  ? -8.513  9.694   4.686   1.00 34.07 ? 64  PRO A CG  1 
ATOM   524  C  CD  . PRO A 1 64  ? -7.453  8.859   4.005   1.00 32.67 ? 64  PRO A CD  1 
ATOM   525  N  N   . ALA A 1 65  ? -4.922  9.159   6.605   1.00 29.79 ? 65  ALA A N   1 
ATOM   526  C  CA  . ALA A 1 65  ? -3.873  8.853   7.569   1.00 29.10 ? 65  ALA A CA  1 
ATOM   527  C  C   . ALA A 1 65  ? -2.537  9.443   7.129   1.00 27.99 ? 65  ALA A C   1 
ATOM   528  O  O   . ALA A 1 65  ? -1.805  10.016  7.938   1.00 29.16 ? 65  ALA A O   1 
ATOM   529  C  CB  . ALA A 1 65  ? -3.746  7.342   7.744   1.00 29.53 ? 65  ALA A CB  1 
ATOM   530  N  N   . VAL A 1 66  ? -2.218  9.295   5.848   1.00 26.51 ? 66  VAL A N   1 
ATOM   531  C  CA  . VAL A 1 66  ? -0.972  9.831   5.318   1.00 25.35 ? 66  VAL A CA  1 
ATOM   532  C  C   . VAL A 1 66  ? -1.007  11.351  5.415   1.00 24.25 ? 66  VAL A C   1 
ATOM   533  O  O   . VAL A 1 66  ? -0.023  11.980  5.800   1.00 24.57 ? 66  VAL A O   1 
ATOM   534  C  CB  . VAL A 1 66  ? -0.760  9.423   3.841   1.00 27.24 ? 66  VAL A CB  1 
ATOM   535  C  CG1 . VAL A 1 66  ? 0.441   10.163  3.267   1.00 27.01 ? 66  VAL A CG1 1 
ATOM   536  C  CG2 . VAL A 1 66  ? -0.541  7.919   3.744   1.00 25.57 ? 66  VAL A CG2 1 
ATOM   537  N  N   . ALA A 1 67  ? -2.148  11.934  5.067   1.00 25.04 ? 67  ALA A N   1 
ATOM   538  C  CA  . ALA A 1 67  ? -2.307  13.380  5.119   1.00 27.22 ? 67  ALA A CA  1 
ATOM   539  C  C   . ALA A 1 67  ? -2.041  13.895  6.533   1.00 26.90 ? 67  ALA A C   1 
ATOM   540  O  O   . ALA A 1 67  ? -1.276  14.842  6.723   1.00 26.20 ? 67  ALA A O   1 
ATOM   541  C  CB  . ALA A 1 67  ? -3.715  13.770  4.676   1.00 27.45 ? 67  ALA A CB  1 
ATOM   542  N  N   . ARG A 1 68  ? -2.679  13.272  7.519   1.00 28.27 ? 68  ARG A N   1 
ATOM   543  C  CA  . ARG A 1 68  ? -2.500  13.674  8.907   1.00 30.29 ? 68  ARG A CA  1 
ATOM   544  C  C   . ARG A 1 68  ? -1.043  13.573  9.345   1.00 29.10 ? 68  ARG A C   1 
ATOM   545  O  O   . ARG A 1 68  ? -0.549  14.438  10.066  1.00 29.24 ? 68  ARG A O   1 
ATOM   546  C  CB  . ARG A 1 68  ? -3.397  12.833  9.826   1.00 33.86 ? 68  ARG A CB  1 
ATOM   547  C  CG  . ARG A 1 68  ? -4.859  13.257  9.788   1.00 39.77 ? 68  ARG A CG  1 
ATOM   548  C  CD  . ARG A 1 68  ? -5.727  12.514  10.800  1.00 44.92 ? 68  ARG A CD  1 
ATOM   549  N  NE  . ARG A 1 68  ? -6.075  11.159  10.373  1.00 47.72 ? 68  ARG A NE  1 
ATOM   550  C  CZ  . ARG A 1 68  ? -5.504  10.052  10.834  1.00 49.32 ? 68  ARG A CZ  1 
ATOM   551  N  NH1 . ARG A 1 68  ? -4.548  10.125  11.749  1.00 49.13 ? 68  ARG A NH1 1 
ATOM   552  N  NH2 . ARG A 1 68  ? -5.895  8.868   10.379  1.00 50.17 ? 68  ARG A NH2 1 
ATOM   553  N  N   . ALA A 1 69  ? -0.354  12.525  8.899   1.00 26.92 ? 69  ALA A N   1 
ATOM   554  C  CA  . ALA A 1 69  ? 1.047   12.335  9.259   1.00 25.54 ? 69  ALA A CA  1 
ATOM   555  C  C   . ALA A 1 69  ? 1.900   13.422  8.623   1.00 24.98 ? 69  ALA A C   1 
ATOM   556  O  O   . ALA A 1 69  ? 2.938   13.804  9.158   1.00 27.13 ? 69  ALA A O   1 
ATOM   557  C  CB  . ALA A 1 69  ? 1.523   10.963  8.805   1.00 24.52 ? 69  ALA A CB  1 
ATOM   558  N  N   . VAL A 1 70  ? 1.462   13.916  7.473   1.00 24.71 ? 70  VAL A N   1 
ATOM   559  C  CA  . VAL A 1 70  ? 2.198   14.969  6.784   1.00 23.84 ? 70  VAL A CA  1 
ATOM   560  C  C   . VAL A 1 70  ? 1.985   16.293  7.514   1.00 23.91 ? 70  VAL A C   1 
ATOM   561  O  O   . VAL A 1 70  ? 2.902   17.103  7.642   1.00 22.80 ? 70  VAL A O   1 
ATOM   562  C  CB  . VAL A 1 70  ? 1.724   15.119  5.314   1.00 23.94 ? 70  VAL A CB  1 
ATOM   563  C  CG1 . VAL A 1 70  ? 2.361   16.351  4.676   1.00 23.38 ? 70  VAL A CG1 1 
ATOM   564  C  CG2 . VAL A 1 70  ? 2.093   13.878  4.521   1.00 23.08 ? 70  VAL A CG2 1 
ATOM   565  N  N   . LEU A 1 71  ? 0.761   16.504  7.985   1.00 26.22 ? 71  LEU A N   1 
ATOM   566  C  CA  . LEU A 1 71  ? 0.414   17.723  8.706   1.00 27.23 ? 71  LEU A CA  1 
ATOM   567  C  C   . LEU A 1 71  ? 1.133   17.798  10.052  1.00 27.88 ? 71  LEU A C   1 
ATOM   568  O  O   . LEU A 1 71  ? 1.447   18.882  10.540  1.00 28.48 ? 71  LEU A O   1 
ATOM   569  C  CB  . LEU A 1 71  ? -1.100  17.779  8.936   1.00 28.05 ? 71  LEU A CB  1 
ATOM   570  C  CG  . LEU A 1 71  ? -1.983  17.949  7.698   1.00 29.23 ? 71  LEU A CG  1 
ATOM   571  C  CD1 . LEU A 1 71  ? -3.426  17.625  8.042   1.00 29.87 ? 71  LEU A CD1 1 
ATOM   572  C  CD2 . LEU A 1 71  ? -1.851  19.371  7.174   1.00 29.44 ? 71  LEU A CD2 1 
ATOM   573  N  N   . ALA A 1 72  ? 1.399   16.639  10.648  1.00 27.74 ? 72  ALA A N   1 
ATOM   574  C  CA  . ALA A 1 72  ? 2.063   16.582  11.949  1.00 29.17 ? 72  ALA A CA  1 
ATOM   575  C  C   . ALA A 1 72  ? 3.584   16.732  11.894  1.00 28.90 ? 72  ALA A C   1 
ATOM   576  O  O   . ALA A 1 72  ? 4.227   16.934  12.926  1.00 31.02 ? 72  ALA A O   1 
ATOM   577  C  CB  . ALA A 1 72  ? 1.698   15.278  12.650  1.00 26.23 ? 72  ALA A CB  1 
ATOM   578  N  N   . ALA A 1 73  ? 4.156   16.642  10.700  1.00 30.05 ? 73  ALA A N   1 
ATOM   579  C  CA  . ALA A 1 73  ? 5.605   16.745  10.539  1.00 32.32 ? 73  ALA A CA  1 
ATOM   580  C  C   . ALA A 1 73  ? 6.186   18.121  10.850  1.00 33.14 ? 73  ALA A C   1 
ATOM   581  O  O   . ALA A 1 73  ? 5.499   19.139  10.760  1.00 29.75 ? 73  ALA A O   1 
ATOM   582  C  CB  . ALA A 1 73  ? 5.997   16.328  9.123   1.00 31.12 ? 73  ALA A CB  1 
ATOM   583  N  N   . ASP A 1 74  ? 7.465   18.131  11.214  1.00 37.97 ? 74  ASP A N   1 
ATOM   584  C  CA  . ASP A 1 74  ? 8.185   19.363  11.519  1.00 43.23 ? 74  ASP A CA  1 
ATOM   585  C  C   . ASP A 1 74  ? 8.192   20.211  10.248  1.00 45.25 ? 74  ASP A C   1 
ATOM   586  O  O   . ASP A 1 74  ? 8.730   19.798  9.224   1.00 45.55 ? 74  ASP A O   1 
ATOM   587  C  CB  . ASP A 1 74  ? 9.622   19.028  11.946  1.00 47.03 ? 74  ASP A CB  1 
ATOM   588  C  CG  . ASP A 1 74  ? 10.467  20.264  12.205  1.00 50.30 ? 74  ASP A CG  1 
ATOM   589  O  OD1 . ASP A 1 74  ? 11.646  20.107  12.584  1.00 53.59 ? 74  ASP A OD1 1 
ATOM   590  O  OD2 . ASP A 1 74  ? 9.959   21.391  12.028  1.00 53.38 ? 74  ASP A OD2 1 
ATOM   591  N  N   . PRO A 1 75  ? 7.583   21.405  10.298  1.00 47.62 ? 75  PRO A N   1 
ATOM   592  C  CA  . PRO A 1 75  ? 7.521   22.302  9.138   1.00 49.34 ? 75  PRO A CA  1 
ATOM   593  C  C   . PRO A 1 75  ? 8.884   22.724  8.600   1.00 51.22 ? 75  PRO A C   1 
ATOM   594  O  O   . PRO A 1 75  ? 8.969   23.381  7.564   1.00 52.33 ? 75  PRO A O   1 
ATOM   595  C  CB  . PRO A 1 75  ? 6.716   23.488  9.661   1.00 49.90 ? 75  PRO A CB  1 
ATOM   596  C  CG  . PRO A 1 75  ? 5.821   22.858  10.687  1.00 49.64 ? 75  PRO A CG  1 
ATOM   597  C  CD  . PRO A 1 75  ? 6.778   21.940  11.408  1.00 48.44 ? 75  PRO A CD  1 
ATOM   598  N  N   . GLY A 1 76  ? 9.946   22.345  9.303   1.00 50.83 ? 76  GLY A N   1 
ATOM   599  C  CA  . GLY A 1 76  ? 11.283  22.700  8.861   1.00 50.86 ? 76  GLY A CA  1 
ATOM   600  C  C   . GLY A 1 76  ? 11.887  21.654  7.946   1.00 50.53 ? 76  GLY A C   1 
ATOM   601  O  O   . GLY A 1 76  ? 12.828  21.936  7.201   1.00 51.22 ? 76  GLY A O   1 
ATOM   602  N  N   . ALA A 1 77  ? 11.342  20.444  8.005   1.00 48.16 ? 77  ALA A N   1 
ATOM   603  C  CA  . ALA A 1 77  ? 11.824  19.340  7.185   1.00 44.15 ? 77  ALA A CA  1 
ATOM   604  C  C   . ALA A 1 77  ? 11.537  19.568  5.706   1.00 41.39 ? 77  ALA A C   1 
ATOM   605  O  O   . ALA A 1 77  ? 10.588  20.268  5.348   1.00 41.24 ? 77  ALA A O   1 
ATOM   606  C  CB  . ALA A 1 77  ? 11.181  18.040  7.643   1.00 44.32 ? 77  ALA A CB  1 
ATOM   607  N  N   . ALA A 1 78  ? 12.376  18.989  4.853   1.00 38.94 ? 78  ALA A N   1 
ATOM   608  C  CA  . ALA A 1 78  ? 12.193  19.108  3.414   1.00 37.65 ? 78  ALA A CA  1 
ATOM   609  C  C   . ALA A 1 78  ? 10.894  18.386  3.079   1.00 34.52 ? 78  ALA A C   1 
ATOM   610  O  O   . ALA A 1 78  ? 10.636  17.298  3.589   1.00 35.98 ? 78  ALA A O   1 
ATOM   611  C  CB  . ALA A 1 78  ? 13.363  18.464  2.681   1.00 35.71 ? 78  ALA A CB  1 
ATOM   612  N  N   . PRO A 1 79  ? 10.063  18.979  2.214   1.00 31.88 ? 79  PRO A N   1 
ATOM   613  C  CA  . PRO A 1 79  ? 8.792   18.353  1.843   1.00 30.36 ? 79  PRO A CA  1 
ATOM   614  C  C   . PRO A 1 79  ? 8.851   16.877  1.441   1.00 27.81 ? 79  PRO A C   1 
ATOM   615  O  O   . PRO A 1 79  ? 8.003   16.093  1.868   1.00 27.78 ? 79  PRO A O   1 
ATOM   616  C  CB  . PRO A 1 79  ? 8.268   19.258  0.719   1.00 31.64 ? 79  PRO A CB  1 
ATOM   617  C  CG  . PRO A 1 79  ? 9.510   19.929  0.185   1.00 33.43 ? 79  PRO A CG  1 
ATOM   618  C  CD  . PRO A 1 79  ? 10.280  20.216  1.446   1.00 32.39 ? 79  PRO A CD  1 
ATOM   619  N  N   . LEU A 1 80  ? 9.841   16.488  0.642   1.00 26.90 ? 80  LEU A N   1 
ATOM   620  C  CA  . LEU A 1 80  ? 9.934   15.093  0.226   1.00 27.07 ? 80  LEU A CA  1 
ATOM   621  C  C   . LEU A 1 80  ? 10.212  14.157  1.396   1.00 27.15 ? 80  LEU A C   1 
ATOM   622  O  O   . LEU A 1 80  ? 9.633   13.075  1.484   1.00 25.30 ? 80  LEU A O   1 
ATOM   623  C  CB  . LEU A 1 80  ? 11.022  14.901  -0.830  1.00 24.57 ? 80  LEU A CB  1 
ATOM   624  C  CG  . LEU A 1 80  ? 11.069  13.449  -1.320  1.00 23.12 ? 80  LEU A CG  1 
ATOM   625  C  CD1 . LEU A 1 80  ? 9.736   13.109  -1.986  1.00 22.50 ? 80  LEU A CD1 1 
ATOM   626  C  CD2 . LEU A 1 80  ? 12.216  13.246  -2.293  1.00 24.60 ? 80  LEU A CD2 1 
ATOM   627  N  N   . THR A 1 81  ? 11.109  14.569  2.286   1.00 28.17 ? 81  THR A N   1 
ATOM   628  C  CA  . THR A 1 81  ? 11.451  13.754  3.444   1.00 26.51 ? 81  THR A CA  1 
ATOM   629  C  C   . THR A 1 81  ? 10.240  13.628  4.358   1.00 26.19 ? 81  THR A C   1 
ATOM   630  O  O   . THR A 1 81  ? 9.954   12.552  4.882   1.00 26.69 ? 81  THR A O   1 
ATOM   631  C  CB  . THR A 1 81  ? 12.617  14.370  4.233   1.00 28.94 ? 81  THR A CB  1 
ATOM   632  O  OG1 . THR A 1 81  ? 13.741  14.541  3.360   1.00 30.11 ? 81  THR A OG1 1 
ATOM   633  C  CG2 . THR A 1 81  ? 13.018  13.457  5.384   1.00 29.93 ? 81  THR A CG2 1 
ATOM   634  N  N   . ALA A 1 82  ? 9.524   14.733  4.534   1.00 25.29 ? 82  ALA A N   1 
ATOM   635  C  CA  . ALA A 1 82  ? 8.338   14.746  5.379   1.00 25.36 ? 82  ALA A CA  1 
ATOM   636  C  C   . ALA A 1 82  ? 7.296   13.776  4.835   1.00 26.48 ? 82  ALA A C   1 
ATOM   637  O  O   . ALA A 1 82  ? 6.693   13.008  5.589   1.00 27.80 ? 82  ALA A O   1 
ATOM   638  C  CB  . ALA A 1 82  ? 7.760   16.156  5.440   1.00 24.59 ? 82  ALA A CB  1 
ATOM   639  N  N   . VAL A 1 83  ? 7.089   13.812  3.523   1.00 25.63 ? 83  VAL A N   1 
ATOM   640  C  CA  . VAL A 1 83  ? 6.114   12.941  2.882   1.00 24.66 ? 83  VAL A CA  1 
ATOM   641  C  C   . VAL A 1 83  ? 6.512   11.470  2.948   1.00 23.93 ? 83  VAL A C   1 
ATOM   642  O  O   . VAL A 1 83  ? 5.706   10.628  3.337   1.00 23.53 ? 83  VAL A O   1 
ATOM   643  C  CB  . VAL A 1 83  ? 5.902   13.337  1.402   1.00 21.90 ? 83  VAL A CB  1 
ATOM   644  C  CG1 . VAL A 1 83  ? 5.005   12.319  0.709   1.00 21.21 ? 83  VAL A CG1 1 
ATOM   645  C  CG2 . VAL A 1 83  ? 5.276   14.722  1.322   1.00 21.39 ? 83  VAL A CG2 1 
ATOM   646  N  N   . LEU A 1 84  ? 7.748   11.159  2.566   1.00 24.04 ? 84  LEU A N   1 
ATOM   647  C  CA  . LEU A 1 84  ? 8.211   9.776   2.602   1.00 24.80 ? 84  LEU A CA  1 
ATOM   648  C  C   . LEU A 1 84  ? 8.197   9.229   4.026   1.00 26.45 ? 84  LEU A C   1 
ATOM   649  O  O   . LEU A 1 84  ? 7.888   8.059   4.243   1.00 25.63 ? 84  LEU A O   1 
ATOM   650  C  CB  . LEU A 1 84  ? 9.619   9.657   2.004   1.00 24.83 ? 84  LEU A CB  1 
ATOM   651  C  CG  . LEU A 1 84  ? 9.705   9.749   0.476   1.00 26.15 ? 84  LEU A CG  1 
ATOM   652  C  CD1 . LEU A 1 84  ? 11.158  9.674   0.036   1.00 24.80 ? 84  LEU A CD1 1 
ATOM   653  C  CD2 . LEU A 1 84  ? 8.902   8.611   -0.153  1.00 25.51 ? 84  LEU A CD2 1 
ATOM   654  N  N   . ASP A 1 85  ? 8.539   10.075  4.993   1.00 26.74 ? 85  ASP A N   1 
ATOM   655  C  CA  . ASP A 1 85  ? 8.532   9.654   6.388   1.00 31.06 ? 85  ASP A CA  1 
ATOM   656  C  C   . ASP A 1 85  ? 7.103   9.353   6.816   1.00 31.66 ? 85  ASP A C   1 
ATOM   657  O  O   . ASP A 1 85  ? 6.850   8.381   7.523   1.00 32.53 ? 85  ASP A O   1 
ATOM   658  C  CB  . ASP A 1 85  ? 9.124   10.743  7.284   1.00 31.88 ? 85  ASP A CB  1 
ATOM   659  C  CG  . ASP A 1 85  ? 10.641  10.737  7.284   1.00 36.77 ? 85  ASP A CG  1 
ATOM   660  O  OD1 . ASP A 1 85  ? 11.237  11.668  7.859   1.00 39.22 ? 85  ASP A OD1 1 
ATOM   661  O  OD2 . ASP A 1 85  ? 11.242  9.799   6.716   1.00 38.68 ? 85  ASP A OD2 1 
ATOM   662  N  N   . ALA A 1 86  ? 6.171   10.190  6.369   1.00 31.28 ? 86  ALA A N   1 
ATOM   663  C  CA  . ALA A 1 86  ? 4.765   10.015  6.701   1.00 30.81 ? 86  ALA A CA  1 
ATOM   664  C  C   . ALA A 1 86  ? 4.227   8.717   6.112   1.00 31.77 ? 86  ALA A C   1 
ATOM   665  O  O   . ALA A 1 86  ? 3.482   7.987   6.768   1.00 32.35 ? 86  ALA A O   1 
ATOM   666  C  CB  . ALA A 1 86  ? 3.957   11.201  6.188   1.00 28.61 ? 86  ALA A CB  1 
HETATM 667  N  N   . MSE A 1 87  ? 4.602   8.430   4.870   1.00 32.27 ? 87  MSE A N   1 
HETATM 668  C  CA  . MSE A 1 87  ? 4.156   7.210   4.215   1.00 33.94 ? 87  MSE A CA  1 
HETATM 669  C  C   . MSE A 1 87  ? 4.732   5.983   4.914   1.00 33.53 ? 87  MSE A C   1 
HETATM 670  O  O   . MSE A 1 87  ? 4.033   4.990   5.118   1.00 32.24 ? 87  MSE A O   1 
HETATM 671  C  CB  . MSE A 1 87  ? 4.575   7.216   2.748   1.00 33.07 ? 87  MSE A CB  1 
HETATM 672  C  CG  . MSE A 1 87  ? 3.801   8.204   1.891   1.00 37.93 ? 87  MSE A CG  1 
HETATM 673  SE SE  . MSE A 1 87  ? 4.433   8.287   0.063   1.00 41.08 ? 87  MSE A SE  1 
HETATM 674  C  CE  . MSE A 1 87  ? 3.538   6.733   -0.625  1.00 40.34 ? 87  MSE A CE  1 
ATOM   675  N  N   . SER A 1 88  ? 6.005   6.058   5.286   1.00 33.16 ? 88  SER A N   1 
ATOM   676  C  CA  . SER A 1 88  ? 6.665   4.951   5.972   1.00 35.35 ? 88  SER A CA  1 
ATOM   677  C  C   . SER A 1 88  ? 6.063   4.710   7.354   1.00 36.19 ? 88  SER A C   1 
ATOM   678  O  O   . SER A 1 88  ? 5.866   3.564   7.760   1.00 36.95 ? 88  SER A O   1 
ATOM   679  C  CB  . SER A 1 88  ? 8.165   5.228   6.104   1.00 34.84 ? 88  SER A CB  1 
ATOM   680  O  OG  . SER A 1 88  ? 8.792   5.240   4.833   1.00 36.66 ? 88  SER A OG  1 
ATOM   681  N  N   . GLN A 1 89  ? 5.775   5.791   8.074   1.00 37.70 ? 89  GLN A N   1 
ATOM   682  C  CA  . GLN A 1 89  ? 5.187   5.679   9.403   1.00 40.00 ? 89  GLN A CA  1 
ATOM   683  C  C   . GLN A 1 89  ? 3.798   5.051   9.325   1.00 39.68 ? 89  GLN A C   1 
ATOM   684  O  O   . GLN A 1 89  ? 3.453   4.184   10.127  1.00 40.10 ? 89  GLN A O   1 
ATOM   685  C  CB  . GLN A 1 89  ? 5.086   7.056   10.065  1.00 40.52 ? 89  GLN A CB  1 
ATOM   686  C  CG  . GLN A 1 89  ? 4.255   7.052   11.339  1.00 42.70 ? 89  GLN A CG  1 
ATOM   687  C  CD  . GLN A 1 89  ? 4.161   8.418   11.991  1.00 45.09 ? 89  GLN A CD  1 
ATOM   688  O  OE1 . GLN A 1 89  ? 5.125   8.904   12.586  1.00 46.61 ? 89  GLN A OE1 1 
ATOM   689  N  NE2 . GLN A 1 89  ? 2.997   9.050   11.877  1.00 44.62 ? 89  GLN A NE2 1 
ATOM   690  N  N   . VAL A 1 90  ? 3.009   5.492   8.350   1.00 39.99 ? 90  VAL A N   1 
ATOM   691  C  CA  . VAL A 1 90  ? 1.655   4.982   8.163   1.00 39.35 ? 90  VAL A CA  1 
ATOM   692  C  C   . VAL A 1 90  ? 1.650   3.561   7.608   1.00 40.83 ? 90  VAL A C   1 
ATOM   693  O  O   . VAL A 1 90  ? 0.746   2.776   7.898   1.00 41.52 ? 90  VAL A O   1 
ATOM   694  C  CB  . VAL A 1 90  ? 0.851   5.894   7.208   1.00 38.33 ? 90  VAL A CB  1 
ATOM   695  C  CG1 . VAL A 1 90  ? -0.523  5.296   6.941   1.00 35.51 ? 90  VAL A CG1 1 
ATOM   696  C  CG2 . VAL A 1 90  ? 0.710   7.282   7.811   1.00 37.58 ? 90  VAL A CG2 1 
ATOM   697  N  N   . GLY A 1 91  ? 2.661   3.233   6.808   1.00 42.57 ? 91  GLY A N   1 
ATOM   698  C  CA  . GLY A 1 91  ? 2.743   1.902   6.232   1.00 45.91 ? 91  GLY A CA  1 
ATOM   699  C  C   . GLY A 1 91  ? 3.737   1.012   6.952   1.00 47.74 ? 91  GLY A C   1 
ATOM   700  O  O   . GLY A 1 91  ? 4.205   0.017   6.399   1.00 47.46 ? 91  GLY A O   1 
ATOM   701  N  N   . ALA A 1 92  ? 4.053   1.374   8.192   1.00 49.47 ? 92  ALA A N   1 
ATOM   702  C  CA  . ALA A 1 92  ? 4.998   0.618   9.008   1.00 52.76 ? 92  ALA A CA  1 
ATOM   703  C  C   . ALA A 1 92  ? 4.745   -0.886  8.951   1.00 55.01 ? 92  ALA A C   1 
ATOM   704  O  O   . ALA A 1 92  ? 5.670   -1.668  8.731   1.00 55.75 ? 92  ALA A O   1 
ATOM   705  C  CB  . ALA A 1 92  ? 4.934   1.101   10.450  1.00 51.81 ? 92  ALA A CB  1 
ATOM   706  N  N   . GLN A 1 93  ? 3.493   -1.284  9.154   1.00 57.39 ? 93  GLN A N   1 
ATOM   707  C  CA  . GLN A 1 93  ? 3.122   -2.695  9.118   1.00 59.84 ? 93  GLN A CA  1 
ATOM   708  C  C   . GLN A 1 93  ? 3.417   -3.293  7.749   1.00 60.56 ? 93  GLN A C   1 
ATOM   709  O  O   . GLN A 1 93  ? 4.085   -4.321  7.637   1.00 60.73 ? 93  GLN A O   1 
ATOM   710  C  CB  . GLN A 1 93  ? 1.632   -2.860  9.429   1.00 60.69 ? 93  GLN A CB  1 
ATOM   711  C  CG  . GLN A 1 93  ? 1.261   -2.590  10.875  1.00 63.79 ? 93  GLN A CG  1 
ATOM   712  C  CD  . GLN A 1 93  ? 1.843   -3.620  11.822  1.00 66.20 ? 93  GLN A CD  1 
ATOM   713  O  OE1 . GLN A 1 93  ? 1.534   -4.809  11.731  1.00 68.06 ? 93  GLN A OE1 1 
ATOM   714  N  NE2 . GLN A 1 93  ? 2.692   -3.170  12.740  1.00 67.36 ? 93  GLN A NE2 1 
ATOM   715  N  N   . LEU A 1 94  ? 2.909   -2.634  6.715   1.00 61.68 ? 94  LEU A N   1 
ATOM   716  C  CA  . LEU A 1 94  ? 3.090   -3.069  5.336   1.00 63.60 ? 94  LEU A CA  1 
ATOM   717  C  C   . LEU A 1 94  ? 4.540   -3.447  5.036   1.00 64.57 ? 94  LEU A C   1 
ATOM   718  O  O   . LEU A 1 94  ? 4.841   -4.600  4.726   1.00 64.70 ? 94  LEU A O   1 
ATOM   719  C  CB  . LEU A 1 94  ? 2.645   -1.958  4.384   1.00 63.55 ? 94  LEU A CB  1 
ATOM   720  C  CG  . LEU A 1 94  ? 2.620   -2.276  2.887   1.00 65.15 ? 94  LEU A CG  1 
ATOM   721  C  CD1 . LEU A 1 94  ? 1.525   -3.294  2.592   1.00 64.56 ? 94  LEU A CD1 1 
ATOM   722  C  CD2 . LEU A 1 94  ? 2.375   -0.998  2.103   1.00 64.45 ? 94  LEU A CD2 1 
ATOM   723  N  N   . VAL A 1 95  ? 5.432   -2.469  5.132   1.00 66.11 ? 95  VAL A N   1 
ATOM   724  C  CA  . VAL A 1 95  ? 6.848   -2.687  4.859   1.00 67.81 ? 95  VAL A CA  1 
ATOM   725  C  C   . VAL A 1 95  ? 7.579   -3.327  6.038   1.00 68.44 ? 95  VAL A C   1 
ATOM   726  O  O   . VAL A 1 95  ? 8.721   -2.974  6.335   1.00 68.85 ? 95  VAL A O   1 
ATOM   727  C  CB  . VAL A 1 95  ? 7.551   -1.356  4.506   1.00 67.80 ? 95  VAL A CB  1 
ATOM   728  C  CG1 . VAL A 1 95  ? 6.931   -0.757  3.253   1.00 67.55 ? 95  VAL A CG1 1 
ATOM   729  C  CG2 . VAL A 1 95  ? 7.434   -0.379  5.669   1.00 68.40 ? 95  VAL A CG2 1 
ATOM   730  N  N   . ALA A 1 96  ? 6.923   -4.276  6.701   1.00 69.56 ? 96  ALA A N   1 
ATOM   731  C  CA  . ALA A 1 96  ? 7.519   -4.950  7.850   1.00 70.44 ? 96  ALA A CA  1 
ATOM   732  C  C   . ALA A 1 96  ? 7.755   -6.440  7.613   1.00 70.38 ? 96  ALA A C   1 
ATOM   733  O  O   . ALA A 1 96  ? 8.871   -6.930  7.785   1.00 71.17 ? 96  ALA A O   1 
ATOM   734  C  CB  . ALA A 1 96  ? 6.641   -4.753  9.082   1.00 70.50 ? 96  ALA A CB  1 
ATOM   735  N  N   . GLN A 1 97  ? 6.706   -7.158  7.226   1.00 70.06 ? 97  GLN A N   1 
ATOM   736  C  CA  . GLN A 1 97  ? 6.816   -8.593  6.979   1.00 70.46 ? 97  GLN A CA  1 
ATOM   737  C  C   . GLN A 1 97  ? 6.618   -8.952  5.510   1.00 69.50 ? 97  GLN A C   1 
ATOM   738  O  O   . GLN A 1 97  ? 5.540   -8.747  4.954   1.00 70.12 ? 97  GLN A O   1 
ATOM   739  C  CB  . GLN A 1 97  ? 5.794   -9.358  7.827   1.00 71.54 ? 97  GLN A CB  1 
ATOM   740  C  CG  . GLN A 1 97  ? 6.088   -9.360  9.320   1.00 73.72 ? 97  GLN A CG  1 
ATOM   741  C  CD  . GLN A 1 97  ? 7.396   -10.055 9.655   1.00 75.29 ? 97  GLN A CD  1 
ATOM   742  O  OE1 . GLN A 1 97  ? 7.610   -11.209 9.282   1.00 75.88 ? 97  GLN A OE1 1 
ATOM   743  N  NE2 . GLN A 1 97  ? 8.275   -9.356  10.366  1.00 75.55 ? 97  GLN A NE2 1 
ATOM   744  N  N   . VAL A 1 98  ? 7.659   -9.496  4.887   1.00 67.89 ? 98  VAL A N   1 
ATOM   745  C  CA  . VAL A 1 98  ? 7.588   -9.891  3.484   1.00 66.12 ? 98  VAL A CA  1 
ATOM   746  C  C   . VAL A 1 98  ? 6.572   -11.012 3.301   1.00 65.12 ? 98  VAL A C   1 
ATOM   747  O  O   . VAL A 1 98  ? 6.283   -11.426 2.180   1.00 64.95 ? 98  VAL A O   1 
ATOM   748  C  CB  . VAL A 1 98  ? 8.958   -10.378 2.961   1.00 65.94 ? 98  VAL A CB  1 
ATOM   749  C  CG1 . VAL A 1 98  ? 9.941   -9.222  2.921   1.00 64.64 ? 98  VAL A CG1 1 
ATOM   750  C  CG2 . VAL A 1 98  ? 9.487   -11.491 3.850   1.00 65.83 ? 98  VAL A CG2 1 
ATOM   751  N  N   . GLU A 1 99  ? 6.036   -11.500 4.414   1.00 64.04 ? 99  GLU A N   1 
ATOM   752  C  CA  . GLU A 1 99  ? 5.047   -12.570 4.386   1.00 62.88 ? 99  GLU A CA  1 
ATOM   753  C  C   . GLU A 1 99  ? 3.851   -12.217 3.507   1.00 60.03 ? 99  GLU A C   1 
ATOM   754  O  O   . GLU A 1 99  ? 3.055   -11.346 3.848   1.00 61.10 ? 99  GLU A O   1 
ATOM   755  C  CB  . GLU A 1 99  ? 4.570   -12.881 5.810   1.00 65.11 ? 99  GLU A CB  1 
ATOM   756  C  CG  . GLU A 1 99  ? 3.237   -13.617 5.885   1.00 68.28 ? 99  GLU A CG  1 
ATOM   757  C  CD  . GLU A 1 99  ? 3.256   -14.966 5.192   1.00 69.91 ? 99  GLU A CD  1 
ATOM   758  O  OE1 . GLU A 1 99  ? 3.576   -15.019 3.986   1.00 71.17 ? 99  GLU A OE1 1 
ATOM   759  O  OE2 . GLU A 1 99  ? 2.944   -15.977 5.857   1.00 70.58 ? 99  GLU A OE2 1 
ATOM   760  N  N   . GLY A 1 100 ? 3.739   -12.897 2.371   1.00 56.02 ? 100 GLY A N   1 
ATOM   761  C  CA  . GLY A 1 100 ? 2.625   -12.657 1.469   1.00 51.47 ? 100 GLY A CA  1 
ATOM   762  C  C   . GLY A 1 100 ? 2.757   -11.458 0.551   1.00 48.00 ? 100 GLY A C   1 
ATOM   763  O  O   . GLY A 1 100 ? 1.945   -11.283 -0.355  1.00 47.16 ? 100 GLY A O   1 
ATOM   764  N  N   . ALA A 1 101 ? 3.770   -10.627 0.779   1.00 44.36 ? 101 ALA A N   1 
ATOM   765  C  CA  . ALA A 1 101 ? 3.975   -9.445  -0.052  1.00 41.05 ? 101 ALA A CA  1 
ATOM   766  C  C   . ALA A 1 101 ? 4.136   -9.830  -1.520  1.00 37.03 ? 101 ALA A C   1 
ATOM   767  O  O   . ALA A 1 101 ? 3.483   -9.260  -2.395  1.00 36.46 ? 101 ALA A O   1 
ATOM   768  C  CB  . ALA A 1 101 ? 5.202   -8.676  0.424   1.00 42.52 ? 101 ALA A CB  1 
ATOM   769  N  N   . ALA A 1 102 ? 5.001   -10.808 -1.778  1.00 34.05 ? 102 ALA A N   1 
ATOM   770  C  CA  . ALA A 1 102 ? 5.261   -11.279 -3.132  1.00 34.69 ? 102 ALA A CA  1 
ATOM   771  C  C   . ALA A 1 102 ? 4.021   -11.897 -3.773  1.00 35.80 ? 102 ALA A C   1 
ATOM   772  O  O   . ALA A 1 102 ? 3.755   -11.684 -4.955  1.00 36.10 ? 102 ALA A O   1 
ATOM   773  C  CB  . ALA A 1 102 ? 6.402   -12.290 -3.117  1.00 34.02 ? 102 ALA A CB  1 
ATOM   774  N  N   . GLN A 1 103 ? 3.265   -12.665 -2.993  1.00 36.21 ? 103 GLN A N   1 
ATOM   775  C  CA  . GLN A 1 103 ? 2.054   -13.304 -3.497  1.00 38.81 ? 103 GLN A CA  1 
ATOM   776  C  C   . GLN A 1 103 ? 1.070   -12.256 -4.000  1.00 38.03 ? 103 GLN A C   1 
ATOM   777  O  O   . GLN A 1 103 ? 0.576   -12.338 -5.125  1.00 38.17 ? 103 GLN A O   1 
ATOM   778  C  CB  . GLN A 1 103 ? 1.395   -14.139 -2.395  1.00 40.56 ? 103 GLN A CB  1 
ATOM   779  C  CG  . GLN A 1 103 ? 2.133   -15.429 -2.065  1.00 46.60 ? 103 GLN A CG  1 
ATOM   780  C  CD  . GLN A 1 103 ? 1.494   -16.185 -0.914  1.00 49.39 ? 103 GLN A CD  1 
ATOM   781  O  OE1 . GLN A 1 103 ? 1.541   -15.743 0.234   1.00 53.23 ? 103 GLN A OE1 1 
ATOM   782  N  NE2 . GLN A 1 103 ? 0.886   -17.328 -1.217  1.00 49.09 ? 103 GLN A NE2 1 
ATOM   783  N  N   . ARG A 1 104 ? 0.792   -11.271 -3.154  1.00 37.99 ? 104 ARG A N   1 
ATOM   784  C  CA  . ARG A 1 104 ? -0.122  -10.185 -3.483  1.00 37.87 ? 104 ARG A CA  1 
ATOM   785  C  C   . ARG A 1 104 ? 0.311   -9.491  -4.772  1.00 36.90 ? 104 ARG A C   1 
ATOM   786  O  O   . ARG A 1 104 ? -0.504  -9.239  -5.658  1.00 35.46 ? 104 ARG A O   1 
ATOM   787  C  CB  . ARG A 1 104 ? -0.151  -9.185  -2.326  1.00 38.50 ? 104 ARG A CB  1 
ATOM   788  C  CG  . ARG A 1 104 ? -1.026  -7.961  -2.534  1.00 41.45 ? 104 ARG A CG  1 
ATOM   789  C  CD  . ARG A 1 104 ? -1.149  -7.189  -1.226  1.00 45.38 ? 104 ARG A CD  1 
ATOM   790  N  NE  . ARG A 1 104 ? -1.866  -5.925  -1.379  1.00 48.66 ? 104 ARG A NE  1 
ATOM   791  C  CZ  . ARG A 1 104 ? -1.356  -4.836  -1.946  1.00 49.91 ? 104 ARG A CZ  1 
ATOM   792  N  NH1 . ARG A 1 104 ? -0.118  -4.849  -2.420  1.00 51.32 ? 104 ARG A NH1 1 
ATOM   793  N  NH2 . ARG A 1 104 ? -2.081  -3.730  -2.036  1.00 51.39 ? 104 ARG A NH2 1 
ATOM   794  N  N   . ARG A 1 105 ? 1.604   -9.193  -4.865  1.00 37.58 ? 105 ARG A N   1 
ATOM   795  C  CA  . ARG A 1 105 ? 2.173   -8.526  -6.032  1.00 38.08 ? 105 ARG A CA  1 
ATOM   796  C  C   . ARG A 1 105 ? 1.927   -9.331  -7.305  1.00 38.03 ? 105 ARG A C   1 
ATOM   797  O  O   . ARG A 1 105 ? 1.547   -8.778  -8.336  1.00 37.10 ? 105 ARG A O   1 
ATOM   798  C  CB  . ARG A 1 105 ? 3.682   -8.332  -5.834  1.00 39.64 ? 105 ARG A CB  1 
ATOM   799  C  CG  . ARG A 1 105 ? 4.376   -7.517  -6.920  1.00 43.29 ? 105 ARG A CG  1 
ATOM   800  C  CD  . ARG A 1 105 ? 4.153   -6.025  -6.729  1.00 47.25 ? 105 ARG A CD  1 
ATOM   801  N  NE  . ARG A 1 105 ? 2.758   -5.636  -6.919  1.00 51.91 ? 105 ARG A NE  1 
ATOM   802  C  CZ  . ARG A 1 105 ? 2.289   -4.412  -6.702  1.00 53.27 ? 105 ARG A CZ  1 
ATOM   803  N  NH1 . ARG A 1 105 ? 3.103   -3.451  -6.284  1.00 54.48 ? 105 ARG A NH1 1 
ATOM   804  N  NH2 . ARG A 1 105 ? 1.006   -4.148  -6.903  1.00 52.70 ? 105 ARG A NH2 1 
ATOM   805  N  N   . ALA A 1 106 ? 2.147   -10.640 -7.224  1.00 35.37 ? 106 ALA A N   1 
ATOM   806  C  CA  . ALA A 1 106 ? 1.958   -11.522 -8.371  1.00 35.40 ? 106 ALA A CA  1 
ATOM   807  C  C   . ALA A 1 106 ? 0.512   -11.522 -8.852  1.00 34.30 ? 106 ALA A C   1 
ATOM   808  O  O   . ALA A 1 106 ? 0.246   -11.498 -10.055 1.00 36.09 ? 106 ALA A O   1 
ATOM   809  C  CB  . ALA A 1 106 ? 2.387   -12.940 -8.015  1.00 34.68 ? 106 ALA A CB  1 
ATOM   810  N  N   . VAL A 1 107 ? -0.424  -11.546 -7.911  1.00 32.75 ? 107 VAL A N   1 
ATOM   811  C  CA  . VAL A 1 107 ? -1.839  -11.551 -8.257  1.00 33.47 ? 107 VAL A CA  1 
ATOM   812  C  C   . VAL A 1 107 ? -2.264  -10.247 -8.925  1.00 34.17 ? 107 VAL A C   1 
ATOM   813  O  O   . VAL A 1 107 ? -3.006  -10.256 -9.907  1.00 31.21 ? 107 VAL A O   1 
ATOM   814  C  CB  . VAL A 1 107 ? -2.723  -11.784 -7.008  1.00 34.12 ? 107 VAL A CB  1 
ATOM   815  C  CG1 . VAL A 1 107 ? -4.200  -11.711 -7.389  1.00 32.45 ? 107 VAL A CG1 1 
ATOM   816  C  CG2 . VAL A 1 107 ? -2.410  -13.143 -6.398  1.00 31.58 ? 107 VAL A CG2 1 
ATOM   817  N  N   . ILE A 1 108 ? -1.794  -9.128  -8.387  1.00 35.10 ? 108 ILE A N   1 
ATOM   818  C  CA  . ILE A 1 108 ? -2.133  -7.824  -8.939  1.00 37.49 ? 108 ILE A CA  1 
ATOM   819  C  C   . ILE A 1 108 ? -1.523  -7.617  -10.323 1.00 38.26 ? 108 ILE A C   1 
ATOM   820  O  O   . ILE A 1 108 ? -2.201  -7.139  -11.230 1.00 38.61 ? 108 ILE A O   1 
ATOM   821  C  CB  . ILE A 1 108 ? -1.668  -6.691  -7.999  1.00 36.70 ? 108 ILE A CB  1 
ATOM   822  C  CG1 . ILE A 1 108 ? -2.390  -6.815  -6.656  1.00 36.11 ? 108 ILE A CG1 1 
ATOM   823  C  CG2 . ILE A 1 108 ? -1.961  -5.332  -8.624  1.00 35.04 ? 108 ILE A CG2 1 
ATOM   824  C  CD1 . ILE A 1 108 ? -1.849  -5.896  -5.578  1.00 34.90 ? 108 ILE A CD1 1 
ATOM   825  N  N   . ASP A 1 109 ? -0.252  -7.981  -10.486 1.00 40.77 ? 109 ASP A N   1 
ATOM   826  C  CA  . ASP A 1 109 ? 0.422   -7.825  -11.775 1.00 42.99 ? 109 ASP A CA  1 
ATOM   827  C  C   . ASP A 1 109 ? -0.219  -8.670  -12.872 1.00 43.75 ? 109 ASP A C   1 
ATOM   828  O  O   . ASP A 1 109 ? -0.104  -8.353  -14.054 1.00 43.36 ? 109 ASP A O   1 
ATOM   829  C  CB  . ASP A 1 109 ? 1.905   -8.204  -11.672 1.00 43.81 ? 109 ASP A CB  1 
ATOM   830  C  CG  . ASP A 1 109 ? 2.699   -7.245  -10.809 1.00 46.46 ? 109 ASP A CG  1 
ATOM   831  O  OD1 . ASP A 1 109 ? 2.331   -6.053  -10.747 1.00 46.66 ? 109 ASP A OD1 1 
ATOM   832  O  OD2 . ASP A 1 109 ? 3.705   -7.684  -10.210 1.00 48.61 ? 109 ASP A OD2 1 
ATOM   833  N  N   . ALA A 1 110 ? -0.891  -9.745  -12.476 1.00 43.45 ? 110 ALA A N   1 
ATOM   834  C  CA  . ALA A 1 110 ? -1.528  -10.642 -13.435 1.00 43.16 ? 110 ALA A CA  1 
ATOM   835  C  C   . ALA A 1 110 ? -2.947  -10.224 -13.808 1.00 44.26 ? 110 ALA A C   1 
ATOM   836  O  O   . ALA A 1 110 ? -3.550  -10.797 -14.716 1.00 44.22 ? 110 ALA A O   1 
ATOM   837  C  CB  . ALA A 1 110 ? -1.538  -12.063 -12.883 1.00 44.52 ? 110 ALA A CB  1 
ATOM   838  N  N   . SER A 1 111 ? -3.474  -9.221  -13.116 1.00 43.90 ? 111 SER A N   1 
ATOM   839  C  CA  . SER A 1 111 ? -4.833  -8.754  -13.373 1.00 44.66 ? 111 SER A CA  1 
ATOM   840  C  C   . SER A 1 111 ? -4.930  -7.266  -13.693 1.00 45.76 ? 111 SER A C   1 
ATOM   841  O  O   . SER A 1 111 ? -4.600  -6.419  -12.865 1.00 45.08 ? 111 SER A O   1 
ATOM   842  C  CB  . SER A 1 111 ? -5.724  -9.071  -12.172 1.00 44.15 ? 111 SER A CB  1 
ATOM   843  O  OG  . SER A 1 111 ? -7.000  -8.473  -12.314 1.00 44.18 ? 111 SER A OG  1 
ATOM   844  N  N   . PRO A 1 112 ? -5.406  -6.933  -14.904 1.00 46.46 ? 112 PRO A N   1 
ATOM   845  C  CA  . PRO A 1 112 ? -5.551  -5.538  -15.329 1.00 45.74 ? 112 PRO A CA  1 
ATOM   846  C  C   . PRO A 1 112 ? -6.490  -4.748  -14.422 1.00 44.53 ? 112 PRO A C   1 
ATOM   847  O  O   . PRO A 1 112 ? -6.271  -3.565  -14.173 1.00 44.65 ? 112 PRO A O   1 
ATOM   848  C  CB  . PRO A 1 112 ? -6.084  -5.665  -16.755 1.00 46.74 ? 112 PRO A CB  1 
ATOM   849  C  CG  . PRO A 1 112 ? -6.841  -6.963  -16.717 1.00 48.02 ? 112 PRO A CG  1 
ATOM   850  C  CD  . PRO A 1 112 ? -5.904  -7.850  -15.943 1.00 46.95 ? 112 PRO A CD  1 
ATOM   851  N  N   . GLU A 1 113 ? -7.528  -5.409  -13.920 1.00 42.39 ? 113 GLU A N   1 
ATOM   852  C  CA  . GLU A 1 113 ? -8.496  -4.757  -13.047 1.00 40.35 ? 113 GLU A CA  1 
ATOM   853  C  C   . GLU A 1 113 ? -7.891  -4.394  -11.694 1.00 38.35 ? 113 GLU A C   1 
ATOM   854  O  O   . GLU A 1 113 ? -8.199  -3.344  -11.131 1.00 36.91 ? 113 GLU A O   1 
ATOM   855  C  CB  . GLU A 1 113 ? -9.703  -5.664  -12.824 1.00 41.42 ? 113 GLU A CB  1 
ATOM   856  C  CG  . GLU A 1 113 ? -10.790 -5.029  -11.970 1.00 44.36 ? 113 GLU A CG  1 
ATOM   857  C  CD  . GLU A 1 113 ? -11.813 -6.031  -11.476 1.00 45.91 ? 113 GLU A CD  1 
ATOM   858  O  OE1 . GLU A 1 113 ? -12.736 -5.622  -10.739 1.00 46.45 ? 113 GLU A OE1 1 
ATOM   859  O  OE2 . GLU A 1 113 ? -11.691 -7.225  -11.826 1.00 46.92 ? 113 GLU A OE2 1 
ATOM   860  N  N   . LEU A 1 114 ? -7.044  -5.270  -11.167 1.00 36.35 ? 114 LEU A N   1 
ATOM   861  C  CA  . LEU A 1 114 ? -6.405  -5.011  -9.883  1.00 34.73 ? 114 LEU A CA  1 
ATOM   862  C  C   . LEU A 1 114 ? -5.351  -3.917  -10.045 1.00 34.67 ? 114 LEU A C   1 
ATOM   863  O  O   . LEU A 1 114 ? -5.157  -3.091  -9.154  1.00 32.07 ? 114 LEU A O   1 
ATOM   864  C  CB  . LEU A 1 114 ? -5.758  -6.289  -9.337  1.00 32.77 ? 114 LEU A CB  1 
ATOM   865  C  CG  . LEU A 1 114 ? -6.700  -7.463  -9.040  1.00 34.58 ? 114 LEU A CG  1 
ATOM   866  C  CD1 . LEU A 1 114 ? -5.887  -8.656  -8.576  1.00 30.69 ? 114 LEU A CD1 1 
ATOM   867  C  CD2 . LEU A 1 114 ? -7.717  -7.064  -7.982  1.00 32.81 ? 114 LEU A CD2 1 
ATOM   868  N  N   . GLN A 1 115 ? -4.674  -3.918  -11.190 1.00 35.53 ? 115 GLN A N   1 
ATOM   869  C  CA  . GLN A 1 115 ? -3.648  -2.919  -11.467 1.00 37.66 ? 115 GLN A CA  1 
ATOM   870  C  C   . GLN A 1 115 ? -4.279  -1.531  -11.473 1.00 37.66 ? 115 GLN A C   1 
ATOM   871  O  O   . GLN A 1 115 ? -3.774  -0.608  -10.834 1.00 35.11 ? 115 GLN A O   1 
ATOM   872  C  CB  . GLN A 1 115 ? -2.980  -3.196  -12.816 1.00 39.29 ? 115 GLN A CB  1 
ATOM   873  C  CG  . GLN A 1 115 ? -2.301  -4.557  -12.899 1.00 43.35 ? 115 GLN A CG  1 
ATOM   874  C  CD  . GLN A 1 115 ? -1.630  -4.805  -14.243 1.00 46.12 ? 115 GLN A CD  1 
ATOM   875  O  OE1 . GLN A 1 115 ? -1.222  -5.927  -14.546 1.00 48.68 ? 115 GLN A OE1 1 
ATOM   876  N  NE2 . GLN A 1 115 ? -1.510  -3.756  -15.051 1.00 44.29 ? 115 GLN A NE2 1 
ATOM   877  N  N   . GLU A 1 116 ? -5.386  -1.387  -12.197 1.00 39.12 ? 116 GLU A N   1 
ATOM   878  C  CA  . GLU A 1 116 ? -6.089  -0.112  -12.271 1.00 40.80 ? 116 GLU A CA  1 
ATOM   879  C  C   . GLU A 1 116 ? -6.537  0.233   -10.857 1.00 40.52 ? 116 GLU A C   1 
ATOM   880  O  O   . GLU A 1 116 ? -6.515  1.390   -10.434 1.00 38.50 ? 116 GLU A O   1 
ATOM   881  C  CB  . GLU A 1 116 ? -7.317  -0.233  -13.174 1.00 44.52 ? 116 GLU A CB  1 
ATOM   882  C  CG  . GLU A 1 116 ? -7.030  -0.812  -14.549 1.00 48.25 ? 116 GLU A CG  1 
ATOM   883  C  CD  . GLU A 1 116 ? -8.279  -0.950  -15.402 1.00 51.34 ? 116 GLU A CD  1 
ATOM   884  O  OE1 . GLU A 1 116 ? -9.266  -1.546  -14.922 1.00 52.50 ? 116 GLU A OE1 1 
ATOM   885  O  OE2 . GLU A 1 116 ? -8.269  -0.469  -16.557 1.00 53.64 ? 116 GLU A OE2 1 
ATOM   886  N  N   . ARG A 1 117 ? -6.943  -0.804  -10.135 1.00 39.67 ? 117 ARG A N   1 
ATOM   887  C  CA  . ARG A 1 117 ? -7.404  -0.680  -8.763  1.00 39.47 ? 117 ARG A CA  1 
ATOM   888  C  C   . ARG A 1 117 ? -6.330  -0.038  -7.886  1.00 38.15 ? 117 ARG A C   1 
ATOM   889  O  O   . ARG A 1 117 ? -6.624  0.804   -7.035  1.00 34.94 ? 117 ARG A O   1 
ATOM   890  C  CB  . ARG A 1 117 ? -7.752  -2.067  -8.218  1.00 43.22 ? 117 ARG A CB  1 
ATOM   891  C  CG  . ARG A 1 117 ? -8.481  -2.047  -6.899  1.00 45.83 ? 117 ARG A CG  1 
ATOM   892  C  CD  . ARG A 1 117 ? -9.867  -1.451  -7.054  1.00 50.20 ? 117 ARG A CD  1 
ATOM   893  N  NE  . ARG A 1 117 ? -10.072 -0.317  -6.161  1.00 54.70 ? 117 ARG A NE  1 
ATOM   894  C  CZ  . ARG A 1 117 ? -9.805  -0.335  -4.860  1.00 57.78 ? 117 ARG A CZ  1 
ATOM   895  N  NH1 . ARG A 1 117 ? -9.315  -1.432  -4.297  1.00 59.06 ? 117 ARG A NH1 1 
ATOM   896  N  NH2 . ARG A 1 117 ? -10.036 0.740   -4.119  1.00 61.01 ? 117 ARG A NH2 1 
ATOM   897  N  N   . GLU A 1 118 ? -5.083  -0.440  -8.102  1.00 35.96 ? 118 GLU A N   1 
ATOM   898  C  CA  . GLU A 1 118 ? -3.973  0.091   -7.329  1.00 36.12 ? 118 GLU A CA  1 
ATOM   899  C  C   . GLU A 1 118 ? -3.657  1.535   -7.706  1.00 34.21 ? 118 GLU A C   1 
ATOM   900  O  O   . GLU A 1 118 ? -3.425  2.370   -6.832  1.00 33.54 ? 118 GLU A O   1 
ATOM   901  C  CB  . GLU A 1 118 ? -2.729  -0.780  -7.522  1.00 37.97 ? 118 GLU A CB  1 
ATOM   902  C  CG  . GLU A 1 118 ? -1.608  -0.456  -6.553  1.00 44.03 ? 118 GLU A CG  1 
ATOM   903  C  CD  . GLU A 1 118 ? -0.489  -1.473  -6.584  1.00 46.77 ? 118 GLU A CD  1 
ATOM   904  O  OE1 . GLU A 1 118 ? 0.035   -1.808  -5.498  1.00 51.46 ? 118 GLU A OE1 1 
ATOM   905  O  OE2 . GLU A 1 118 ? -0.128  -1.928  -7.690  1.00 46.87 ? 118 GLU A OE2 1 
ATOM   906  N  N   . ARG A 1 119 ? -3.650  1.826   -9.004  1.00 32.84 ? 119 ARG A N   1 
ATOM   907  C  CA  . ARG A 1 119 ? -3.367  3.178   -9.475  1.00 32.86 ? 119 ARG A CA  1 
ATOM   908  C  C   . ARG A 1 119 ? -4.357  4.171   -8.893  1.00 31.76 ? 119 ARG A C   1 
ATOM   909  O  O   . ARG A 1 119 ? -3.985  5.279   -8.517  1.00 30.71 ? 119 ARG A O   1 
ATOM   910  C  CB  . ARG A 1 119 ? -3.430  3.236   -11.000 1.00 33.52 ? 119 ARG A CB  1 
ATOM   911  C  CG  . ARG A 1 119 ? -2.316  2.481   -11.687 1.00 32.25 ? 119 ARG A CG  1 
ATOM   912  C  CD  . ARG A 1 119 ? -2.551  2.407   -13.181 1.00 34.66 ? 119 ARG A CD  1 
ATOM   913  N  NE  . ARG A 1 119 ? -1.814  1.300   -13.776 1.00 37.82 ? 119 ARG A NE  1 
ATOM   914  C  CZ  . ARG A 1 119 ? -2.338  0.459   -14.659 1.00 36.50 ? 119 ARG A CZ  1 
ATOM   915  N  NH1 . ARG A 1 119 ? -1.601  -0.527  -15.157 1.00 36.95 ? 119 ARG A NH1 1 
ATOM   916  N  NH2 . ARG A 1 119 ? -3.601  0.605   -15.041 1.00 34.86 ? 119 ARG A NH2 1 
ATOM   917  N  N   . THR A 1 120 ? -5.621  3.770   -8.823  1.00 30.15 ? 120 THR A N   1 
ATOM   918  C  CA  . THR A 1 120 ? -6.658  4.637   -8.283  1.00 30.75 ? 120 THR A CA  1 
ATOM   919  C  C   . THR A 1 120 ? -6.347  4.949   -6.825  1.00 31.81 ? 120 THR A C   1 
ATOM   920  O  O   . THR A 1 120 ? -6.579  6.060   -6.349  1.00 31.17 ? 120 THR A O   1 
ATOM   921  C  CB  . THR A 1 120 ? -8.047  3.968   -8.376  1.00 31.04 ? 120 THR A CB  1 
ATOM   922  O  OG1 . THR A 1 120 ? -8.412  3.815   -9.754  1.00 33.55 ? 120 THR A OG1 1 
ATOM   923  C  CG2 . THR A 1 120 ? -9.098  4.811   -7.668  1.00 27.68 ? 120 THR A CG2 1 
ATOM   924  N  N   . LYS A 1 121 ? -5.817  3.955   -6.122  1.00 31.48 ? 121 LYS A N   1 
ATOM   925  C  CA  . LYS A 1 121 ? -5.458  4.121   -4.723  1.00 33.22 ? 121 LYS A CA  1 
ATOM   926  C  C   . LYS A 1 121 ? -4.279  5.083   -4.596  1.00 32.04 ? 121 LYS A C   1 
ATOM   927  O  O   . LYS A 1 121 ? -4.293  5.991   -3.764  1.00 29.76 ? 121 LYS A O   1 
ATOM   928  C  CB  . LYS A 1 121 ? -5.090  2.768   -4.108  1.00 35.57 ? 121 LYS A CB  1 
ATOM   929  C  CG  . LYS A 1 121 ? -5.993  2.350   -2.961  1.00 41.89 ? 121 LYS A CG  1 
ATOM   930  C  CD  . LYS A 1 121 ? -6.940  1.218   -3.339  1.00 41.79 ? 121 LYS A CD  1 
ATOM   931  C  CE  . LYS A 1 121 ? -7.899  0.942   -2.189  1.00 46.58 ? 121 LYS A CE  1 
ATOM   932  N  NZ  . LYS A 1 121 ? -8.578  -0.377  -2.270  1.00 45.96 ? 121 LYS A NZ  1 
ATOM   933  N  N   . SER A 1 122 ? -3.262  4.879   -5.430  1.00 31.69 ? 122 SER A N   1 
ATOM   934  C  CA  . SER A 1 122 ? -2.073  5.727   -5.417  1.00 31.89 ? 122 SER A CA  1 
ATOM   935  C  C   . SER A 1 122 ? -2.427  7.178   -5.723  1.00 30.94 ? 122 SER A C   1 
ATOM   936  O  O   . SER A 1 122 ? -1.878  8.100   -5.119  1.00 30.82 ? 122 SER A O   1 
ATOM   937  C  CB  . SER A 1 122 ? -1.050  5.222   -6.440  1.00 31.64 ? 122 SER A CB  1 
ATOM   938  O  OG  . SER A 1 122 ? -0.583  3.930   -6.092  1.00 38.83 ? 122 SER A OG  1 
ATOM   939  N  N   . ALA A 1 123 ? -3.349  7.374   -6.659  1.00 29.27 ? 123 ALA A N   1 
ATOM   940  C  CA  . ALA A 1 123 ? -3.769  8.717   -7.040  1.00 30.33 ? 123 ALA A CA  1 
ATOM   941  C  C   . ALA A 1 123 ? -4.436  9.426   -5.866  1.00 29.18 ? 123 ALA A C   1 
ATOM   942  O  O   . ALA A 1 123 ? -4.202  10.612  -5.633  1.00 29.84 ? 123 ALA A O   1 
ATOM   943  C  CB  . ALA A 1 123 ? -4.730  8.650   -8.227  1.00 28.10 ? 123 ALA A CB  1 
ATOM   944  N  N   . ALA A 1 124 ? -5.269  8.694   -5.131  1.00 28.82 ? 124 ALA A N   1 
ATOM   945  C  CA  . ALA A 1 124 ? -5.976  9.251   -3.982  1.00 28.63 ? 124 ALA A CA  1 
ATOM   946  C  C   . ALA A 1 124 ? -5.014  9.627   -2.857  1.00 29.56 ? 124 ALA A C   1 
ATOM   947  O  O   . ALA A 1 124 ? -5.238  10.595  -2.131  1.00 29.23 ? 124 ALA A O   1 
ATOM   948  C  CB  . ALA A 1 124 ? -7.009  8.254   -3.477  1.00 28.61 ? 124 ALA A CB  1 
ATOM   949  N  N   . ILE A 1 125 ? -3.951  8.845   -2.705  1.00 30.15 ? 125 ILE A N   1 
ATOM   950  C  CA  . ILE A 1 125 ? -2.957  9.118   -1.675  1.00 29.40 ? 125 ILE A CA  1 
ATOM   951  C  C   . ILE A 1 125 ? -2.182  10.366  -2.079  1.00 28.59 ? 125 ILE A C   1 
ATOM   952  O  O   . ILE A 1 125 ? -1.957  11.266  -1.268  1.00 26.71 ? 125 ILE A O   1 
ATOM   953  C  CB  . ILE A 1 125 ? -1.970  7.947   -1.524  1.00 30.68 ? 125 ILE A CB  1 
ATOM   954  C  CG1 . ILE A 1 125 ? -2.727  6.693   -1.078  1.00 33.18 ? 125 ILE A CG1 1 
ATOM   955  C  CG2 . ILE A 1 125 ? -0.879  8.304   -0.519  1.00 31.72 ? 125 ILE A CG2 1 
ATOM   956  C  CD1 . ILE A 1 125 ? -1.880  5.439   -1.046  1.00 34.10 ? 125 ILE A CD1 1 
ATOM   957  N  N   . SER A 1 126 ? -1.785  10.411  -3.347  1.00 29.17 ? 126 SER A N   1 
ATOM   958  C  CA  . SER A 1 126 ? -1.047  11.538  -3.889  1.00 28.53 ? 126 SER A CA  1 
ATOM   959  C  C   . SER A 1 126 ? -1.857  12.819  -3.715  1.00 28.88 ? 126 SER A C   1 
ATOM   960  O  O   . SER A 1 126 ? -1.310  13.862  -3.354  1.00 30.08 ? 126 SER A O   1 
ATOM   961  C  CB  . SER A 1 126 ? -0.756  11.310  -5.374  1.00 29.31 ? 126 SER A CB  1 
ATOM   962  O  OG  . SER A 1 126 ? -0.043  12.400  -5.928  1.00 34.14 ? 126 SER A OG  1 
ATOM   963  N  N   . ARG A 1 127 ? -3.159  12.732  -3.961  1.00 28.49 ? 127 ARG A N   1 
ATOM   964  C  CA  . ARG A 1 127 ? -4.030  13.892  -3.841  1.00 31.13 ? 127 ARG A CA  1 
ATOM   965  C  C   . ARG A 1 127 ? -4.152  14.357  -2.396  1.00 30.34 ? 127 ARG A C   1 
ATOM   966  O  O   . ARG A 1 127 ? -4.190  15.557  -2.125  1.00 31.12 ? 127 ARG A O   1 
ATOM   967  C  CB  . ARG A 1 127 ? -5.421  13.580  -4.398  1.00 34.49 ? 127 ARG A CB  1 
ATOM   968  C  CG  . ARG A 1 127 ? -5.904  14.595  -5.424  1.00 41.58 ? 127 ARG A CG  1 
ATOM   969  C  CD  . ARG A 1 127 ? -5.791  16.020  -4.897  1.00 47.16 ? 127 ARG A CD  1 
ATOM   970  N  NE  . ARG A 1 127 ? -6.017  17.013  -5.944  1.00 52.86 ? 127 ARG A NE  1 
ATOM   971  C  CZ  . ARG A 1 127 ? -5.868  18.323  -5.780  1.00 57.40 ? 127 ARG A CZ  1 
ATOM   972  N  NH1 . ARG A 1 127 ? -5.493  18.807  -4.606  1.00 58.53 ? 127 ARG A NH1 1 
ATOM   973  N  NH2 . ARG A 1 127 ? -6.092  19.150  -6.794  1.00 58.67 ? 127 ARG A NH2 1 
ATOM   974  N  N   . ALA A 1 128 ? -4.213  13.407  -1.469  1.00 28.22 ? 128 ALA A N   1 
ATOM   975  C  CA  . ALA A 1 128 ? -4.325  13.744  -0.054  1.00 27.82 ? 128 ALA A CA  1 
ATOM   976  C  C   . ALA A 1 128 ? -3.043  14.424  0.404   1.00 28.19 ? 128 ALA A C   1 
ATOM   977  O  O   . ALA A 1 128 ? -3.069  15.342  1.223   1.00 27.89 ? 128 ALA A O   1 
ATOM   978  C  CB  . ALA A 1 128 ? -4.570  12.488  0.770   1.00 27.09 ? 128 ALA A CB  1 
ATOM   979  N  N   . VAL A 1 129 ? -1.919  13.963  -0.134  1.00 28.56 ? 129 VAL A N   1 
ATOM   980  C  CA  . VAL A 1 129 ? -0.622  14.529  0.218   1.00 27.62 ? 129 VAL A CA  1 
ATOM   981  C  C   . VAL A 1 129 ? -0.493  15.957  -0.311  1.00 26.75 ? 129 VAL A C   1 
ATOM   982  O  O   . VAL A 1 129 ? 0.067   16.822  0.362   1.00 24.64 ? 129 VAL A O   1 
ATOM   983  C  CB  . VAL A 1 129 ? 0.533   13.666  -0.344  1.00 25.56 ? 129 VAL A CB  1 
ATOM   984  C  CG1 . VAL A 1 129 ? 1.862   14.380  -0.163  1.00 25.73 ? 129 VAL A CG1 1 
ATOM   985  C  CG2 . VAL A 1 129 ? 0.562   12.324  0.365   1.00 26.11 ? 129 VAL A CG2 1 
ATOM   986  N  N   . GLN A 1 130 ? -1.007  16.197  -1.515  1.00 28.71 ? 130 GLN A N   1 
ATOM   987  C  CA  . GLN A 1 130 ? -0.953  17.529  -2.110  1.00 32.02 ? 130 GLN A CA  1 
ATOM   988  C  C   . GLN A 1 130 ? -1.701  18.527  -1.233  1.00 32.88 ? 130 GLN A C   1 
ATOM   989  O  O   . GLN A 1 130 ? -1.192  19.606  -0.936  1.00 32.95 ? 130 GLN A O   1 
ATOM   990  C  CB  . GLN A 1 130 ? -1.578  17.523  -3.504  1.00 33.09 ? 130 GLN A CB  1 
ATOM   991  C  CG  . GLN A 1 130 ? -0.725  16.870  -4.577  1.00 36.76 ? 130 GLN A CG  1 
ATOM   992  C  CD  . GLN A 1 130 ? -1.407  16.880  -5.935  1.00 34.94 ? 130 GLN A CD  1 
ATOM   993  O  OE1 . GLN A 1 130 ? -1.822  17.931  -6.424  1.00 33.37 ? 130 GLN A OE1 1 
ATOM   994  N  NE2 . GLN A 1 130 ? -1.524  15.705  -6.551  1.00 34.22 ? 130 GLN A NE2 1 
ATOM   995  N  N   . ASP A 1 131 ? -2.909  18.160  -0.819  1.00 32.93 ? 131 ASP A N   1 
ATOM   996  C  CA  . ASP A 1 131 ? -3.727  19.029  0.016   1.00 34.68 ? 131 ASP A CA  1 
ATOM   997  C  C   . ASP A 1 131 ? -3.065  19.347  1.349   1.00 34.62 ? 131 ASP A C   1 
ATOM   998  O  O   . ASP A 1 131 ? -3.154  20.473  1.835   1.00 35.02 ? 131 ASP A O   1 
ATOM   999  C  CB  . ASP A 1 131 ? -5.103  18.398  0.250   1.00 37.32 ? 131 ASP A CB  1 
ATOM   1000 C  CG  . ASP A 1 131 ? -5.857  18.161  -1.045  1.00 41.58 ? 131 ASP A CG  1 
ATOM   1001 O  OD1 . ASP A 1 131 ? -5.471  18.754  -2.074  1.00 41.50 ? 131 ASP A OD1 1 
ATOM   1002 O  OD2 . ASP A 1 131 ? -6.839  17.391  -1.035  1.00 45.14 ? 131 ASP A OD2 1 
ATOM   1003 N  N   . ALA A 1 132 ? -2.398  18.358  1.936   1.00 33.62 ? 132 ALA A N   1 
ATOM   1004 C  CA  . ALA A 1 132 ? -1.722  18.558  3.212   1.00 32.27 ? 132 ALA A CA  1 
ATOM   1005 C  C   . ALA A 1 132 ? -0.547  19.505  3.017   1.00 31.44 ? 132 ALA A C   1 
ATOM   1006 O  O   . ALA A 1 132 ? -0.318  20.407  3.821   1.00 31.95 ? 132 ALA A O   1 
ATOM   1007 C  CB  . ALA A 1 132 ? -1.234  17.227  3.763   1.00 31.51 ? 132 ALA A CB  1 
ATOM   1008 N  N   . LEU A 1 133 ? 0.197   19.287  1.938   1.00 29.77 ? 133 LEU A N   1 
ATOM   1009 C  CA  . LEU A 1 133 ? 1.348   20.119  1.610   1.00 28.70 ? 133 LEU A CA  1 
ATOM   1010 C  C   . LEU A 1 133 ? 0.926   21.580  1.447   1.00 30.73 ? 133 LEU A C   1 
ATOM   1011 O  O   . LEU A 1 133 ? 1.572   22.487  1.972   1.00 27.65 ? 133 LEU A O   1 
ATOM   1012 C  CB  . LEU A 1 133 ? 2.009   19.611  0.321   1.00 28.77 ? 133 LEU A CB  1 
ATOM   1013 C  CG  . LEU A 1 133 ? 3.362   18.879  0.411   1.00 30.09 ? 133 LEU A CG  1 
ATOM   1014 C  CD1 . LEU A 1 133 ? 3.580   18.289  1.797   1.00 26.71 ? 133 LEU A CD1 1 
ATOM   1015 C  CD2 . LEU A 1 133 ? 3.412   17.796  -0.656  1.00 21.77 ? 133 LEU A CD2 1 
ATOM   1016 N  N   . VAL A 1 134 ? -0.161  21.802  0.714   1.00 29.86 ? 134 VAL A N   1 
ATOM   1017 C  CA  . VAL A 1 134 ? -0.662  23.155  0.494   1.00 33.21 ? 134 VAL A CA  1 
ATOM   1018 C  C   . VAL A 1 134 ? -1.035  23.810  1.823   1.00 34.88 ? 134 VAL A C   1 
ATOM   1019 O  O   . VAL A 1 134 ? -0.785  24.999  2.034   1.00 35.02 ? 134 VAL A O   1 
ATOM   1020 C  CB  . VAL A 1 134 ? -1.901  23.160  -0.431  1.00 32.57 ? 134 VAL A CB  1 
ATOM   1021 C  CG1 . VAL A 1 134 ? -2.469  24.570  -0.531  1.00 32.12 ? 134 VAL A CG1 1 
ATOM   1022 C  CG2 . VAL A 1 134 ? -1.513  22.654  -1.810  1.00 30.83 ? 134 VAL A CG2 1 
ATOM   1023 N  N   . ARG A 1 135 ? -1.630  23.026  2.715   1.00 36.34 ? 135 ARG A N   1 
ATOM   1024 C  CA  . ARG A 1 135 ? -2.018  23.523  4.028   1.00 39.17 ? 135 ARG A CA  1 
ATOM   1025 C  C   . ARG A 1 135 ? -0.772  23.896  4.829   1.00 39.70 ? 135 ARG A C   1 
ATOM   1026 O  O   . ARG A 1 135 ? -0.863  24.573  5.853   1.00 41.09 ? 135 ARG A O   1 
ATOM   1027 C  CB  . ARG A 1 135 ? -2.835  22.462  4.777   1.00 40.92 ? 135 ARG A CB  1 
ATOM   1028 C  CG  . ARG A 1 135 ? -4.321  22.473  4.432   1.00 45.23 ? 135 ARG A CG  1 
ATOM   1029 C  CD  . ARG A 1 135 ? -5.053  21.256  4.986   1.00 48.55 ? 135 ARG A CD  1 
ATOM   1030 N  NE  . ARG A 1 135 ? -4.887  20.079  4.135   1.00 54.06 ? 135 ARG A NE  1 
ATOM   1031 C  CZ  . ARG A 1 135 ? -5.498  18.915  4.338   1.00 54.99 ? 135 ARG A CZ  1 
ATOM   1032 N  NH1 . ARG A 1 135 ? -6.317  18.765  5.370   1.00 55.42 ? 135 ARG A NH1 1 
ATOM   1033 N  NH2 . ARG A 1 135 ? -5.299  17.902  3.507   1.00 55.96 ? 135 ARG A NH2 1 
ATOM   1034 N  N   . ARG A 1 136 ? 0.391   23.464  4.346   1.00 40.37 ? 136 ARG A N   1 
ATOM   1035 C  CA  . ARG A 1 136 ? 1.660   23.748  5.007   1.00 40.35 ? 136 ARG A CA  1 
ATOM   1036 C  C   . ARG A 1 136 ? 2.481   24.798  4.265   1.00 41.14 ? 136 ARG A C   1 
ATOM   1037 O  O   . ARG A 1 136 ? 3.702   24.860  4.407   1.00 40.66 ? 136 ARG A O   1 
ATOM   1038 C  CB  . ARG A 1 136 ? 2.473   22.462  5.159   1.00 40.90 ? 136 ARG A CB  1 
ATOM   1039 C  CG  . ARG A 1 136 ? 2.002   21.584  6.303   1.00 39.98 ? 136 ARG A CG  1 
ATOM   1040 C  CD  . ARG A 1 136 ? 2.422   22.159  7.651   1.00 41.43 ? 136 ARG A CD  1 
ATOM   1041 N  NE  . ARG A 1 136 ? 1.773   21.466  8.758   1.00 41.43 ? 136 ARG A NE  1 
ATOM   1042 C  CZ  . ARG A 1 136 ? 0.529   21.700  9.159   1.00 44.01 ? 136 ARG A CZ  1 
ATOM   1043 N  NH1 . ARG A 1 136 ? -0.202  22.620  8.547   1.00 45.88 ? 136 ARG A NH1 1 
ATOM   1044 N  NH2 . ARG A 1 136 ? 0.009   21.004  10.160  1.00 43.50 ? 136 ARG A NH2 1 
ATOM   1045 N  N   . GLN A 1 137 ? 1.795   25.611  3.468   1.00 42.73 ? 137 GLN A N   1 
ATOM   1046 C  CA  . GLN A 1 137 ? 2.412   26.697  2.714   1.00 45.32 ? 137 GLN A CA  1 
ATOM   1047 C  C   . GLN A 1 137 ? 3.306   26.314  1.538   1.00 45.94 ? 137 GLN A C   1 
ATOM   1048 O  O   . GLN A 1 137 ? 4.164   27.096  1.131   1.00 47.61 ? 137 GLN A O   1 
ATOM   1049 C  CB  . GLN A 1 137 ? 3.183   27.615  3.666   1.00 46.65 ? 137 GLN A CB  1 
ATOM   1050 C  CG  . GLN A 1 137 ? 2.381   28.039  4.882   1.00 50.76 ? 137 GLN A CG  1 
ATOM   1051 C  CD  . GLN A 1 137 ? 0.928   28.327  4.548   1.00 51.97 ? 137 GLN A CD  1 
ATOM   1052 O  OE1 . GLN A 1 137 ? 0.626   29.147  3.678   1.00 54.68 ? 137 GLN A OE1 1 
ATOM   1053 N  NE2 . GLN A 1 137 ? 0.020   27.649  5.237   1.00 51.58 ? 137 GLN A NE2 1 
ATOM   1054 N  N   . VAL A 1 138 ? 3.119   25.116  1.001   1.00 45.18 ? 138 VAL A N   1 
ATOM   1055 C  CA  . VAL A 1 138 ? 3.891   24.684  -0.157  1.00 44.20 ? 138 VAL A CA  1 
ATOM   1056 C  C   . VAL A 1 138 ? 2.988   25.018  -1.340  1.00 43.41 ? 138 VAL A C   1 
ATOM   1057 O  O   . VAL A 1 138 ? 1.815   24.643  -1.339  1.00 44.26 ? 138 VAL A O   1 
ATOM   1058 C  CB  . VAL A 1 138 ? 4.161   23.161  -0.124  1.00 44.18 ? 138 VAL A CB  1 
ATOM   1059 C  CG1 . VAL A 1 138 ? 4.971   22.747  -1.344  1.00 42.66 ? 138 VAL A CG1 1 
ATOM   1060 C  CG2 . VAL A 1 138 ? 4.901   22.792  1.152   1.00 42.18 ? 138 VAL A CG2 1 
ATOM   1061 N  N   . ASP A 1 139 ? 3.507   25.724  -2.339  1.00 43.26 ? 139 ASP A N   1 
ATOM   1062 C  CA  . ASP A 1 139 ? 2.667   26.086  -3.475  1.00 42.89 ? 139 ASP A CA  1 
ATOM   1063 C  C   . ASP A 1 139 ? 2.122   24.852  -4.186  1.00 41.09 ? 139 ASP A C   1 
ATOM   1064 O  O   . ASP A 1 139 ? 2.788   23.819  -4.268  1.00 40.66 ? 139 ASP A O   1 
ATOM   1065 C  CB  . ASP A 1 139 ? 3.420   26.986  -4.466  1.00 45.84 ? 139 ASP A CB  1 
ATOM   1066 C  CG  . ASP A 1 139 ? 4.483   26.246  -5.245  1.00 49.12 ? 139 ASP A CG  1 
ATOM   1067 O  OD1 . ASP A 1 139 ? 5.568   25.992  -4.683  1.00 51.22 ? 139 ASP A OD1 1 
ATOM   1068 O  OD2 . ASP A 1 139 ? 4.228   25.918  -6.426  1.00 50.61 ? 139 ASP A OD2 1 
ATOM   1069 N  N   . ALA A 1 140 ? 0.898   24.977  -4.688  1.00 39.71 ? 140 ALA A N   1 
ATOM   1070 C  CA  . ALA A 1 140 ? 0.206   23.897  -5.381  1.00 39.52 ? 140 ALA A CA  1 
ATOM   1071 C  C   . ALA A 1 140 ? 1.043   23.150  -6.414  1.00 39.67 ? 140 ALA A C   1 
ATOM   1072 O  O   . ALA A 1 140 ? 1.121   21.922  -6.377  1.00 39.17 ? 140 ALA A O   1 
ATOM   1073 C  CB  . ALA A 1 140 ? -1.059  24.439  -6.035  1.00 39.17 ? 140 ALA A CB  1 
ATOM   1074 N  N   . ASP A 1 141 ? 1.667   23.880  -7.335  1.00 39.20 ? 141 ASP A N   1 
ATOM   1075 C  CA  . ASP A 1 141 ? 2.479   23.241  -8.366  1.00 40.01 ? 141 ASP A CA  1 
ATOM   1076 C  C   . ASP A 1 141 ? 3.616   22.401  -7.792  1.00 37.54 ? 141 ASP A C   1 
ATOM   1077 O  O   . ASP A 1 141 ? 3.907   21.320  -8.296  1.00 37.86 ? 141 ASP A O   1 
ATOM   1078 C  CB  . ASP A 1 141 ? 3.045   24.284  -9.340  1.00 42.18 ? 141 ASP A CB  1 
ATOM   1079 C  CG  . ASP A 1 141 ? 1.974   24.894  -10.229 1.00 46.50 ? 141 ASP A CG  1 
ATOM   1080 O  OD1 . ASP A 1 141 ? 0.968   24.203  -10.504 1.00 49.37 ? 141 ASP A OD1 1 
ATOM   1081 O  OD2 . ASP A 1 141 ? 2.147   26.054  -10.666 1.00 47.01 ? 141 ASP A OD2 1 
ATOM   1082 N  N   . THR A 1 142 ? 4.253   22.901  -6.739  1.00 34.73 ? 142 THR A N   1 
ATOM   1083 C  CA  . THR A 1 142 ? 5.343   22.173  -6.101  1.00 33.51 ? 142 THR A CA  1 
ATOM   1084 C  C   . THR A 1 142 ? 4.779   20.996  -5.314  1.00 31.99 ? 142 THR A C   1 
ATOM   1085 O  O   . THR A 1 142 ? 5.352   19.908  -5.314  1.00 33.08 ? 142 THR A O   1 
ATOM   1086 C  CB  . THR A 1 142 ? 6.138   23.078  -5.139  1.00 35.49 ? 142 THR A CB  1 
ATOM   1087 O  OG1 . THR A 1 142 ? 6.832   24.080  -5.890  1.00 36.90 ? 142 THR A OG1 1 
ATOM   1088 C  CG2 . THR A 1 142 ? 7.140   22.260  -4.341  1.00 37.30 ? 142 THR A CG2 1 
ATOM   1089 N  N   . ALA A 1 143 ? 3.653   21.224  -4.647  1.00 30.28 ? 143 ALA A N   1 
ATOM   1090 C  CA  . ALA A 1 143 ? 3.004   20.188  -3.862  1.00 28.90 ? 143 ALA A CA  1 
ATOM   1091 C  C   . ALA A 1 143 ? 2.672   18.989  -4.744  1.00 29.50 ? 143 ALA A C   1 
ATOM   1092 O  O   . ALA A 1 143 ? 2.792   17.844  -4.315  1.00 26.74 ? 143 ALA A O   1 
ATOM   1093 C  CB  . ALA A 1 143 ? 1.736   20.736  -3.229  1.00 26.83 ? 143 ALA A CB  1 
ATOM   1094 N  N   . GLU A 1 144 ? 2.267   19.262  -5.980  1.00 29.87 ? 144 GLU A N   1 
ATOM   1095 C  CA  . GLU A 1 144 ? 1.919   18.205  -6.924  1.00 31.05 ? 144 GLU A CA  1 
ATOM   1096 C  C   . GLU A 1 144 ? 3.126   17.348  -7.290  1.00 28.79 ? 144 GLU A C   1 
ATOM   1097 O  O   . GLU A 1 144 ? 3.036   16.120  -7.335  1.00 29.03 ? 144 GLU A O   1 
ATOM   1098 C  CB  . GLU A 1 144 ? 1.336   18.798  -8.208  1.00 33.64 ? 144 GLU A CB  1 
ATOM   1099 C  CG  . GLU A 1 144 ? 0.913   17.744  -9.224  1.00 40.09 ? 144 GLU A CG  1 
ATOM   1100 C  CD  . GLU A 1 144 ? 0.745   18.307  -10.623 1.00 44.75 ? 144 GLU A CD  1 
ATOM   1101 O  OE1 . GLU A 1 144 ? 1.759   18.732  -11.217 1.00 45.17 ? 144 GLU A OE1 1 
ATOM   1102 O  OE2 . GLU A 1 144 ? -0.398  18.328  -11.129 1.00 47.89 ? 144 GLU A OE2 1 
ATOM   1103 N  N   . LEU A 1 145 ? 4.251   17.998  -7.563  1.00 27.85 ? 145 LEU A N   1 
ATOM   1104 C  CA  . LEU A 1 145 ? 5.463   17.280  -7.929  1.00 28.50 ? 145 LEU A CA  1 
ATOM   1105 C  C   . LEU A 1 145 ? 6.007   16.447  -6.773  1.00 26.89 ? 145 LEU A C   1 
ATOM   1106 O  O   . LEU A 1 145 ? 6.465   15.324  -6.972  1.00 26.94 ? 145 LEU A O   1 
ATOM   1107 C  CB  . LEU A 1 145 ? 6.530   18.266  -8.416  1.00 26.96 ? 145 LEU A CB  1 
ATOM   1108 C  CG  . LEU A 1 145 ? 6.185   19.032  -9.700  1.00 29.30 ? 145 LEU A CG  1 
ATOM   1109 C  CD1 . LEU A 1 145 ? 7.277   20.044  -10.010 1.00 24.27 ? 145 LEU A CD1 1 
ATOM   1110 C  CD2 . LEU A 1 145 ? 6.023   18.053  -10.864 1.00 29.27 ? 145 LEU A CD2 1 
ATOM   1111 N  N   . VAL A 1 146 ? 5.957   16.998  -5.564  1.00 25.95 ? 146 VAL A N   1 
ATOM   1112 C  CA  . VAL A 1 146 ? 6.449   16.286  -4.389  1.00 24.97 ? 146 VAL A CA  1 
ATOM   1113 C  C   . VAL A 1 146 ? 5.623   15.035  -4.103  1.00 25.29 ? 146 VAL A C   1 
ATOM   1114 O  O   . VAL A 1 146 ? 6.172   13.982  -3.787  1.00 25.39 ? 146 VAL A O   1 
ATOM   1115 C  CB  . VAL A 1 146 ? 6.425   17.188  -3.135  1.00 24.57 ? 146 VAL A CB  1 
ATOM   1116 C  CG1 . VAL A 1 146 ? 6.849   16.391  -1.909  1.00 25.48 ? 146 VAL A CG1 1 
ATOM   1117 C  CG2 . VAL A 1 146 ? 7.351   18.377  -3.332  1.00 24.96 ? 146 VAL A CG2 1 
ATOM   1118 N  N   . ALA A 1 147 ? 4.305   15.157  -4.211  1.00 24.43 ? 147 ALA A N   1 
ATOM   1119 C  CA  . ALA A 1 147 ? 3.407   14.034  -3.961  1.00 24.79 ? 147 ALA A CA  1 
ATOM   1120 C  C   . ALA A 1 147 ? 3.597   12.936  -5.004  1.00 26.24 ? 147 ALA A C   1 
ATOM   1121 O  O   . ALA A 1 147 ? 3.676   11.755  -4.663  1.00 26.50 ? 147 ALA A O   1 
ATOM   1122 C  CB  . ALA A 1 147 ? 1.963   14.513  -3.964  1.00 21.66 ? 147 ALA A CB  1 
ATOM   1123 N  N   . GLN A 1 148 ? 3.662   13.330  -6.272  1.00 26.92 ? 148 GLN A N   1 
ATOM   1124 C  CA  . GLN A 1 148 ? 3.848   12.372  -7.359  1.00 28.31 ? 148 GLN A CA  1 
ATOM   1125 C  C   . GLN A 1 148 ? 5.208   11.695  -7.250  1.00 27.07 ? 148 GLN A C   1 
ATOM   1126 O  O   . GLN A 1 148 ? 5.334   10.489  -7.453  1.00 25.50 ? 148 GLN A O   1 
ATOM   1127 C  CB  . GLN A 1 148 ? 3.747   13.073  -8.719  1.00 29.86 ? 148 GLN A CB  1 
ATOM   1128 C  CG  . GLN A 1 148 ? 2.332   13.467  -9.127  1.00 33.58 ? 148 GLN A CG  1 
ATOM   1129 C  CD  . GLN A 1 148 ? 1.419   12.258  -9.281  1.00 40.69 ? 148 GLN A CD  1 
ATOM   1130 O  OE1 . GLN A 1 148 ? 1.011   11.638  -8.292  1.00 38.94 ? 148 GLN A OE1 1 
ATOM   1131 N  NE2 . GLN A 1 148 ? 1.106   11.905  -10.527 1.00 39.07 ? 148 GLN A NE2 1 
ATOM   1132 N  N   . LEU A 1 149 ? 6.226   12.486  -6.931  1.00 27.30 ? 149 LEU A N   1 
ATOM   1133 C  CA  . LEU A 1 149 ? 7.580   11.967  -6.802  1.00 27.78 ? 149 LEU A CA  1 
ATOM   1134 C  C   . LEU A 1 149 ? 7.641   10.960  -5.660  1.00 27.21 ? 149 LEU A C   1 
ATOM   1135 O  O   . LEU A 1 149 ? 8.240   9.890   -5.790  1.00 26.89 ? 149 LEU A O   1 
ATOM   1136 C  CB  . LEU A 1 149 ? 8.554   13.117  -6.544  1.00 27.71 ? 149 LEU A CB  1 
ATOM   1137 C  CG  . LEU A 1 149 ? 10.042  12.833  -6.731  1.00 28.64 ? 149 LEU A CG  1 
ATOM   1138 C  CD1 . LEU A 1 149 ? 10.299  12.287  -8.128  1.00 29.00 ? 149 LEU A CD1 1 
ATOM   1139 C  CD2 . LEU A 1 149 ? 10.814  14.116  -6.506  1.00 29.65 ? 149 LEU A CD2 1 
ATOM   1140 N  N   . ALA A 1 150 ? 7.011   11.307  -4.543  1.00 26.08 ? 150 ALA A N   1 
ATOM   1141 C  CA  . ALA A 1 150 ? 6.987   10.433  -3.377  1.00 28.01 ? 150 ALA A CA  1 
ATOM   1142 C  C   . ALA A 1 150 ? 6.279   9.126   -3.716  1.00 27.29 ? 150 ALA A C   1 
ATOM   1143 O  O   . ALA A 1 150 ? 6.704   8.050   -3.293  1.00 25.72 ? 150 ALA A O   1 
ATOM   1144 C  CB  . ALA A 1 150 ? 6.287   11.125  -2.216  1.00 26.44 ? 150 ALA A CB  1 
ATOM   1145 N  N   . THR A 1 151 ? 5.193   9.231   -4.479  1.00 26.36 ? 151 THR A N   1 
ATOM   1146 C  CA  . THR A 1 151 ? 4.422   8.063   -4.895  1.00 27.61 ? 151 THR A CA  1 
ATOM   1147 C  C   . THR A 1 151 ? 5.306   7.124   -5.709  1.00 25.04 ? 151 THR A C   1 
ATOM   1148 O  O   . THR A 1 151 ? 5.293   5.910   -5.507  1.00 23.14 ? 151 THR A O   1 
ATOM   1149 C  CB  . THR A 1 151 ? 3.198   8.479   -5.749  1.00 28.75 ? 151 THR A CB  1 
ATOM   1150 O  OG1 . THR A 1 151 ? 2.220   9.103   -4.905  1.00 32.42 ? 151 THR A OG1 1 
ATOM   1151 C  CG2 . THR A 1 151 ? 2.577   7.264   -6.429  1.00 30.59 ? 151 THR A CG2 1 
ATOM   1152 N  N   . VAL A 1 152 ? 6.073   7.702   -6.626  1.00 23.41 ? 152 VAL A N   1 
ATOM   1153 C  CA  . VAL A 1 152 ? 6.974   6.935   -7.479  1.00 22.45 ? 152 VAL A CA  1 
ATOM   1154 C  C   . VAL A 1 152 ? 8.093   6.284   -6.673  1.00 22.96 ? 152 VAL A C   1 
ATOM   1155 O  O   . VAL A 1 152 ? 8.400   5.106   -6.855  1.00 24.33 ? 152 VAL A O   1 
ATOM   1156 C  CB  . VAL A 1 152 ? 7.596   7.843   -8.574  1.00 22.62 ? 152 VAL A CB  1 
ATOM   1157 C  CG1 . VAL A 1 152 ? 8.864   7.208   -9.141  1.00 24.25 ? 152 VAL A CG1 1 
ATOM   1158 C  CG2 . VAL A 1 152 ? 6.584   8.065   -9.693  1.00 24.24 ? 152 VAL A CG2 1 
ATOM   1159 N  N   . ALA A 1 153 ? 8.696   7.064   -5.783  1.00 22.68 ? 153 ALA A N   1 
ATOM   1160 C  CA  . ALA A 1 153 ? 9.789   6.586   -4.950  1.00 23.50 ? 153 ALA A CA  1 
ATOM   1161 C  C   . ALA A 1 153 ? 9.371   5.474   -3.993  1.00 23.51 ? 153 ALA A C   1 
ATOM   1162 O  O   . ALA A 1 153 ? 10.061  4.466   -3.862  1.00 23.69 ? 153 ALA A O   1 
ATOM   1163 C  CB  . ALA A 1 153 ? 10.382  7.752   -4.162  1.00 19.85 ? 153 ALA A CB  1 
ATOM   1164 N  N   . PHE A 1 154 ? 8.243   5.667   -3.321  1.00 24.02 ? 154 PHE A N   1 
ATOM   1165 C  CA  . PHE A 1 154 ? 7.751   4.691   -2.361  1.00 25.09 ? 154 PHE A CA  1 
ATOM   1166 C  C   . PHE A 1 154 ? 7.327   3.399   -3.045  1.00 24.85 ? 154 PHE A C   1 
ATOM   1167 O  O   . PHE A 1 154 ? 7.622   2.306   -2.565  1.00 23.91 ? 154 PHE A O   1 
ATOM   1168 C  CB  . PHE A 1 154 ? 6.581   5.289   -1.579  1.00 28.61 ? 154 PHE A CB  1 
ATOM   1169 C  CG  . PHE A 1 154 ? 6.300   4.588   -0.285  1.00 29.79 ? 154 PHE A CG  1 
ATOM   1170 C  CD1 . PHE A 1 154 ? 5.482   3.461   -0.240  1.00 30.94 ? 154 PHE A CD1 1 
ATOM   1171 C  CD2 . PHE A 1 154 ? 6.865   5.054   0.891   1.00 27.72 ? 154 PHE A CD2 1 
ATOM   1172 C  CE1 . PHE A 1 154 ? 5.231   2.806   0.967   1.00 31.66 ? 154 PHE A CE1 1 
ATOM   1173 C  CE2 . PHE A 1 154 ? 6.623   4.408   2.101   1.00 30.64 ? 154 PHE A CE2 1 
ATOM   1174 C  CZ  . PHE A 1 154 ? 5.802   3.283   2.142   1.00 29.10 ? 154 PHE A CZ  1 
ATOM   1175 N  N   . GLY A 1 155 ? 6.639   3.530   -4.173  1.00 24.10 ? 155 GLY A N   1 
ATOM   1176 C  CA  . GLY A 1 155 ? 6.200   2.354   -4.901  1.00 23.49 ? 155 GLY A CA  1 
ATOM   1177 C  C   . GLY A 1 155 ? 7.358   1.512   -5.402  1.00 22.87 ? 155 GLY A C   1 
ATOM   1178 O  O   . GLY A 1 155 ? 7.348   0.283   -5.290  1.00 25.05 ? 155 GLY A O   1 
ATOM   1179 N  N   . SER A 1 156 ? 8.360   2.177   -5.963  1.00 22.16 ? 156 SER A N   1 
ATOM   1180 C  CA  . SER A 1 156 ? 9.542   1.500   -6.484  1.00 24.36 ? 156 SER A CA  1 
ATOM   1181 C  C   . SER A 1 156 ? 10.323  0.828   -5.361  1.00 23.99 ? 156 SER A C   1 
ATOM   1182 O  O   . SER A 1 156 ? 10.774  -0.307  -5.498  1.00 24.40 ? 156 SER A O   1 
ATOM   1183 C  CB  . SER A 1 156 ? 10.447  2.504   -7.204  1.00 26.42 ? 156 SER A CB  1 
ATOM   1184 O  OG  . SER A 1 156 ? 9.736   3.174   -8.230  1.00 33.31 ? 156 SER A OG  1 
ATOM   1185 N  N   . ALA A 1 157 ? 10.479  1.538   -4.248  1.00 23.37 ? 157 ALA A N   1 
ATOM   1186 C  CA  . ALA A 1 157 ? 11.200  1.010   -3.099  1.00 24.34 ? 157 ALA A CA  1 
ATOM   1187 C  C   . ALA A 1 157 ? 10.499  -0.230  -2.564  1.00 24.88 ? 157 ALA A C   1 
ATOM   1188 O  O   . ALA A 1 157 ? 11.145  -1.225  -2.236  1.00 26.07 ? 157 ALA A O   1 
ATOM   1189 C  CB  . ALA A 1 157 ? 11.288  2.066   -2.014  1.00 21.63 ? 157 ALA A CB  1 
ATOM   1190 N  N   . PHE A 1 158 ? 9.173   -0.168  -2.482  1.00 27.06 ? 158 PHE A N   1 
ATOM   1191 C  CA  . PHE A 1 158 ? 8.395   -1.294  -1.982  1.00 27.21 ? 158 PHE A CA  1 
ATOM   1192 C  C   . PHE A 1 158 ? 8.622   -2.513  -2.865  1.00 26.73 ? 158 PHE A C   1 
ATOM   1193 O  O   . PHE A 1 158 ? 8.838   -3.622  -2.367  1.00 25.22 ? 158 PHE A O   1 
ATOM   1194 C  CB  . PHE A 1 158 ? 6.905   -0.949  -1.948  1.00 27.20 ? 158 PHE A CB  1 
ATOM   1195 C  CG  . PHE A 1 158 ? 6.069   -1.971  -1.235  1.00 31.52 ? 158 PHE A CG  1 
ATOM   1196 C  CD1 . PHE A 1 158 ? 6.232   -2.186  0.128   1.00 30.55 ? 158 PHE A CD1 1 
ATOM   1197 C  CD2 . PHE A 1 158 ? 5.124   -2.725  -1.925  1.00 33.00 ? 158 PHE A CD2 1 
ATOM   1198 C  CE1 . PHE A 1 158 ? 5.463   -3.136  0.799   1.00 33.94 ? 158 PHE A CE1 1 
ATOM   1199 C  CE2 . PHE A 1 158 ? 4.349   -3.680  -1.260  1.00 35.22 ? 158 PHE A CE2 1 
ATOM   1200 C  CZ  . PHE A 1 158 ? 4.520   -3.885  0.102   1.00 33.54 ? 158 PHE A CZ  1 
ATOM   1201 N  N   . ARG A 1 159 ? 8.577   -2.306  -4.178  1.00 27.14 ? 159 ARG A N   1 
ATOM   1202 C  CA  . ARG A 1 159 ? 8.785   -3.394  -5.129  1.00 28.21 ? 159 ARG A CA  1 
ATOM   1203 C  C   . ARG A 1 159 ? 10.163  -4.014  -4.911  1.00 28.81 ? 159 ARG A C   1 
ATOM   1204 O  O   . ARG A 1 159 ? 10.307  -5.237  -4.872  1.00 28.38 ? 159 ARG A O   1 
ATOM   1205 C  CB  . ARG A 1 159 ? 8.660   -2.882  -6.570  1.00 29.89 ? 159 ARG A CB  1 
ATOM   1206 C  CG  . ARG A 1 159 ? 8.840   -3.959  -7.646  1.00 38.35 ? 159 ARG A CG  1 
ATOM   1207 C  CD  . ARG A 1 159 ? 8.489   -3.409  -9.027  1.00 41.45 ? 159 ARG A CD  1 
ATOM   1208 N  NE  . ARG A 1 159 ? 7.060   -3.122  -9.146  1.00 45.86 ? 159 ARG A NE  1 
ATOM   1209 C  CZ  . ARG A 1 159 ? 6.122   -4.045  -9.338  1.00 48.86 ? 159 ARG A CZ  1 
ATOM   1210 N  NH1 . ARG A 1 159 ? 6.457   -5.323  -9.440  1.00 48.59 ? 159 ARG A NH1 1 
ATOM   1211 N  NH2 . ARG A 1 159 ? 4.845   -3.688  -9.419  1.00 48.90 ? 159 ARG A NH2 1 
ATOM   1212 N  N   . ARG A 1 160 ? 11.176  -3.162  -4.777  1.00 27.46 ? 160 ARG A N   1 
ATOM   1213 C  CA  . ARG A 1 160 ? 12.537  -3.635  -4.544  1.00 29.30 ? 160 ARG A CA  1 
ATOM   1214 C  C   . ARG A 1 160 ? 12.592  -4.405  -3.232  1.00 27.81 ? 160 ARG A C   1 
ATOM   1215 O  O   . ARG A 1 160 ? 13.270  -5.429  -3.124  1.00 28.17 ? 160 ARG A O   1 
ATOM   1216 C  CB  . ARG A 1 160 ? 13.514  -2.462  -4.468  1.00 31.30 ? 160 ARG A CB  1 
ATOM   1217 C  CG  . ARG A 1 160 ? 14.043  -1.975  -5.802  1.00 38.15 ? 160 ARG A CG  1 
ATOM   1218 C  CD  . ARG A 1 160 ? 14.974  -0.792  -5.593  1.00 44.86 ? 160 ARG A CD  1 
ATOM   1219 N  NE  . ARG A 1 160 ? 16.066  -1.100  -4.668  1.00 48.43 ? 160 ARG A NE  1 
ATOM   1220 C  CZ  . ARG A 1 160 ? 17.187  -1.730  -5.005  1.00 51.17 ? 160 ARG A CZ  1 
ATOM   1221 N  NH1 . ARG A 1 160 ? 17.384  -2.123  -6.255  1.00 51.97 ? 160 ARG A NH1 1 
ATOM   1222 N  NH2 . ARG A 1 160 ? 18.108  -1.975  -4.083  1.00 54.45 ? 160 ARG A NH2 1 
ATOM   1223 N  N   . TRP A 1 161 ? 11.881  -3.892  -2.233  1.00 26.50 ? 161 TRP A N   1 
ATOM   1224 C  CA  . TRP A 1 161 ? 11.833  -4.526  -0.928  1.00 28.37 ? 161 TRP A CA  1 
ATOM   1225 C  C   . TRP A 1 161 ? 11.313  -5.957  -1.066  1.00 28.97 ? 161 TRP A C   1 
ATOM   1226 O  O   . TRP A 1 161 ? 11.847  -6.883  -0.452  1.00 26.48 ? 161 TRP A O   1 
ATOM   1227 C  CB  . TRP A 1 161 ? 10.923  -3.727  0.007   1.00 28.22 ? 161 TRP A CB  1 
ATOM   1228 C  CG  . TRP A 1 161 ? 10.778  -4.345  1.359   1.00 31.82 ? 161 TRP A CG  1 
ATOM   1229 C  CD1 . TRP A 1 161 ? 11.712  -4.377  2.357   1.00 31.94 ? 161 TRP A CD1 1 
ATOM   1230 C  CD2 . TRP A 1 161 ? 9.633   -5.045  1.858   1.00 31.14 ? 161 TRP A CD2 1 
ATOM   1231 N  NE1 . TRP A 1 161 ? 11.216  -5.053  3.449   1.00 32.87 ? 161 TRP A NE1 1 
ATOM   1232 C  CE2 . TRP A 1 161 ? 9.941   -5.472  3.169   1.00 33.34 ? 161 TRP A CE2 1 
ATOM   1233 C  CE3 . TRP A 1 161 ? 8.374   -5.352  1.323   1.00 33.80 ? 161 TRP A CE3 1 
ATOM   1234 C  CZ2 . TRP A 1 161 ? 9.030   -6.192  3.958   1.00 33.25 ? 161 TRP A CZ2 1 
ATOM   1235 C  CZ3 . TRP A 1 161 ? 7.469   -6.068  2.106   1.00 34.38 ? 161 TRP A CZ3 1 
ATOM   1236 C  CH2 . TRP A 1 161 ? 7.805   -6.477  3.410   1.00 34.76 ? 161 TRP A CH2 1 
ATOM   1237 N  N   . ILE A 1 162 ? 10.278  -6.130  -1.884  1.00 29.73 ? 162 ILE A N   1 
ATOM   1238 C  CA  . ILE A 1 162 ? 9.694   -7.448  -2.109  1.00 29.70 ? 162 ILE A CA  1 
ATOM   1239 C  C   . ILE A 1 162 ? 10.707  -8.378  -2.767  1.00 30.72 ? 162 ILE A C   1 
ATOM   1240 O  O   . ILE A 1 162 ? 10.881  -9.520  -2.344  1.00 29.31 ? 162 ILE A O   1 
ATOM   1241 C  CB  . ILE A 1 162 ? 8.446   -7.381  -3.024  1.00 29.74 ? 162 ILE A CB  1 
ATOM   1242 C  CG1 . ILE A 1 162 ? 7.353   -6.536  -2.366  1.00 31.58 ? 162 ILE A CG1 1 
ATOM   1243 C  CG2 . ILE A 1 162 ? 7.924   -8.787  -3.295  1.00 29.43 ? 162 ILE A CG2 1 
ATOM   1244 C  CD1 . ILE A 1 162 ? 6.102   -6.377  -3.218  1.00 32.78 ? 162 ILE A CD1 1 
ATOM   1245 N  N   . ASP A 1 163 ? 11.379  -7.880  -3.800  1.00 30.92 ? 163 ASP A N   1 
ATOM   1246 C  CA  . ASP A 1 163 ? 12.363  -8.677  -4.522  1.00 32.34 ? 163 ASP A CA  1 
ATOM   1247 C  C   . ASP A 1 163 ? 13.562  -9.103  -3.674  1.00 32.82 ? 163 ASP A C   1 
ATOM   1248 O  O   . ASP A 1 163 ? 14.210  -10.107 -3.966  1.00 33.21 ? 163 ASP A O   1 
ATOM   1249 C  CB  . ASP A 1 163 ? 12.856  -7.920  -5.758  1.00 33.65 ? 163 ASP A CB  1 
ATOM   1250 C  CG  . ASP A 1 163 ? 11.737  -7.606  -6.734  1.00 37.54 ? 163 ASP A CG  1 
ATOM   1251 O  OD1 . ASP A 1 163 ? 10.738  -8.352  -6.754  1.00 41.16 ? 163 ASP A OD1 1 
ATOM   1252 O  OD2 . ASP A 1 163 ? 11.856  -6.625  -7.491  1.00 39.36 ? 163 ASP A OD2 1 
ATOM   1253 N  N   . ALA A 1 164 ? 13.856  -8.341  -2.627  1.00 31.61 ? 164 ALA A N   1 
ATOM   1254 C  CA  . ALA A 1 164 ? 14.977  -8.664  -1.753  1.00 33.30 ? 164 ALA A CA  1 
ATOM   1255 C  C   . ALA A 1 164 ? 14.603  -9.755  -0.748  1.00 33.54 ? 164 ALA A C   1 
ATOM   1256 O  O   . ALA A 1 164 ? 15.423  -10.162 0.077   1.00 32.23 ? 164 ALA A O   1 
ATOM   1257 C  CB  . ALA A 1 164 ? 15.441  -7.411  -1.016  1.00 31.61 ? 164 ALA A CB  1 
ATOM   1258 N  N   . GLU A 1 165 ? 13.356  -10.211 -0.816  1.00 35.16 ? 165 GLU A N   1 
ATOM   1259 C  CA  . GLU A 1 165 ? 12.859  -11.259 0.067   1.00 35.75 ? 165 GLU A CA  1 
ATOM   1260 C  C   . GLU A 1 165 ? 13.177  -11.047 1.544   1.00 36.21 ? 165 GLU A C   1 
ATOM   1261 O  O   . GLU A 1 165 ? 13.372  -12.012 2.282   1.00 35.15 ? 165 GLU A O   1 
ATOM   1262 C  CB  . GLU A 1 165 ? 13.398  -12.615 -0.391  1.00 38.23 ? 165 GLU A CB  1 
ATOM   1263 C  CG  . GLU A 1 165 ? 12.657  -13.205 -1.582  1.00 42.80 ? 165 GLU A CG  1 
ATOM   1264 C  CD  . GLU A 1 165 ? 13.349  -14.430 -2.147  1.00 44.51 ? 165 GLU A CD  1 
ATOM   1265 O  OE1 . GLU A 1 165 ? 13.901  -15.218 -1.350  1.00 46.05 ? 165 GLU A OE1 1 
ATOM   1266 O  OE2 . GLU A 1 165 ? 13.333  -14.612 -3.384  1.00 44.05 ? 165 GLU A OE2 1 
ATOM   1267 N  N   . GLY A 1 166 ? 13.230  -9.788  1.968   1.00 34.91 ? 166 GLY A N   1 
ATOM   1268 C  CA  . GLY A 1 166 ? 13.498  -9.486  3.363   1.00 34.64 ? 166 GLY A CA  1 
ATOM   1269 C  C   . GLY A 1 166 ? 14.955  -9.293  3.740   1.00 35.11 ? 166 GLY A C   1 
ATOM   1270 O  O   . GLY A 1 166 ? 15.263  -8.983  4.890   1.00 35.67 ? 166 GLY A O   1 
ATOM   1271 N  N   . HIS A 1 167 ? 15.856  -9.470  2.782   1.00 34.12 ? 167 HIS A N   1 
ATOM   1272 C  CA  . HIS A 1 167 ? 17.282  -9.313  3.049   1.00 34.34 ? 167 HIS A CA  1 
ATOM   1273 C  C   . HIS A 1 167 ? 17.716  -7.850  3.040   1.00 35.13 ? 167 HIS A C   1 
ATOM   1274 O  O   . HIS A 1 167 ? 18.871  -7.526  3.322   1.00 35.84 ? 167 HIS A O   1 
ATOM   1275 C  CB  . HIS A 1 167 ? 18.085  -10.115 2.024   1.00 33.67 ? 167 HIS A CB  1 
ATOM   1276 C  CG  . HIS A 1 167 ? 17.962  -11.596 2.202   1.00 34.40 ? 167 HIS A CG  1 
ATOM   1277 N  ND1 . HIS A 1 167 ? 18.584  -12.272 3.230   1.00 32.69 ? 167 HIS A ND1 1 
ATOM   1278 C  CD2 . HIS A 1 167 ? 17.252  -12.521 1.516   1.00 33.41 ? 167 HIS A CD2 1 
ATOM   1279 C  CE1 . HIS A 1 167 ? 18.260  -13.551 3.170   1.00 34.92 ? 167 HIS A CE1 1 
ATOM   1280 N  NE2 . HIS A 1 167 ? 17.452  -13.730 2.140   1.00 35.07 ? 167 HIS A NE2 1 
ATOM   1281 N  N   . ALA A 1 168 ? 16.775  -6.972  2.714   1.00 34.06 ? 168 ALA A N   1 
ATOM   1282 C  CA  . ALA A 1 168 ? 17.036  -5.542  2.680   1.00 34.46 ? 168 ALA A CA  1 
ATOM   1283 C  C   . ALA A 1 168 ? 15.940  -4.842  3.475   1.00 33.66 ? 168 ALA A C   1 
ATOM   1284 O  O   . ALA A 1 168 ? 14.769  -5.210  3.383   1.00 33.30 ? 168 ALA A O   1 
ATOM   1285 C  CB  . ALA A 1 168 ? 17.035  -5.045  1.246   1.00 33.24 ? 168 ALA A CB  1 
ATOM   1286 N  N   . ASP A 1 169 ? 16.319  -3.851  4.273   1.00 31.83 ? 169 ASP A N   1 
ATOM   1287 C  CA  . ASP A 1 169 ? 15.334  -3.113  5.050   1.00 32.48 ? 169 ASP A CA  1 
ATOM   1288 C  C   . ASP A 1 169 ? 14.682  -2.121  4.091   1.00 31.37 ? 169 ASP A C   1 
ATOM   1289 O  O   . ASP A 1 169 ? 15.321  -1.653  3.147   1.00 30.71 ? 169 ASP A O   1 
ATOM   1290 C  CB  . ASP A 1 169 ? 16.005  -2.371  6.209   1.00 32.22 ? 169 ASP A CB  1 
ATOM   1291 C  CG  . ASP A 1 169 ? 16.980  -1.310  5.740   1.00 33.33 ? 169 ASP A CG  1 
ATOM   1292 O  OD1 . ASP A 1 169 ? 16.735  -0.117  6.013   1.00 31.56 ? 169 ASP A OD1 1 
ATOM   1293 O  OD2 . ASP A 1 169 ? 17.992  -1.668  5.104   1.00 36.90 ? 169 ASP A OD2 1 
ATOM   1294 N  N   . PHE A 1 170 ? 13.409  -1.809  4.319   1.00 31.37 ? 170 PHE A N   1 
ATOM   1295 C  CA  . PHE A 1 170 ? 12.706  -0.883  3.441   1.00 31.20 ? 170 PHE A CA  1 
ATOM   1296 C  C   . PHE A 1 170 ? 13.456  0.437   3.327   1.00 28.76 ? 170 PHE A C   1 
ATOM   1297 O  O   . PHE A 1 170 ? 13.462  1.064   2.268   1.00 27.49 ? 170 PHE A O   1 
ATOM   1298 C  CB  . PHE A 1 170 ? 11.292  -0.615  3.955   1.00 31.03 ? 170 PHE A CB  1 
ATOM   1299 C  CG  . PHE A 1 170 ? 10.487  0.271   3.054   1.00 30.31 ? 170 PHE A CG  1 
ATOM   1300 C  CD1 . PHE A 1 170 ? 10.112  -0.163  1.787   1.00 28.05 ? 170 PHE A CD1 1 
ATOM   1301 C  CD2 . PHE A 1 170 ? 10.134  1.555   3.457   1.00 28.17 ? 170 PHE A CD2 1 
ATOM   1302 C  CE1 . PHE A 1 170 ? 9.397   0.672   0.932   1.00 31.69 ? 170 PHE A CE1 1 
ATOM   1303 C  CE2 . PHE A 1 170 ? 9.419   2.398   2.610   1.00 30.91 ? 170 PHE A CE2 1 
ATOM   1304 C  CZ  . PHE A 1 170 ? 9.050   1.954   1.344   1.00 31.16 ? 170 PHE A CZ  1 
ATOM   1305 N  N   . GLY A 1 171 ? 14.092  0.847   4.421   1.00 30.43 ? 171 GLY A N   1 
ATOM   1306 C  CA  . GLY A 1 171 ? 14.835  2.095   4.429   1.00 30.14 ? 171 GLY A CA  1 
ATOM   1307 C  C   . GLY A 1 171 ? 15.919  2.157   3.372   1.00 31.23 ? 171 GLY A C   1 
ATOM   1308 O  O   . GLY A 1 171 ? 16.052  3.164   2.671   1.00 32.18 ? 171 GLY A O   1 
ATOM   1309 N  N   . SER A 1 172 ? 16.697  1.087   3.253   1.00 30.65 ? 172 SER A N   1 
ATOM   1310 C  CA  . SER A 1 172 ? 17.769  1.037   2.264   1.00 31.79 ? 172 SER A CA  1 
ATOM   1311 C  C   . SER A 1 172 ? 17.209  1.091   0.849   1.00 29.76 ? 172 SER A C   1 
ATOM   1312 O  O   . SER A 1 172 ? 17.753  1.776   -0.019  1.00 30.40 ? 172 SER A O   1 
ATOM   1313 C  CB  . SER A 1 172 ? 18.600  -0.235  2.440   1.00 32.28 ? 172 SER A CB  1 
ATOM   1314 O  OG  . SER A 1 172 ? 19.329  -0.202  3.654   1.00 37.00 ? 172 SER A OG  1 
ATOM   1315 N  N   . CYS A 1 173 ? 16.124  0.361   0.619   1.00 28.04 ? 173 CYS A N   1 
ATOM   1316 C  CA  . CYS A 1 173 ? 15.488  0.342   -0.691  1.00 27.80 ? 173 CYS A CA  1 
ATOM   1317 C  C   . CYS A 1 173 ? 15.049  1.752   -1.067  1.00 27.49 ? 173 CYS A C   1 
ATOM   1318 O  O   . CYS A 1 173 ? 15.199  2.170   -2.213  1.00 28.39 ? 173 CYS A O   1 
ATOM   1319 C  CB  . CYS A 1 173 ? 14.275  -0.594  -0.685  1.00 27.00 ? 173 CYS A CB  1 
ATOM   1320 S  SG  . CYS A 1 173 ? 14.685  -2.332  -0.400  1.00 28.76 ? 173 CYS A SG  1 
ATOM   1321 N  N   . LEU A 1 174 ? 14.516  2.479   -0.091  1.00 27.43 ? 174 LEU A N   1 
ATOM   1322 C  CA  . LEU A 1 174 ? 14.049  3.841   -0.313  1.00 28.77 ? 174 LEU A CA  1 
ATOM   1323 C  C   . LEU A 1 174 ? 15.227  4.770   -0.571  1.00 30.05 ? 174 LEU A C   1 
ATOM   1324 O  O   . LEU A 1 174 ? 15.154  5.656   -1.421  1.00 29.40 ? 174 LEU A O   1 
ATOM   1325 C  CB  . LEU A 1 174 ? 13.266  4.339   0.904   1.00 30.84 ? 174 LEU A CB  1 
ATOM   1326 C  CG  . LEU A 1 174 ? 11.990  5.145   0.649   1.00 33.44 ? 174 LEU A CG  1 
ATOM   1327 C  CD1 . LEU A 1 174 ? 11.612  5.871   1.928   1.00 33.94 ? 174 LEU A CD1 1 
ATOM   1328 C  CD2 . LEU A 1 174 ? 12.197  6.143   -0.478  1.00 35.43 ? 174 LEU A CD2 1 
ATOM   1329 N  N   . ASP A 1 175 ? 16.307  4.570   0.178   1.00 29.76 ? 175 ASP A N   1 
ATOM   1330 C  CA  . ASP A 1 175 ? 17.512  5.380   0.024   1.00 28.99 ? 175 ASP A CA  1 
ATOM   1331 C  C   . ASP A 1 175 ? 18.069  5.194   -1.378  1.00 27.45 ? 175 ASP A C   1 
ATOM   1332 O  O   . ASP A 1 175 ? 18.440  6.159   -2.053  1.00 28.14 ? 175 ASP A O   1 
ATOM   1333 C  CB  . ASP A 1 175 ? 18.580  4.955   1.041   1.00 30.03 ? 175 ASP A CB  1 
ATOM   1334 C  CG  . ASP A 1 175 ? 18.307  5.479   2.430   1.00 34.78 ? 175 ASP A CG  1 
ATOM   1335 O  OD1 . ASP A 1 175 ? 18.998  5.036   3.375   1.00 37.17 ? 175 ASP A OD1 1 
ATOM   1336 O  OD2 . ASP A 1 175 ? 17.412  6.339   2.575   1.00 34.85 ? 175 ASP A OD2 1 
ATOM   1337 N  N   . THR A 1 176 ? 18.116  3.935   -1.801  1.00 27.06 ? 176 THR A N   1 
ATOM   1338 C  CA  . THR A 1 176 ? 18.624  3.563   -3.111  1.00 28.91 ? 176 THR A CA  1 
ATOM   1339 C  C   . THR A 1 176 ? 17.792  4.155   -4.249  1.00 28.78 ? 176 THR A C   1 
ATOM   1340 O  O   . THR A 1 176 ? 18.343  4.651   -5.230  1.00 31.01 ? 176 THR A O   1 
ATOM   1341 C  CB  . THR A 1 176 ? 18.663  2.025   -3.250  1.00 32.24 ? 176 THR A CB  1 
ATOM   1342 O  OG1 . THR A 1 176 ? 19.564  1.482   -2.273  1.00 32.55 ? 176 THR A OG1 1 
ATOM   1343 C  CG2 . THR A 1 176 ? 19.117  1.620   -4.647  1.00 33.54 ? 176 THR A CG2 1 
ATOM   1344 N  N   . VAL A 1 177 ? 16.470  4.096   -4.120  1.00 27.18 ? 177 VAL A N   1 
ATOM   1345 C  CA  . VAL A 1 177 ? 15.583  4.635   -5.144  1.00 24.63 ? 177 VAL A CA  1 
ATOM   1346 C  C   . VAL A 1 177 ? 15.679  6.154   -5.247  1.00 24.99 ? 177 VAL A C   1 
ATOM   1347 O  O   . VAL A 1 177 ? 15.749  6.701   -6.349  1.00 26.29 ? 177 VAL A O   1 
ATOM   1348 C  CB  . VAL A 1 177 ? 14.109  4.242   -4.873  1.00 23.09 ? 177 VAL A CB  1 
ATOM   1349 C  CG1 . VAL A 1 177 ? 13.179  5.074   -5.749  1.00 23.77 ? 177 VAL A CG1 1 
ATOM   1350 C  CG2 . VAL A 1 177 ? 13.907  2.763   -5.162  1.00 18.39 ? 177 VAL A CG2 1 
ATOM   1351 N  N   . THR A 1 178 ? 15.692  6.831   -4.103  1.00 22.76 ? 178 THR A N   1 
ATOM   1352 C  CA  . THR A 1 178 ? 15.768  8.285   -4.087  1.00 25.64 ? 178 THR A CA  1 
ATOM   1353 C  C   . THR A 1 178 ? 17.124  8.783   -4.562  1.00 26.67 ? 178 THR A C   1 
ATOM   1354 O  O   . THR A 1 178 ? 17.206  9.824   -5.213  1.00 27.41 ? 178 THR A O   1 
ATOM   1355 C  CB  . THR A 1 178 ? 15.474  8.853   -2.684  1.00 26.45 ? 178 THR A CB  1 
ATOM   1356 O  OG1 . THR A 1 178 ? 16.377  8.280   -1.732  1.00 26.35 ? 178 THR A OG1 1 
ATOM   1357 C  CG2 . THR A 1 178 ? 14.044  8.536   -2.276  1.00 26.32 ? 178 THR A CG2 1 
ATOM   1358 N  N   . ASP A 1 179 ? 18.188  8.049   -4.243  1.00 28.32 ? 179 ASP A N   1 
ATOM   1359 C  CA  . ASP A 1 179 ? 19.515  8.446   -4.694  1.00 31.82 ? 179 ASP A CA  1 
ATOM   1360 C  C   . ASP A 1 179 ? 19.602  8.223   -6.199  1.00 31.11 ? 179 ASP A C   1 
ATOM   1361 O  O   . ASP A 1 179 ? 20.258  8.981   -6.912  1.00 31.21 ? 179 ASP A O   1 
ATOM   1362 C  CB  . ASP A 1 179 ? 20.611  7.636   -3.994  1.00 33.48 ? 179 ASP A CB  1 
ATOM   1363 C  CG  . ASP A 1 179 ? 20.843  8.078   -2.560  1.00 38.48 ? 179 ASP A CG  1 
ATOM   1364 O  OD1 . ASP A 1 179 ? 20.485  9.226   -2.225  1.00 40.84 ? 179 ASP A OD1 1 
ATOM   1365 O  OD2 . ASP A 1 179 ? 21.401  7.285   -1.769  1.00 39.96 ? 179 ASP A OD2 1 
ATOM   1366 N  N   . ARG A 1 180 ? 18.927  7.182   -6.676  1.00 31.70 ? 180 ARG A N   1 
ATOM   1367 C  CA  . ARG A 1 180 ? 18.930  6.871   -8.099  1.00 33.76 ? 180 ARG A CA  1 
ATOM   1368 C  C   . ARG A 1 180 ? 18.140  7.940   -8.843  1.00 32.76 ? 180 ARG A C   1 
ATOM   1369 O  O   . ARG A 1 180 ? 18.561  8.418   -9.896  1.00 32.74 ? 180 ARG A O   1 
ATOM   1370 C  CB  . ARG A 1 180 ? 18.307  5.495   -8.351  1.00 37.29 ? 180 ARG A CB  1 
ATOM   1371 C  CG  . ARG A 1 180 ? 18.689  4.884   -9.697  1.00 43.29 ? 180 ARG A CG  1 
ATOM   1372 C  CD  . ARG A 1 180 ? 20.205  4.729   -9.808  1.00 47.00 ? 180 ARG A CD  1 
ATOM   1373 N  NE  . ARG A 1 180 ? 20.620  4.021   -11.016 1.00 51.57 ? 180 ARG A NE  1 
ATOM   1374 C  CZ  . ARG A 1 180 ? 21.887  3.798   -11.352 1.00 55.13 ? 180 ARG A CZ  1 
ATOM   1375 N  NH1 . ARG A 1 180 ? 22.866  4.230   -10.570 1.00 56.52 ? 180 ARG A NH1 1 
ATOM   1376 N  NH2 . ARG A 1 180 ? 22.172  3.139   -12.468 1.00 56.03 ? 180 ARG A NH2 1 
ATOM   1377 N  N   . LEU A 1 181 ? 16.989  8.308   -8.290  1.00 32.69 ? 181 LEU A N   1 
ATOM   1378 C  CA  . LEU A 1 181 ? 16.158  9.336   -8.902  1.00 31.25 ? 181 LEU A CA  1 
ATOM   1379 C  C   . LEU A 1 181 ? 16.954  10.630  -8.991  1.00 31.15 ? 181 LEU A C   1 
ATOM   1380 O  O   . LEU A 1 181 ? 16.868  11.358  -9.981  1.00 29.18 ? 181 LEU A O   1 
ATOM   1381 C  CB  . LEU A 1 181 ? 14.895  9.562   -8.070  1.00 29.82 ? 181 LEU A CB  1 
ATOM   1382 C  CG  . LEU A 1 181 ? 13.798  8.501   -8.197  1.00 31.37 ? 181 LEU A CG  1 
ATOM   1383 C  CD1 . LEU A 1 181 ? 12.744  8.717   -7.125  1.00 30.87 ? 181 LEU A CD1 1 
ATOM   1384 C  CD2 . LEU A 1 181 ? 13.172  8.570   -9.588  1.00 28.78 ? 181 LEU A CD2 1 
ATOM   1385 N  N   . ARG A 1 182 ? 17.739  10.909  -7.956  1.00 32.06 ? 182 ARG A N   1 
ATOM   1386 C  CA  . ARG A 1 182 ? 18.547  12.121  -7.925  1.00 34.41 ? 182 ARG A CA  1 
ATOM   1387 C  C   . ARG A 1 182 ? 19.631  12.084  -9.001  1.00 34.29 ? 182 ARG A C   1 
ATOM   1388 O  O   . ARG A 1 182 ? 19.892  13.086  -9.666  1.00 32.66 ? 182 ARG A O   1 
ATOM   1389 C  CB  . ARG A 1 182 ? 19.198  12.301  -6.550  1.00 36.14 ? 182 ARG A CB  1 
ATOM   1390 C  CG  . ARG A 1 182 ? 19.818  13.680  -6.361  1.00 39.57 ? 182 ARG A CG  1 
ATOM   1391 C  CD  . ARG A 1 182 ? 20.527  13.840  -5.023  1.00 43.08 ? 182 ARG A CD  1 
ATOM   1392 N  NE  . ARG A 1 182 ? 19.652  13.585  -3.880  1.00 45.01 ? 182 ARG A NE  1 
ATOM   1393 C  CZ  . ARG A 1 182 ? 19.619  12.441  -3.206  1.00 43.86 ? 182 ARG A CZ  1 
ATOM   1394 N  NH1 . ARG A 1 182 ? 20.413  11.438  -3.557  1.00 43.16 ? 182 ARG A NH1 1 
ATOM   1395 N  NH2 . ARG A 1 182 ? 18.793  12.301  -2.176  1.00 45.05 ? 182 ARG A NH2 1 
ATOM   1396 N  N   . ALA A 1 183 ? 20.259  10.923  -9.168  1.00 33.46 ? 183 ALA A N   1 
ATOM   1397 C  CA  . ALA A 1 183 ? 21.313  10.762  -10.161 1.00 34.75 ? 183 ALA A CA  1 
ATOM   1398 C  C   . ALA A 1 183 ? 20.775  10.928  -11.580 1.00 35.61 ? 183 ALA A C   1 
ATOM   1399 O  O   . ALA A 1 183 ? 21.460  11.457  -12.450 1.00 34.77 ? 183 ALA A O   1 
ATOM   1400 C  CB  . ALA A 1 183 ? 21.973  9.394   -10.009 1.00 31.46 ? 183 ALA A CB  1 
ATOM   1401 N  N   . VAL A 1 184 ? 19.551  10.466  -11.812 1.00 36.46 ? 184 VAL A N   1 
ATOM   1402 C  CA  . VAL A 1 184 ? 18.931  10.570  -13.127 1.00 39.30 ? 184 VAL A CA  1 
ATOM   1403 C  C   . VAL A 1 184 ? 18.593  12.023  -13.446 1.00 40.40 ? 184 VAL A C   1 
ATOM   1404 O  O   . VAL A 1 184 ? 18.706  12.463  -14.592 1.00 40.58 ? 184 VAL A O   1 
ATOM   1405 C  CB  . VAL A 1 184 ? 17.638  9.723   -13.203 1.00 38.62 ? 184 VAL A CB  1 
ATOM   1406 C  CG1 . VAL A 1 184 ? 16.888  10.031  -14.486 1.00 40.04 ? 184 VAL A CG1 1 
ATOM   1407 C  CG2 . VAL A 1 184 ? 17.991  8.243   -13.141 1.00 38.57 ? 184 VAL A CG2 1 
ATOM   1408 N  N   . LEU A 1 185 ? 18.181  12.762  -12.424 1.00 41.86 ? 185 LEU A N   1 
ATOM   1409 C  CA  . LEU A 1 185 ? 17.822  14.165  -12.588 1.00 44.57 ? 185 LEU A CA  1 
ATOM   1410 C  C   . LEU A 1 185 ? 19.039  15.080  -12.728 1.00 47.08 ? 185 LEU A C   1 
ATOM   1411 O  O   . LEU A 1 185 ? 18.972  16.105  -13.399 1.00 46.95 ? 185 LEU A O   1 
ATOM   1412 C  CB  . LEU A 1 185 ? 16.958  14.615  -11.407 1.00 44.73 ? 185 LEU A CB  1 
ATOM   1413 C  CG  . LEU A 1 185 ? 15.488  14.965  -11.682 1.00 44.49 ? 185 LEU A CG  1 
ATOM   1414 C  CD1 . LEU A 1 185 ? 14.916  14.062  -12.756 1.00 45.81 ? 185 LEU A CD1 1 
ATOM   1415 C  CD2 . LEU A 1 185 ? 14.689  14.844  -10.393 1.00 42.62 ? 185 LEU A CD2 1 
ATOM   1416 N  N   . THR A 1 186 ? 20.156  14.702  -12.115 1.00 49.10 ? 186 THR A N   1 
ATOM   1417 C  CA  . THR A 1 186 ? 21.367  15.513  -12.171 1.00 52.93 ? 186 THR A CA  1 
ATOM   1418 C  C   . THR A 1 186 ? 22.412  14.931  -13.116 1.00 56.40 ? 186 THR A C   1 
ATOM   1419 O  O   . THR A 1 186 ? 23.108  15.670  -13.817 1.00 57.63 ? 186 THR A O   1 
ATOM   1420 C  CB  . THR A 1 186 ? 22.006  15.647  -10.778 1.00 52.45 ? 186 THR A CB  1 
ATOM   1421 O  OG1 . THR A 1 186 ? 22.448  14.359  -10.330 1.00 52.55 ? 186 THR A OG1 1 
ATOM   1422 C  CG2 . THR A 1 186 ? 20.990  16.197  -9.777  1.00 52.63 ? 186 THR A CG2 1 
ATOM   1423 N  N   . GLY A 1 187 ? 22.513  13.606  -13.136 1.00 59.69 ? 187 GLY A N   1 
ATOM   1424 C  CA  . GLY A 1 187 ? 23.481  12.946  -13.997 1.00 61.42 ? 187 GLY A CA  1 
ATOM   1425 C  C   . GLY A 1 187 ? 24.737  12.578  -13.232 1.00 62.87 ? 187 GLY A C   1 
ATOM   1426 O  O   . GLY A 1 187 ? 25.029  11.368  -13.109 1.00 63.69 ? 187 GLY A O   1 
HETATM 1427 O  O   . HOH B 2 .   ? -10.754 -9.591  12.195  1.00 28.99 ? 196 HOH A O   1 
HETATM 1428 O  O   . HOH B 2 .   ? 19.863  -10.493 5.149   1.00 41.99 ? 197 HOH A O   1 
HETATM 1429 O  O   . HOH B 2 .   ? 12.911  -6.057  6.063   1.00 42.80 ? 198 HOH A O   1 
HETATM 1430 O  O   . HOH B 2 .   ? 3.388   20.577  11.857  1.00 30.66 ? 199 HOH A O   1 
HETATM 1431 O  O   . HOH B 2 .   ? -7.399  -9.908  11.890  1.00 28.37 ? 200 HOH A O   1 
HETATM 1432 O  O   . HOH B 2 .   ? 4.468   12.631  11.159  1.00 45.24 ? 201 HOH A O   1 
HETATM 1433 O  O   . HOH B 2 .   ? 12.138  -2.811  6.525   1.00 41.89 ? 202 HOH A O   1 
HETATM 1434 O  O   . HOH B 2 .   ? 3.940   -0.540  -5.362  1.00 57.26 ? 203 HOH A O   1 
HETATM 1435 O  O   . HOH B 2 .   ? -17.679 -4.224  3.569   1.00 60.91 ? 204 HOH A O   1 
HETATM 1436 O  O   . HOH B 2 .   ? 15.691  7.926   1.146   1.00 44.24 ? 205 HOH A O   1 
HETATM 1437 O  O   . HOH B 2 .   ? -23.791 -17.162 4.482   1.00 42.13 ? 206 HOH A O   1 
HETATM 1438 O  O   . HOH B 2 .   ? -6.741  15.926  6.675   1.00 47.89 ? 207 HOH A O   1 
HETATM 1439 O  O   . HOH B 2 .   ? 14.181  22.889  4.968   1.00 70.80 ? 208 HOH A O   1 
HETATM 1440 O  O   . HOH B 2 .   ? -4.942  -10.331 0.850   1.00 32.62 ? 209 HOH A O   1 
HETATM 1441 O  O   . HOH B 2 .   ? 14.143  10.228  3.100   1.00 49.72 ? 210 HOH A O   1 
HETATM 1442 O  O   . HOH B 2 .   ? -6.966  -25.390 -3.083  1.00 59.78 ? 211 HOH A O   1 
HETATM 1443 O  O   . HOH B 2 .   ? -2.347  -8.678  1.111   1.00 48.95 ? 212 HOH A O   1 
HETATM 1444 O  O   . HOH B 2 .   ? 15.878  -5.337  -4.747  1.00 39.88 ? 213 HOH A O   1 
HETATM 1445 O  O   . HOH B 2 .   ? 2.006   -6.382  -2.516  1.00 40.25 ? 214 HOH A O   1 
HETATM 1446 O  O   . HOH B 2 .   ? 23.158  5.850   -7.559  1.00 63.92 ? 215 HOH A O   1 
HETATM 1447 O  O   . HOH B 2 .   ? -21.143 -19.783 3.213   1.00 49.28 ? 216 HOH A O   1 
HETATM 1448 O  O   . HOH B 2 .   ? -15.912 -16.355 -10.654 1.00 59.93 ? 217 HOH A O   1 
HETATM 1449 O  O   . HOH B 2 .   ? -18.620 -7.361  12.746  1.00 55.48 ? 218 HOH A O   1 
HETATM 1450 O  O   . HOH B 2 .   ? 13.822  -7.022  1.580   1.00 29.44 ? 219 HOH A O   1 
HETATM 1451 O  O   . HOH B 2 .   ? -18.970 -23.315 -3.513  1.00 54.31 ? 220 HOH A O   1 
HETATM 1452 O  O   . HOH B 2 .   ? 16.453  0.299   -7.766  1.00 67.79 ? 221 HOH A O   1 
HETATM 1453 O  O   . HOH B 2 .   ? 3.909   19.718  8.752   1.00 40.25 ? 222 HOH A O   1 
HETATM 1454 O  O   . HOH B 2 .   ? -17.019 -1.997  5.503   1.00 57.44 ? 223 HOH A O   1 
HETATM 1455 O  O   . HOH B 2 .   ? 21.775  4.486   -5.824  1.00 63.21 ? 224 HOH A O   1 
HETATM 1456 O  O   . HOH B 2 .   ? -4.592  -12.092 -10.878 1.00 46.05 ? 225 HOH A O   1 
HETATM 1457 O  O   . HOH B 2 .   ? -9.286  -2.765  -17.383 1.00 70.07 ? 226 HOH A O   1 
HETATM 1458 O  O   . HOH B 2 .   ? -29.673 -9.562  8.956   1.00 42.79 ? 227 HOH A O   1 
HETATM 1459 O  O   . HOH B 2 .   ? 6.510   13.180  12.432  1.00 48.21 ? 228 HOH A O   1 
HETATM 1460 O  O   . HOH B 2 .   ? 21.546  5.703   2.416   1.00 41.55 ? 229 HOH A O   1 
HETATM 1461 O  O   . HOH B 2 .   ? -18.872 -17.137 10.021  1.00 53.49 ? 230 HOH A O   1 
HETATM 1462 O  O   . HOH B 2 .   ? 6.964   -11.693 -0.184  1.00 49.09 ? 231 HOH A O   1 
HETATM 1463 O  O   . HOH B 2 .   ? 0.530   -14.945 3.030   1.00 49.14 ? 232 HOH A O   1 
HETATM 1464 O  O   . HOH B 2 .   ? -1.567  9.433   10.755  1.00 39.60 ? 233 HOH A O   1 
HETATM 1465 O  O   . HOH B 2 .   ? -0.935  -22.061 -1.406  1.00 49.56 ? 234 HOH A O   1 
HETATM 1466 O  O   . HOH B 2 .   ? -4.704  -26.510 -0.775  1.00 66.98 ? 235 HOH A O   1 
HETATM 1467 O  O   . HOH B 2 .   ? -7.845  16.036  0.842   1.00 44.80 ? 236 HOH A O   1 
HETATM 1468 O  O   . HOH B 2 .   ? 0.360   27.158  -0.316  1.00 59.01 ? 237 HOH A O   1 
HETATM 1469 O  O   . HOH B 2 .   ? -16.124 -14.624 -8.730  1.00 61.44 ? 238 HOH A O   1 
HETATM 1470 O  O   . HOH B 2 .   ? -7.573  11.572  -1.851  1.00 44.47 ? 239 HOH A O   1 
HETATM 1471 O  O   . HOH B 2 .   ? 3.383   21.342  -11.496 1.00 49.24 ? 240 HOH A O   1 
HETATM 1472 O  O   . HOH B 2 .   ? 2.676   -6.338  -14.425 1.00 64.10 ? 241 HOH A O   1 
HETATM 1473 O  O   . HOH B 2 .   ? -9.373  2.138   -17.917 1.00 50.74 ? 242 HOH A O   1 
HETATM 1474 O  O   . HOH B 2 .   ? 20.834  8.108   1.308   1.00 41.38 ? 243 HOH A O   1 
HETATM 1475 O  O   . HOH B 2 .   ? 5.764   -14.858 1.543   1.00 56.08 ? 244 HOH A O   1 
HETATM 1476 O  O   . HOH B 2 .   ? -11.559 -21.835 -15.352 1.00 44.25 ? 245 HOH A O   1 
HETATM 1477 O  O   . HOH B 2 .   ? -8.712  8.369   -7.308  1.00 48.93 ? 246 HOH A O   1 
HETATM 1478 O  O   . HOH B 2 .   ? 0.508   2.591   -8.578  1.00 54.18 ? 247 HOH A O   1 
HETATM 1479 O  O   . HOH B 2 .   ? 22.291  10.775  -6.256  1.00 66.37 ? 248 HOH A O   1 
HETATM 1480 O  O   . HOH B 2 .   ? 14.419  -12.614 -6.188  1.00 69.86 ? 249 HOH A O   1 
HETATM 1481 O  O   . HOH B 2 .   ? -19.296 -24.059 -0.572  1.00 69.02 ? 250 HOH A O   1 
# 
